data_2VOE
#
_entry.id   2VOE
#
_cell.length_a   173.891
_cell.length_b   127.078
_cell.length_c   135.954
_cell.angle_alpha   90.00
_cell.angle_beta   115.04
_cell.angle_gamma   90.00
#
_symmetry.space_group_name_H-M   'C 1 2 1'
#
loop_
_entity.id
_entity.type
_entity.pdbx_description
1 polymer 'ALANINE DEHYDROGENASE'
2 water water
#
_entity_poly.entity_id   1
_entity_poly.type   'polypeptide(L)'
_entity_poly.pdbx_seq_one_letter_code
;MRVGIPTETKNNEFRVAITPAGVAELTRRGHEVLIQAGAGEGSAITDADFKAAGAQLVGTADQVWADADLLLKVKEPIAA
EYGRLRHGQILFTFLHLAASRACTDALLDSGTTSIAYETVQTADGALPLLAPMSEVAGRLAAQVGAYHLMRTQGGRGVLM
GGVPGVEPADVVVIGAGTAGYNAARIANGMGATVTVLDINIDKLRQLDAEFCGRIHTRYSSAYELEGAVKRADLVIGAVL
VPGAKAPKLVSNSLVAHMKPGAVLVDIAIDQGGCFEGSRPTTYDHPTFAVHDTLFYCVANMPASVPKTSTYALTNATMPY
VLELADHGWRAACRSNPALAKGLSTHEGALLSERVATDLGVPFTEPASVLA
;
_entity_poly.pdbx_strand_id   A,B,C,D,E,F
#
# COMPACT_ATOMS: atom_id res chain seq x y z
N MET A 1 41.50 22.11 19.63
CA MET A 1 41.45 22.49 18.15
C MET A 1 40.24 23.35 17.72
N ARG A 2 40.48 24.27 16.78
CA ARG A 2 39.51 25.29 16.36
C ARG A 2 38.94 25.05 14.94
N VAL A 3 37.61 25.08 14.82
CA VAL A 3 36.91 24.69 13.55
C VAL A 3 36.22 25.86 12.93
N GLY A 4 36.43 26.07 11.65
CA GLY A 4 35.86 27.23 11.02
C GLY A 4 35.08 26.97 9.76
N ILE A 5 34.00 27.75 9.63
CA ILE A 5 33.09 27.64 8.51
C ILE A 5 32.85 29.02 7.95
N PRO A 6 33.33 29.26 6.73
CA PRO A 6 33.05 30.49 5.98
C PRO A 6 31.77 30.44 5.15
N THR A 7 31.18 31.58 4.83
CA THR A 7 30.08 31.63 3.89
C THR A 7 30.58 31.08 2.53
N GLU A 8 29.76 30.30 1.86
CA GLU A 8 30.04 29.94 0.48
C GLU A 8 29.98 31.17 -0.44
N THR A 9 31.03 31.34 -1.24
CA THR A 9 31.21 32.51 -2.12
C THR A 9 30.77 32.27 -3.55
N LYS A 10 30.83 31.03 -4.04
CA LYS A 10 30.33 30.72 -5.38
C LYS A 10 28.88 31.19 -5.56
N ASN A 11 28.60 31.68 -6.76
CA ASN A 11 27.30 32.18 -7.16
C ASN A 11 26.25 31.06 -7.08
N ASN A 12 25.08 31.34 -6.52
CA ASN A 12 24.06 30.30 -6.47
C ASN A 12 24.58 28.99 -5.79
N GLU A 13 25.42 29.12 -4.78
CA GLU A 13 25.65 28.04 -3.86
C GLU A 13 25.06 28.51 -2.53
N PHE A 14 24.01 27.87 -2.04
CA PHE A 14 23.35 28.33 -0.83
C PHE A 14 23.59 27.49 0.42
N ARG A 15 24.37 26.42 0.29
CA ARG A 15 24.60 25.51 1.41
C ARG A 15 25.64 26.08 2.37
N VAL A 16 25.74 25.48 3.54
CA VAL A 16 26.78 25.78 4.48
C VAL A 16 27.33 24.44 5.04
N ALA A 17 28.60 24.41 5.45
CA ALA A 17 29.22 23.15 5.80
C ALA A 17 28.99 22.64 7.21
N ILE A 18 28.03 23.23 7.92
CA ILE A 18 27.70 22.73 9.23
C ILE A 18 26.32 23.26 9.64
N THR A 19 25.65 22.54 10.54
CA THR A 19 24.38 22.97 11.11
C THR A 19 24.53 23.16 12.62
N PRO A 20 23.53 23.77 13.28
CA PRO A 20 23.58 23.87 14.75
C PRO A 20 23.82 22.53 15.42
N ALA A 21 23.20 21.48 14.95
CA ALA A 21 23.44 20.14 15.50
C ALA A 21 24.94 19.80 15.55
N GLY A 22 25.64 20.05 14.44
CA GLY A 22 27.09 19.80 14.35
C GLY A 22 27.90 20.73 15.24
N VAL A 23 27.44 21.98 15.34
CA VAL A 23 28.09 22.95 16.18
C VAL A 23 28.07 22.46 17.64
N ALA A 24 26.89 22.05 18.08
CA ALA A 24 26.65 21.52 19.42
C ALA A 24 27.56 20.34 19.78
N GLU A 25 27.68 19.39 18.86
CA GLU A 25 28.51 18.22 19.05
C GLU A 25 29.96 18.56 19.25
N LEU A 26 30.47 19.50 18.44
CA LEU A 26 31.87 19.91 18.51
C LEU A 26 32.17 20.68 19.80
N THR A 27 31.26 21.57 20.16
CA THR A 27 31.34 22.38 21.37
C THR A 27 31.39 21.51 22.63
N ARG A 28 30.45 20.58 22.72
CA ARG A 28 30.41 19.66 23.84
C ARG A 28 31.69 18.84 23.98
N ARG A 29 32.46 18.68 22.90
CA ARG A 29 33.76 18.00 22.97
C ARG A 29 34.89 19.01 23.15
N GLY A 30 34.50 20.25 23.44
CA GLY A 30 35.43 21.33 23.77
C GLY A 30 36.21 21.94 22.62
N HIS A 31 35.68 21.87 21.42
CA HIS A 31 36.35 22.51 20.31
C HIS A 31 35.71 23.86 20.13
N GLU A 32 36.39 24.81 19.51
CA GLU A 32 35.71 26.06 19.29
C GLU A 32 35.26 26.18 17.85
N VAL A 33 34.06 26.70 17.66
CA VAL A 33 33.51 26.79 16.32
C VAL A 33 33.39 28.25 15.91
N LEU A 34 34.08 28.59 14.84
CA LEU A 34 34.07 29.91 14.30
C LEU A 34 33.23 29.89 13.04
N ILE A 35 32.18 30.71 13.00
CA ILE A 35 31.31 30.78 11.83
C ILE A 35 31.23 32.21 11.35
N GLN A 36 31.39 32.41 10.04
CA GLN A 36 31.25 33.71 9.43
C GLN A 36 29.80 34.16 9.55
N ALA A 37 29.56 35.32 10.16
CA ALA A 37 28.22 35.91 10.20
C ALA A 37 27.53 35.81 8.84
N GLY A 38 26.29 35.35 8.86
CA GLY A 38 25.53 35.24 7.61
C GLY A 38 25.65 33.91 6.88
N ALA A 39 26.61 33.06 7.26
CA ALA A 39 26.91 31.84 6.51
C ALA A 39 25.73 30.85 6.32
N GLY A 40 24.77 30.82 7.24
CA GLY A 40 23.69 29.87 7.15
C GLY A 40 22.40 30.40 6.53
N GLU A 41 22.41 31.64 6.07
CA GLU A 41 21.21 32.30 5.63
C GLU A 41 20.58 31.69 4.41
N GLY A 42 21.39 31.29 3.45
CA GLY A 42 20.88 30.61 2.26
C GLY A 42 20.17 29.30 2.56
N SER A 43 20.49 28.69 3.70
CA SER A 43 19.89 27.45 4.16
C SER A 43 18.92 27.67 5.30
N ALA A 44 18.51 28.91 5.50
CA ALA A 44 17.52 29.25 6.53
C ALA A 44 18.01 28.98 7.95
N ILE A 45 19.32 29.00 8.15
CA ILE A 45 19.87 28.92 9.48
C ILE A 45 20.38 30.32 9.89
N THR A 46 19.79 30.93 10.92
CA THR A 46 20.19 32.28 11.32
C THR A 46 21.41 32.24 12.21
N ASP A 47 22.05 33.39 12.36
CA ASP A 47 23.20 33.53 13.25
C ASP A 47 22.82 33.19 14.70
N ALA A 48 21.61 33.58 15.09
CA ALA A 48 21.06 33.23 16.41
C ALA A 48 21.05 31.71 16.67
N ASP A 49 20.54 30.93 15.69
CA ASP A 49 20.56 29.48 15.75
C ASP A 49 21.95 28.95 15.99
N PHE A 50 22.92 29.46 15.23
CA PHE A 50 24.32 29.07 15.41
C PHE A 50 24.90 29.47 16.77
N LYS A 51 24.64 30.72 17.20
CA LYS A 51 25.05 31.19 18.55
C LYS A 51 24.49 30.31 19.67
N ALA A 52 23.18 30.08 19.62
CA ALA A 52 22.52 29.23 20.59
C ALA A 52 23.23 27.90 20.78
N ALA A 53 23.83 27.35 19.72
CA ALA A 53 24.42 26.02 19.83
C ALA A 53 25.90 26.07 20.23
N GLY A 54 26.42 27.26 20.43
CA GLY A 54 27.78 27.43 20.93
C GLY A 54 28.80 28.05 19.98
N ALA A 55 28.37 28.49 18.82
CA ALA A 55 29.32 29.02 17.86
C ALA A 55 29.74 30.45 18.16
N GLN A 56 30.97 30.80 17.79
CA GLN A 56 31.38 32.18 17.80
C GLN A 56 31.22 32.75 16.43
N LEU A 57 30.35 33.73 16.33
CA LEU A 57 30.19 34.43 15.09
C LEU A 57 31.31 35.44 14.85
N VAL A 58 31.70 35.59 13.60
CA VAL A 58 32.89 36.33 13.26
C VAL A 58 32.55 37.12 12.00
N GLY A 59 32.97 38.38 11.96
CA GLY A 59 32.51 39.33 10.96
C GLY A 59 32.99 39.11 9.53
N THR A 60 34.16 38.52 9.36
CA THR A 60 34.78 38.47 8.05
C THR A 60 35.28 37.09 7.70
N ALA A 61 35.39 36.82 6.39
CA ALA A 61 36.00 35.60 5.91
C ALA A 61 37.43 35.49 6.36
N ASP A 62 38.22 36.56 6.19
CA ASP A 62 39.65 36.55 6.51
C ASP A 62 39.90 35.97 7.86
N GLN A 63 39.05 36.36 8.80
CA GLN A 63 39.24 35.97 10.17
C GLN A 63 38.88 34.51 10.45
N VAL A 64 38.01 33.94 9.60
CA VAL A 64 37.69 32.53 9.71
C VAL A 64 38.88 31.68 9.20
N TRP A 65 39.38 32.05 8.04
CA TRP A 65 40.42 31.30 7.36
C TRP A 65 41.78 31.32 8.08
N ALA A 66 42.19 32.49 8.57
CA ALA A 66 43.27 32.59 9.56
C ALA A 66 42.56 32.30 10.86
N ASP A 67 43.13 31.52 11.77
CA ASP A 67 42.36 31.17 13.01
C ASP A 67 41.84 29.74 13.09
N ALA A 68 41.31 29.21 12.00
CA ALA A 68 40.79 27.84 12.03
C ALA A 68 41.87 26.83 11.70
N ASP A 69 41.92 25.75 12.48
CA ASP A 69 42.84 24.65 12.21
C ASP A 69 42.22 23.72 11.20
N LEU A 70 40.93 23.49 11.39
CA LEU A 70 40.12 22.75 10.46
C LEU A 70 39.12 23.68 9.78
N LEU A 71 39.19 23.77 8.47
CA LEU A 71 38.22 24.56 7.69
C LEU A 71 37.23 23.68 6.88
N LEU A 72 35.93 23.87 7.15
CA LEU A 72 34.89 23.12 6.50
C LEU A 72 34.18 23.92 5.44
N LYS A 73 34.16 23.39 4.23
CA LYS A 73 33.41 24.06 3.16
C LYS A 73 32.50 23.09 2.42
N VAL A 74 31.72 23.64 1.51
CA VAL A 74 30.85 22.85 0.64
C VAL A 74 31.47 22.73 -0.76
N LYS A 75 31.88 23.85 -1.32
CA LYS A 75 32.50 23.88 -2.64
C LYS A 75 34.01 24.05 -2.57
N GLU A 76 34.66 23.90 -3.71
CA GLU A 76 36.08 24.11 -3.78
C GLU A 76 36.42 25.61 -3.65
N PRO A 77 37.62 25.94 -3.16
CA PRO A 77 38.05 27.33 -3.11
C PRO A 77 38.01 27.99 -4.47
N ILE A 78 37.45 29.19 -4.49
CA ILE A 78 37.30 29.99 -5.68
C ILE A 78 38.56 30.87 -5.80
N ALA A 79 38.80 31.41 -7.01
CA ALA A 79 39.92 32.33 -7.28
C ALA A 79 40.21 33.33 -6.14
N ALA A 80 39.20 34.14 -5.81
CA ALA A 80 39.30 35.15 -4.72
C ALA A 80 39.71 34.60 -3.35
N GLU A 81 39.83 33.29 -3.20
CA GLU A 81 40.05 32.70 -1.89
C GLU A 81 41.39 32.05 -1.83
N TYR A 82 42.02 31.87 -3.00
CA TYR A 82 43.33 31.26 -3.11
C TYR A 82 44.32 31.89 -2.13
N GLY A 83 44.24 33.22 -2.03
CA GLY A 83 45.02 33.98 -1.07
C GLY A 83 44.86 33.58 0.39
N ARG A 84 43.76 32.94 0.75
CA ARG A 84 43.49 32.64 2.15
C ARG A 84 44.02 31.30 2.65
N LEU A 85 44.42 30.44 1.71
CA LEU A 85 44.86 29.08 2.03
C LEU A 85 46.13 29.12 2.84
N ARG A 86 46.25 28.20 3.79
CA ARG A 86 47.31 28.29 4.77
C ARG A 86 48.06 26.99 4.95
N HIS A 87 49.15 27.08 5.72
CA HIS A 87 50.11 26.02 5.83
C HIS A 87 49.67 24.91 6.81
N GLY A 88 49.38 25.27 8.06
CA GLY A 88 49.07 24.26 9.09
C GLY A 88 47.58 24.03 9.26
N GLN A 89 46.88 23.94 8.11
CA GLN A 89 45.43 23.99 8.07
C GLN A 89 44.87 22.82 7.31
N ILE A 90 43.87 22.17 7.91
CA ILE A 90 43.13 21.10 7.27
C ILE A 90 41.90 21.67 6.58
N LEU A 91 41.80 21.47 5.28
CA LEU A 91 40.63 21.86 4.50
C LEU A 91 39.83 20.63 4.02
N PHE A 92 38.52 20.62 4.32
CA PHE A 92 37.64 19.50 4.07
C PHE A 92 36.43 19.99 3.28
N THR A 93 36.29 19.57 2.02
CA THR A 93 35.21 20.04 1.16
C THR A 93 35.14 19.25 -0.13
N PHE A 94 34.14 19.50 -0.99
CA PHE A 94 34.16 18.95 -2.37
C PHE A 94 35.27 19.65 -3.14
N LEU A 95 36.22 18.88 -3.68
CA LEU A 95 37.36 19.50 -4.39
C LEU A 95 37.29 19.40 -5.91
N HIS A 96 37.08 18.19 -6.43
CA HIS A 96 37.06 17.96 -7.87
C HIS A 96 38.30 18.61 -8.52
N LEU A 97 39.47 18.27 -7.97
CA LEU A 97 40.74 18.80 -8.44
C LEU A 97 41.01 18.48 -9.92
N ALA A 98 40.66 17.28 -10.36
CA ALA A 98 40.76 16.93 -11.80
C ALA A 98 40.18 18.02 -12.74
N ALA A 99 39.12 18.72 -12.33
CA ALA A 99 38.48 19.70 -13.23
C ALA A 99 39.12 21.10 -13.21
N SER A 100 40.14 21.31 -12.36
CA SER A 100 40.80 22.62 -12.26
C SER A 100 42.27 22.50 -11.84
N ARG A 101 43.15 22.60 -12.84
CA ARG A 101 44.58 22.72 -12.58
C ARG A 101 44.89 23.95 -11.71
N ALA A 102 44.18 25.06 -11.96
CA ALA A 102 44.42 26.30 -11.21
C ALA A 102 44.27 26.04 -9.71
N CYS A 103 43.08 25.56 -9.34
CA CYS A 103 42.78 25.16 -7.98
C CYS A 103 43.83 24.18 -7.39
N THR A 104 44.22 23.15 -8.14
CA THR A 104 45.16 22.18 -7.58
C THR A 104 46.49 22.86 -7.26
N ASP A 105 46.91 23.75 -8.15
CA ASP A 105 48.14 24.49 -7.99
C ASP A 105 48.13 25.34 -6.73
N ALA A 106 47.07 26.14 -6.57
CA ALA A 106 46.88 26.94 -5.36
C ALA A 106 46.96 26.11 -4.06
N LEU A 107 46.44 24.88 -4.09
CA LEU A 107 46.46 24.03 -2.90
C LEU A 107 47.84 23.54 -2.55
N LEU A 108 48.56 22.99 -3.54
CA LEU A 108 49.89 22.48 -3.19
C LEU A 108 50.92 23.61 -2.98
N ASP A 109 50.73 24.72 -3.69
CA ASP A 109 51.50 25.94 -3.49
C ASP A 109 51.51 26.45 -2.04
N SER A 110 50.33 26.56 -1.45
CA SER A 110 50.16 27.08 -0.08
C SER A 110 50.50 26.02 0.96
N GLY A 111 50.71 24.79 0.50
CA GLY A 111 51.10 23.68 1.38
C GLY A 111 50.01 23.26 2.34
N THR A 112 48.78 23.57 1.97
CA THR A 112 47.61 23.21 2.74
C THR A 112 47.38 21.70 2.68
N THR A 113 46.95 21.14 3.79
CA THR A 113 46.60 19.74 3.82
C THR A 113 45.06 19.62 3.59
N SER A 114 44.66 19.06 2.44
CA SER A 114 43.26 19.01 2.05
C SER A 114 42.67 17.58 1.82
N ILE A 115 41.38 17.42 2.15
CA ILE A 115 40.70 16.14 2.07
C ILE A 115 39.39 16.36 1.34
N ALA A 116 39.11 15.54 0.33
CA ALA A 116 37.96 15.75 -0.55
C ALA A 116 36.76 14.88 -0.15
N TYR A 117 35.60 15.52 0.00
CA TYR A 117 34.37 14.80 0.29
C TYR A 117 34.11 13.65 -0.68
N GLU A 118 34.33 13.89 -1.97
CA GLU A 118 33.89 12.99 -3.03
C GLU A 118 34.73 11.69 -3.14
N THR A 119 35.89 11.65 -2.51
CA THR A 119 36.67 10.45 -2.61
C THR A 119 36.81 9.70 -1.27
N VAL A 120 36.12 10.18 -0.24
CA VAL A 120 35.95 9.38 0.95
C VAL A 120 35.15 8.10 0.60
N GLN A 121 35.76 6.95 0.84
CA GLN A 121 35.24 5.68 0.34
C GLN A 121 35.37 4.54 1.34
N THR A 122 34.25 3.92 1.70
CA THR A 122 34.28 2.83 2.67
C THR A 122 34.78 1.53 2.01
N ALA A 123 35.13 0.53 2.84
CA ALA A 123 35.70 -0.75 2.34
C ALA A 123 34.86 -1.41 1.19
N ASP A 124 33.52 -1.43 1.35
CA ASP A 124 32.57 -1.91 0.31
C ASP A 124 32.44 -1.02 -0.96
N GLY A 125 33.26 0.03 -1.09
CA GLY A 125 33.30 0.87 -2.29
C GLY A 125 32.30 2.02 -2.31
N ALA A 126 31.40 2.07 -1.32
CA ALA A 126 30.44 3.16 -1.23
C ALA A 126 31.15 4.52 -1.04
N LEU A 127 30.56 5.57 -1.62
CA LEU A 127 31.01 6.93 -1.39
C LEU A 127 29.96 7.68 -0.57
N PRO A 128 30.05 7.56 0.76
CA PRO A 128 28.98 8.00 1.65
C PRO A 128 28.73 9.50 1.65
N LEU A 129 29.69 10.28 1.16
CA LEU A 129 29.46 11.73 1.17
C LEU A 129 28.73 12.23 -0.09
N LEU A 130 28.82 11.45 -1.17
CA LEU A 130 28.10 11.70 -2.38
C LEU A 130 26.66 11.19 -2.38
N ALA A 131 26.45 10.06 -1.70
CA ALA A 131 25.14 9.37 -1.67
C ALA A 131 24.01 10.32 -1.35
N PRO A 132 24.13 11.13 -0.25
CA PRO A 132 23.04 12.07 0.03
C PRO A 132 22.76 13.05 -1.12
N MET A 133 23.81 13.44 -1.85
CA MET A 133 23.60 14.40 -2.94
C MET A 133 22.88 13.75 -4.08
N SER A 134 23.15 12.47 -4.26
CA SER A 134 22.46 11.73 -5.27
C SER A 134 20.95 11.55 -4.95
N GLU A 135 20.62 11.38 -3.66
CA GLU A 135 19.23 11.28 -3.22
C GLU A 135 18.49 12.53 -3.51
N VAL A 136 19.12 13.66 -3.19
CA VAL A 136 18.54 14.98 -3.43
C VAL A 136 18.31 15.15 -4.92
N ALA A 137 19.35 14.91 -5.71
CA ALA A 137 19.23 15.22 -7.14
C ALA A 137 18.17 14.36 -7.81
N GLY A 138 18.11 13.08 -7.42
CA GLY A 138 17.10 12.15 -7.93
C GLY A 138 15.69 12.61 -7.68
N ARG A 139 15.45 13.02 -6.45
CA ARG A 139 14.14 13.54 -6.09
C ARG A 139 13.82 14.88 -6.75
N LEU A 140 14.80 15.75 -6.84
CA LEU A 140 14.63 17.02 -7.53
C LEU A 140 14.25 16.85 -8.99
N ALA A 141 14.92 15.92 -9.66
CA ALA A 141 14.77 15.71 -11.09
C ALA A 141 13.31 15.50 -11.45
N ALA A 142 12.63 14.69 -10.62
CA ALA A 142 11.24 14.43 -10.87
C ALA A 142 10.47 15.71 -10.78
N GLN A 143 10.78 16.55 -9.79
CA GLN A 143 10.06 17.84 -9.63
C GLN A 143 10.28 18.83 -10.78
N VAL A 144 11.52 19.01 -11.14
CA VAL A 144 11.79 19.95 -12.22
C VAL A 144 11.22 19.46 -13.55
N GLY A 145 11.36 18.16 -13.81
CA GLY A 145 10.76 17.58 -15.01
C GLY A 145 9.27 17.87 -15.07
N ALA A 146 8.59 17.62 -13.98
CA ALA A 146 7.15 17.79 -13.96
C ALA A 146 6.75 19.24 -14.33
N TYR A 147 7.51 20.20 -13.81
CA TYR A 147 7.20 21.61 -13.99
C TYR A 147 7.46 22.03 -15.45
N HIS A 148 8.56 21.55 -15.99
CA HIS A 148 8.99 21.97 -17.30
C HIS A 148 8.24 21.27 -18.42
N LEU A 149 7.31 20.40 -18.04
CA LEU A 149 6.49 19.68 -18.97
C LEU A 149 5.23 20.51 -19.25
N MET A 150 5.06 21.61 -18.53
CA MET A 150 3.97 22.55 -18.81
C MET A 150 4.21 23.36 -20.10
N ARG A 151 3.16 23.61 -20.87
CA ARG A 151 3.30 24.23 -22.20
C ARG A 151 3.87 25.63 -22.06
N THR A 152 3.38 26.25 -21.02
CA THR A 152 3.89 27.48 -20.47
C THR A 152 5.43 27.55 -20.34
N GLN A 153 6.12 26.41 -20.23
CA GLN A 153 7.57 26.43 -20.12
C GLN A 153 8.21 25.87 -21.39
N GLY A 154 7.40 25.62 -22.40
CA GLY A 154 7.88 25.01 -23.62
C GLY A 154 7.71 23.49 -23.74
N GLY A 155 7.14 22.84 -22.71
CA GLY A 155 7.05 21.38 -22.72
C GLY A 155 5.78 20.93 -23.42
N ARG A 156 5.68 19.62 -23.66
CA ARG A 156 4.54 19.03 -24.34
C ARG A 156 3.15 19.41 -23.71
N GLY A 157 3.17 19.76 -22.42
CA GLY A 157 1.95 20.19 -21.70
C GLY A 157 1.10 19.07 -21.13
N VAL A 158 1.76 18.04 -20.61
CA VAL A 158 1.06 16.95 -19.93
C VAL A 158 1.28 16.98 -18.40
N LEU A 159 0.21 16.72 -17.65
CA LEU A 159 0.27 16.62 -16.21
C LEU A 159 0.89 15.27 -15.80
N MET A 160 1.81 15.26 -14.83
CA MET A 160 2.46 13.98 -14.42
C MET A 160 1.47 12.80 -14.32
N GLY A 161 0.42 13.01 -13.54
CA GLY A 161 -0.44 11.92 -13.16
C GLY A 161 -1.74 11.78 -13.91
N GLY A 162 -1.91 12.57 -14.96
CA GLY A 162 -3.18 12.55 -15.69
C GLY A 162 -4.27 12.96 -14.74
N VAL A 163 -5.52 12.71 -15.11
CA VAL A 163 -6.69 12.80 -14.25
C VAL A 163 -7.57 11.66 -14.69
N PRO A 164 -8.55 11.26 -13.88
CA PRO A 164 -9.32 10.06 -14.24
C PRO A 164 -9.77 10.17 -15.68
N GLY A 165 -9.51 9.15 -16.50
CA GLY A 165 -10.08 9.15 -17.87
C GLY A 165 -9.05 9.54 -18.89
N VAL A 166 -7.96 10.16 -18.41
CA VAL A 166 -6.91 10.69 -19.27
C VAL A 166 -5.55 10.10 -18.88
N GLU A 167 -4.73 9.70 -19.86
CA GLU A 167 -3.44 9.05 -19.65
C GLU A 167 -2.46 9.88 -18.84
N PRO A 168 -1.76 9.26 -17.91
CA PRO A 168 -0.69 10.05 -17.27
C PRO A 168 0.56 10.18 -18.15
N ALA A 169 1.57 10.93 -17.68
CA ALA A 169 2.81 11.08 -18.43
C ALA A 169 3.58 9.79 -18.37
N ASP A 170 4.32 9.56 -19.44
CA ASP A 170 5.13 8.38 -19.53
C ASP A 170 6.59 8.79 -19.27
N VAL A 171 7.17 8.28 -18.19
CA VAL A 171 8.46 8.73 -17.72
C VAL A 171 9.51 7.63 -17.84
N VAL A 172 10.67 7.91 -18.40
CA VAL A 172 11.70 6.90 -18.31
C VAL A 172 12.92 7.37 -17.53
N VAL A 173 13.40 6.52 -16.64
CA VAL A 173 14.56 6.83 -15.83
C VAL A 173 15.67 5.90 -16.26
N ILE A 174 16.80 6.44 -16.66
CA ILE A 174 17.90 5.60 -17.16
C ILE A 174 18.84 5.49 -16.02
N GLY A 175 18.98 4.28 -15.47
CA GLY A 175 19.90 4.05 -14.33
C GLY A 175 19.14 3.76 -13.04
N ALA A 176 19.56 2.73 -12.34
CA ALA A 176 18.81 2.20 -11.22
C ALA A 176 19.59 2.36 -9.91
N GLY A 177 20.56 3.27 -9.88
CA GLY A 177 21.33 3.49 -8.66
C GLY A 177 20.52 4.39 -7.75
N THR A 178 21.19 4.96 -6.75
CA THR A 178 20.54 5.83 -5.79
C THR A 178 19.76 6.97 -6.48
N ALA A 179 20.33 7.60 -7.50
CA ALA A 179 19.67 8.77 -8.05
C ALA A 179 18.44 8.29 -8.81
N GLY A 180 18.62 7.20 -9.56
CA GLY A 180 17.56 6.66 -10.42
C GLY A 180 16.39 6.16 -9.61
N TYR A 181 16.70 5.40 -8.55
CA TYR A 181 15.66 4.94 -7.62
C TYR A 181 14.85 6.10 -7.07
N ASN A 182 15.55 7.15 -6.63
CA ASN A 182 14.90 8.31 -6.05
C ASN A 182 14.06 9.13 -7.00
N ALA A 183 14.55 9.34 -8.23
CA ALA A 183 13.74 9.96 -9.29
C ALA A 183 12.53 9.11 -9.60
N ALA A 184 12.72 7.79 -9.75
CA ALA A 184 11.59 6.89 -10.05
C ALA A 184 10.53 6.98 -8.96
N ARG A 185 10.96 6.92 -7.70
CA ARG A 185 10.04 6.91 -6.60
C ARG A 185 9.16 8.17 -6.61
N ILE A 186 9.77 9.31 -6.87
CA ILE A 186 9.01 10.54 -6.80
C ILE A 186 8.12 10.69 -8.03
N ALA A 187 8.61 10.36 -9.21
CA ALA A 187 7.74 10.39 -10.40
C ALA A 187 6.51 9.48 -10.22
N ASN A 188 6.79 8.28 -9.74
CA ASN A 188 5.71 7.36 -9.43
C ASN A 188 4.68 7.95 -8.48
N GLY A 189 5.16 8.54 -7.41
CA GLY A 189 4.29 9.17 -6.44
C GLY A 189 3.47 10.29 -7.04
N MET A 190 3.96 10.92 -8.10
CA MET A 190 3.19 11.97 -8.75
C MET A 190 2.14 11.38 -9.73
N GLY A 191 2.13 10.06 -9.91
CA GLY A 191 1.07 9.42 -10.68
C GLY A 191 1.46 9.14 -12.12
N ALA A 192 2.74 9.31 -12.46
CA ALA A 192 3.18 9.00 -13.82
C ALA A 192 3.46 7.52 -13.95
N THR A 193 3.41 7.03 -15.18
CA THR A 193 3.83 5.69 -15.39
C THR A 193 5.33 5.65 -15.68
N VAL A 194 6.10 4.96 -14.85
CA VAL A 194 7.57 5.06 -14.82
C VAL A 194 8.19 3.74 -15.21
N THR A 195 9.17 3.79 -16.09
CA THR A 195 9.93 2.63 -16.47
C THR A 195 11.39 2.98 -16.22
N VAL A 196 12.14 2.10 -15.54
CA VAL A 196 13.56 2.34 -15.34
C VAL A 196 14.41 1.33 -16.11
N LEU A 197 15.48 1.85 -16.69
CA LEU A 197 16.35 1.08 -17.55
C LEU A 197 17.70 0.93 -16.87
N ASP A 198 18.20 -0.30 -16.81
CA ASP A 198 19.53 -0.57 -16.28
C ASP A 198 20.08 -1.85 -16.89
N ILE A 199 21.40 -2.06 -16.87
CA ILE A 199 21.87 -3.35 -17.32
C ILE A 199 22.08 -4.31 -16.15
N ASN A 200 21.92 -3.82 -14.92
CA ASN A 200 22.06 -4.69 -13.76
C ASN A 200 20.72 -5.23 -13.31
N ILE A 201 20.47 -6.49 -13.59
CA ILE A 201 19.15 -7.05 -13.32
C ILE A 201 18.85 -7.19 -11.82
N ASP A 202 19.88 -7.34 -11.00
CA ASP A 202 19.62 -7.34 -9.56
C ASP A 202 19.07 -6.02 -9.10
N LYS A 203 19.58 -4.91 -9.63
CA LYS A 203 19.07 -3.60 -9.31
C LYS A 203 17.61 -3.51 -9.80
N LEU A 204 17.34 -4.03 -10.98
CA LEU A 204 15.95 -4.06 -11.42
C LEU A 204 15.05 -4.94 -10.54
N ARG A 205 15.60 -6.06 -10.04
CA ARG A 205 14.88 -6.91 -9.11
C ARG A 205 14.48 -6.19 -7.82
N GLN A 206 15.38 -5.37 -7.26
CA GLN A 206 15.06 -4.55 -6.09
C GLN A 206 13.94 -3.61 -6.40
N LEU A 207 14.00 -2.94 -7.55
CA LEU A 207 12.95 -1.98 -7.87
C LEU A 207 11.64 -2.65 -8.03
N ASP A 208 11.66 -3.89 -8.53
CA ASP A 208 10.42 -4.62 -8.80
C ASP A 208 9.77 -5.05 -7.52
N ALA A 209 10.60 -5.39 -6.55
CA ALA A 209 10.11 -5.86 -5.26
C ALA A 209 9.46 -4.74 -4.49
N GLU A 210 10.17 -3.62 -4.47
CA GLU A 210 9.85 -2.53 -3.61
C GLU A 210 8.50 -1.92 -4.01
N PHE A 211 8.22 -1.90 -5.31
CA PHE A 211 6.95 -1.31 -5.74
C PHE A 211 5.92 -2.28 -6.22
N CYS A 212 6.10 -3.56 -5.88
CA CYS A 212 5.37 -4.62 -6.56
C CYS A 212 5.29 -4.33 -8.06
N GLY A 213 4.12 -4.34 -8.65
CA GLY A 213 4.12 -4.10 -10.10
C GLY A 213 4.40 -2.68 -10.55
N ARG A 214 4.29 -1.71 -9.65
CA ARG A 214 4.07 -0.35 -10.01
C ARG A 214 5.15 0.27 -10.87
N ILE A 215 6.41 0.20 -10.46
CA ILE A 215 7.48 0.70 -11.33
C ILE A 215 7.94 -0.38 -12.31
N HIS A 216 7.74 -0.16 -13.61
CA HIS A 216 8.19 -1.08 -14.65
C HIS A 216 9.66 -1.00 -14.81
N THR A 217 10.24 -2.13 -15.19
CA THR A 217 11.66 -2.22 -15.32
C THR A 217 12.01 -2.87 -16.64
N ARG A 218 13.04 -2.36 -17.29
CA ARG A 218 13.48 -2.91 -18.55
C ARG A 218 14.97 -3.00 -18.66
N TYR A 219 15.40 -4.14 -19.20
CA TYR A 219 16.79 -4.41 -19.48
C TYR A 219 17.33 -3.41 -20.48
N SER A 220 18.44 -2.75 -20.16
CA SER A 220 18.86 -1.64 -21.00
C SER A 220 19.79 -1.96 -22.18
N SER A 221 19.33 -2.73 -23.13
CA SER A 221 20.02 -2.82 -24.42
C SER A 221 19.74 -1.53 -25.22
N ALA A 222 20.69 -1.12 -26.09
CA ALA A 222 20.49 0.10 -26.91
C ALA A 222 19.15 0.05 -27.61
N TYR A 223 18.78 -1.16 -28.00
CA TYR A 223 17.57 -1.37 -28.73
C TYR A 223 16.30 -1.09 -27.89
N GLU A 224 16.32 -1.56 -26.64
CA GLU A 224 15.21 -1.33 -25.74
C GLU A 224 15.19 0.11 -25.22
N LEU A 225 16.38 0.71 -25.07
CA LEU A 225 16.51 2.12 -24.71
C LEU A 225 15.85 3.02 -25.74
N GLU A 226 16.22 2.85 -27.00
CA GLU A 226 15.62 3.59 -28.07
C GLU A 226 14.12 3.52 -28.04
N GLY A 227 13.60 2.31 -27.91
CA GLY A 227 12.16 2.13 -27.95
C GLY A 227 11.47 2.88 -26.81
N ALA A 228 12.08 2.86 -25.62
CA ALA A 228 11.47 3.52 -24.46
C ALA A 228 11.55 5.04 -24.58
N VAL A 229 12.71 5.56 -24.98
CA VAL A 229 12.89 6.99 -25.08
C VAL A 229 11.99 7.61 -26.15
N LYS A 230 11.78 6.86 -27.22
CA LYS A 230 10.91 7.28 -28.32
C LYS A 230 9.49 7.64 -27.82
N ARG A 231 8.98 6.93 -26.81
CA ARG A 231 7.61 7.11 -26.35
C ARG A 231 7.47 8.01 -25.13
N ALA A 232 8.60 8.50 -24.60
CA ALA A 232 8.58 9.15 -23.28
C ALA A 232 8.15 10.62 -23.37
N ASP A 233 7.42 11.09 -22.36
CA ASP A 233 7.17 12.52 -22.19
C ASP A 233 8.30 13.16 -21.40
N LEU A 234 8.92 12.36 -20.51
CA LEU A 234 10.00 12.85 -19.65
C LEU A 234 11.05 11.77 -19.58
N VAL A 235 12.30 12.16 -19.74
CA VAL A 235 13.39 11.23 -19.60
C VAL A 235 14.30 11.80 -18.56
N ILE A 236 14.76 10.95 -17.64
CA ILE A 236 15.66 11.38 -16.61
C ILE A 236 16.92 10.60 -16.71
N GLY A 237 18.03 11.28 -16.94
CA GLY A 237 19.32 10.60 -17.06
C GLY A 237 19.96 10.57 -15.71
N ALA A 238 20.15 9.35 -15.20
CA ALA A 238 20.61 9.18 -13.82
C ALA A 238 21.73 8.14 -13.72
N VAL A 239 22.46 7.94 -14.80
CA VAL A 239 23.64 7.10 -14.78
C VAL A 239 24.85 7.91 -14.30
N LEU A 240 25.10 7.84 -12.98
CA LEU A 240 26.24 8.52 -12.34
C LEU A 240 27.44 7.58 -12.15
N VAL A 241 28.46 7.66 -13.02
CA VAL A 241 29.69 6.86 -12.79
C VAL A 241 30.52 7.49 -11.65
N PRO A 242 30.74 6.70 -10.57
CA PRO A 242 31.30 7.11 -9.27
C PRO A 242 32.31 8.26 -9.39
N GLY A 243 33.34 8.09 -10.22
CA GLY A 243 34.36 9.09 -10.42
C GLY A 243 34.92 9.21 -11.83
N ALA A 244 34.32 8.50 -12.81
CA ALA A 244 34.73 8.60 -14.22
C ALA A 244 33.98 9.74 -15.01
N LYS A 245 33.51 9.45 -16.22
CA LYS A 245 33.04 10.49 -17.14
C LYS A 245 31.54 10.48 -17.42
N ALA A 246 30.88 9.34 -17.20
CA ALA A 246 29.45 9.18 -17.52
C ALA A 246 29.18 9.01 -19.01
N PRO A 247 28.74 7.81 -19.41
CA PRO A 247 28.65 7.46 -20.83
C PRO A 247 27.54 8.24 -21.50
N LYS A 248 27.67 8.52 -22.79
CA LYS A 248 26.59 9.21 -23.51
C LYS A 248 25.60 8.17 -24.04
N LEU A 249 24.46 8.05 -23.37
CA LEU A 249 23.49 7.02 -23.67
C LEU A 249 22.41 7.45 -24.64
N VAL A 250 22.12 8.75 -24.72
CA VAL A 250 21.08 9.23 -25.62
C VAL A 250 21.70 10.14 -26.67
N SER A 251 21.56 9.76 -27.94
CA SER A 251 22.24 10.47 -29.02
C SER A 251 21.31 11.54 -29.55
N ASN A 252 21.89 12.54 -30.22
CA ASN A 252 21.08 13.62 -30.80
C ASN A 252 20.14 13.13 -31.89
N SER A 253 20.57 12.11 -32.63
CA SER A 253 19.69 11.55 -33.63
C SER A 253 18.50 10.82 -32.98
N LEU A 254 18.76 10.13 -31.87
CA LEU A 254 17.63 9.61 -31.10
C LEU A 254 16.71 10.72 -30.58
N VAL A 255 17.24 11.79 -30.01
CA VAL A 255 16.31 12.85 -29.61
C VAL A 255 15.51 13.39 -30.81
N ALA A 256 16.10 13.39 -32.02
CA ALA A 256 15.38 13.93 -33.20
C ALA A 256 14.15 13.12 -33.46
N HIS A 257 14.08 11.92 -32.87
CA HIS A 257 12.86 11.06 -32.98
C HIS A 257 11.87 11.10 -31.82
N MET A 258 12.14 11.88 -30.80
CA MET A 258 11.22 11.95 -29.65
C MET A 258 9.97 12.77 -29.93
N LYS A 259 8.92 12.64 -29.12
CA LYS A 259 7.77 13.53 -29.33
C LYS A 259 8.10 15.01 -29.09
N PRO A 260 7.56 15.90 -29.95
CA PRO A 260 7.82 17.32 -29.71
C PRO A 260 7.39 17.73 -28.31
N GLY A 261 8.22 18.50 -27.63
CA GLY A 261 7.87 18.97 -26.30
C GLY A 261 8.31 18.10 -25.12
N ALA A 262 8.89 16.94 -25.43
CA ALA A 262 9.34 16.03 -24.39
C ALA A 262 10.45 16.74 -23.66
N VAL A 263 10.67 16.41 -22.38
CA VAL A 263 11.77 17.01 -21.64
C VAL A 263 12.76 15.99 -21.14
N LEU A 264 14.04 16.32 -21.21
CA LEU A 264 15.10 15.44 -20.74
C LEU A 264 15.83 16.18 -19.62
N VAL A 265 16.02 15.48 -18.50
CA VAL A 265 16.71 16.00 -17.34
C VAL A 265 18.02 15.22 -17.14
N ASP A 266 19.14 15.93 -17.13
CA ASP A 266 20.43 15.28 -16.96
C ASP A 266 20.96 15.56 -15.57
N ILE A 267 20.77 14.61 -14.67
CA ILE A 267 21.30 14.60 -13.31
C ILE A 267 22.80 14.36 -13.38
N ALA A 268 23.29 13.83 -14.49
CA ALA A 268 24.72 13.52 -14.58
C ALA A 268 25.54 14.68 -15.12
N ILE A 269 24.97 15.88 -15.14
CA ILE A 269 25.59 17.03 -15.82
C ILE A 269 26.88 17.51 -15.21
N ASP A 270 26.94 17.70 -13.89
CA ASP A 270 28.26 17.81 -13.21
C ASP A 270 28.92 16.50 -13.63
N GLN A 271 30.22 16.41 -13.77
CA GLN A 271 30.80 15.15 -14.34
C GLN A 271 30.35 14.69 -15.77
N GLY A 272 29.95 15.62 -16.62
CA GLY A 272 29.90 15.34 -18.05
C GLY A 272 28.55 15.21 -18.72
N GLY A 273 27.53 14.75 -18.01
CA GLY A 273 26.22 14.56 -18.60
C GLY A 273 26.17 13.23 -19.31
N CYS A 274 24.97 12.77 -19.61
CA CYS A 274 24.82 11.44 -20.17
C CYS A 274 23.90 11.44 -21.39
N PHE A 275 23.46 12.62 -21.79
CA PHE A 275 22.93 12.81 -23.14
C PHE A 275 24.02 13.45 -23.99
N GLU A 276 24.01 13.16 -25.29
CA GLU A 276 25.03 13.78 -26.11
C GLU A 276 24.81 15.28 -26.31
N GLY A 277 23.56 15.70 -26.50
CA GLY A 277 23.31 17.15 -26.53
C GLY A 277 23.49 17.97 -25.24
N SER A 278 23.91 17.31 -24.15
CA SER A 278 23.97 17.92 -22.81
C SER A 278 25.04 18.98 -22.67
N ARG A 279 24.70 20.02 -21.90
CA ARG A 279 25.56 21.17 -21.68
C ARG A 279 25.06 21.83 -20.41
N PRO A 280 25.97 22.14 -19.46
CA PRO A 280 25.57 22.81 -18.20
C PRO A 280 24.83 24.15 -18.37
N THR A 281 23.71 24.27 -17.66
CA THR A 281 22.93 25.49 -17.67
C THR A 281 22.86 26.12 -16.28
N THR A 282 22.17 27.23 -16.15
CA THR A 282 22.12 27.98 -14.92
C THR A 282 20.68 28.16 -14.48
N TYR A 283 20.51 28.51 -13.22
CA TYR A 283 19.21 28.73 -12.62
C TYR A 283 18.26 29.66 -13.36
N ASP A 284 18.78 30.78 -13.82
CA ASP A 284 18.00 31.77 -14.58
C ASP A 284 17.72 31.35 -16.02
N HIS A 285 18.62 30.56 -16.61
CA HIS A 285 18.45 29.98 -17.97
C HIS A 285 18.54 28.46 -17.96
N PRO A 286 17.56 27.78 -17.35
CA PRO A 286 17.77 26.38 -17.03
C PRO A 286 17.64 25.42 -18.20
N THR A 287 16.83 25.76 -19.19
CA THR A 287 16.57 24.84 -20.31
C THR A 287 17.04 25.40 -21.65
N PHE A 288 17.11 24.54 -22.66
CA PHE A 288 17.38 24.94 -24.04
C PHE A 288 16.87 23.86 -24.97
N ALA A 289 16.52 24.23 -26.21
CA ALA A 289 15.96 23.27 -27.12
C ALA A 289 17.02 22.47 -27.87
N VAL A 290 16.68 21.20 -28.12
CA VAL A 290 17.41 20.33 -29.02
C VAL A 290 16.32 19.65 -29.86
N HIS A 291 16.31 19.90 -31.18
CA HIS A 291 15.32 19.32 -32.08
C HIS A 291 13.91 19.25 -31.48
N ASP A 292 13.26 20.34 -31.11
CA ASP A 292 11.88 20.12 -30.64
C ASP A 292 11.72 19.55 -29.23
N THR A 293 12.80 19.13 -28.58
CA THR A 293 12.68 18.77 -27.17
C THR A 293 13.35 19.83 -26.33
N LEU A 294 13.11 19.74 -25.04
CA LEU A 294 13.61 20.66 -24.06
C LEU A 294 14.60 19.92 -23.16
N PHE A 295 15.83 20.43 -23.05
CA PHE A 295 16.85 19.85 -22.16
C PHE A 295 16.94 20.68 -20.90
N TYR A 296 17.08 20.03 -19.76
CA TYR A 296 17.26 20.70 -18.50
C TYR A 296 18.54 20.16 -17.88
N CYS A 297 19.55 21.03 -17.72
CA CYS A 297 20.88 20.55 -17.34
C CYS A 297 21.56 21.40 -16.31
N VAL A 298 20.81 21.84 -15.30
CA VAL A 298 21.34 22.80 -14.34
C VAL A 298 22.45 22.13 -13.57
N ALA A 299 23.60 22.79 -13.55
CA ALA A 299 24.73 22.31 -12.76
C ALA A 299 24.48 22.52 -11.29
N ASN A 300 25.01 21.61 -10.49
CA ASN A 300 25.04 21.80 -9.05
C ASN A 300 23.62 21.87 -8.41
N MET A 301 22.74 20.99 -8.87
CA MET A 301 21.31 21.01 -8.53
C MET A 301 20.96 20.95 -7.02
N PRO A 302 21.67 20.11 -6.25
CA PRO A 302 21.34 20.02 -4.86
C PRO A 302 21.36 21.36 -4.13
N ALA A 303 22.02 22.37 -4.72
CA ALA A 303 22.13 23.70 -4.10
C ALA A 303 20.83 24.47 -4.08
N SER A 304 19.86 24.04 -4.89
CA SER A 304 18.58 24.74 -4.97
C SER A 304 17.62 24.39 -3.85
N VAL A 305 17.91 23.32 -3.11
CA VAL A 305 17.12 22.99 -1.91
C VAL A 305 18.05 22.92 -0.71
N PRO A 306 18.63 24.07 -0.35
CA PRO A 306 19.71 24.12 0.63
C PRO A 306 19.30 23.76 2.02
N LYS A 307 18.05 24.02 2.41
CA LYS A 307 17.67 23.64 3.77
C LYS A 307 17.68 22.11 3.90
N THR A 308 17.25 21.42 2.85
CA THR A 308 17.34 19.99 2.81
C THR A 308 18.79 19.52 2.61
N SER A 309 19.47 20.05 1.61
CA SER A 309 20.73 19.43 1.25
C SER A 309 21.91 19.73 2.16
N THR A 310 21.88 20.89 2.82
CA THR A 310 22.85 21.18 3.90
C THR A 310 22.80 20.11 4.99
N TYR A 311 21.61 19.75 5.42
CA TYR A 311 21.44 18.76 6.50
C TYR A 311 21.82 17.38 6.01
N ALA A 312 21.45 17.09 4.76
CA ALA A 312 21.73 15.80 4.17
C ALA A 312 23.24 15.62 4.11
N LEU A 313 23.95 16.64 3.63
CA LEU A 313 25.40 16.52 3.55
C LEU A 313 26.07 16.55 4.91
N THR A 314 25.66 17.44 5.79
CA THR A 314 26.41 17.55 7.05
C THR A 314 26.10 16.40 8.01
N ASN A 315 24.93 15.79 7.91
CA ASN A 315 24.70 14.56 8.68
C ASN A 315 25.69 13.50 8.27
N ALA A 316 25.97 13.39 6.96
CA ALA A 316 26.94 12.41 6.49
C ALA A 316 28.36 12.82 6.85
N THR A 317 28.71 14.11 6.77
CA THR A 317 30.11 14.45 7.07
C THR A 317 30.42 14.45 8.54
N MET A 318 29.41 14.64 9.38
CA MET A 318 29.64 14.82 10.82
C MET A 318 30.62 13.83 11.47
N PRO A 319 30.45 12.51 11.27
CA PRO A 319 31.34 11.63 12.02
C PRO A 319 32.78 11.89 11.67
N TYR A 320 33.03 12.20 10.39
CA TYR A 320 34.36 12.42 9.89
C TYR A 320 34.94 13.73 10.43
N VAL A 321 34.09 14.75 10.51
CA VAL A 321 34.39 16.03 11.15
C VAL A 321 34.83 15.80 12.58
N LEU A 322 34.11 14.97 13.31
CA LEU A 322 34.42 14.73 14.70
C LEU A 322 35.77 14.05 14.87
N GLU A 323 36.04 13.07 14.04
CA GLU A 323 37.30 12.38 14.10
C GLU A 323 38.48 13.28 13.81
N LEU A 324 38.38 14.08 12.77
CA LEU A 324 39.42 15.07 12.48
C LEU A 324 39.67 16.02 13.64
N ALA A 325 38.61 16.63 14.17
CA ALA A 325 38.74 17.63 15.21
C ALA A 325 39.39 17.07 16.47
N ASP A 326 39.01 15.86 16.84
CA ASP A 326 39.52 15.23 18.05
C ASP A 326 40.93 14.70 17.89
N HIS A 327 41.35 14.31 16.69
CA HIS A 327 42.58 13.52 16.54
C HIS A 327 43.60 14.16 15.61
N GLY A 328 43.24 15.24 14.94
CA GLY A 328 44.08 15.77 13.85
C GLY A 328 44.11 14.83 12.66
N TRP A 329 44.54 15.36 11.52
CA TRP A 329 44.44 14.66 10.24
C TRP A 329 45.17 13.29 10.16
N ARG A 330 46.49 13.25 10.37
CA ARG A 330 47.16 11.94 10.51
C ARG A 330 46.66 11.41 11.83
N ALA A 331 46.38 10.12 11.90
CA ALA A 331 45.75 9.59 13.12
C ALA A 331 44.32 9.33 12.81
N ALA A 332 43.58 10.39 12.54
CA ALA A 332 42.26 10.24 11.97
C ALA A 332 42.37 9.40 10.69
N CYS A 333 43.27 9.79 9.80
CA CYS A 333 43.54 9.03 8.60
C CYS A 333 44.13 7.67 8.83
N ARG A 334 44.97 7.52 9.85
CA ARG A 334 45.52 6.18 10.12
C ARG A 334 44.45 5.28 10.69
N SER A 335 43.64 5.81 11.60
CA SER A 335 42.49 5.07 12.19
C SER A 335 41.42 4.71 11.17
N ASN A 336 41.22 5.55 10.16
CA ASN A 336 40.03 5.47 9.33
C ASN A 336 40.37 5.50 7.85
N PRO A 337 40.41 4.32 7.24
CA PRO A 337 40.89 4.23 5.87
C PRO A 337 39.95 4.91 4.87
N ALA A 338 38.66 5.03 5.19
CA ALA A 338 37.72 5.76 4.34
C ALA A 338 38.17 7.20 4.22
N LEU A 339 38.50 7.79 5.35
CA LEU A 339 39.05 9.13 5.42
C LEU A 339 40.31 9.27 4.62
N ALA A 340 41.21 8.30 4.75
CA ALA A 340 42.49 8.35 4.07
C ALA A 340 42.34 8.35 2.56
N LYS A 341 41.36 7.62 2.02
CA LYS A 341 41.10 7.65 0.59
C LYS A 341 40.77 9.09 0.12
N GLY A 342 40.38 9.96 1.07
CA GLY A 342 40.01 11.32 0.75
C GLY A 342 41.19 12.29 0.68
N LEU A 343 42.32 11.92 1.29
CA LEU A 343 43.54 12.75 1.29
C LEU A 343 43.94 13.14 -0.12
N SER A 344 44.18 14.43 -0.31
CA SER A 344 44.45 14.97 -1.64
C SER A 344 45.75 15.74 -1.67
N THR A 345 46.04 16.46 -0.59
CA THR A 345 47.10 17.44 -0.62
C THR A 345 47.70 17.56 0.76
N HIS A 346 49.03 17.67 0.82
CA HIS A 346 49.73 17.99 2.08
C HIS A 346 51.13 18.53 1.83
N GLU A 347 51.37 19.74 2.33
CA GLU A 347 52.64 20.47 2.12
C GLU A 347 53.26 20.27 0.73
N GLY A 348 52.58 20.74 -0.29
CA GLY A 348 53.12 20.67 -1.64
C GLY A 348 52.94 19.36 -2.35
N ALA A 349 52.66 18.30 -1.61
CA ALA A 349 52.46 16.95 -2.17
C ALA A 349 51.04 16.67 -2.74
N LEU A 350 50.95 16.08 -3.93
CA LEU A 350 49.67 15.64 -4.48
C LEU A 350 49.47 14.13 -4.19
N LEU A 351 48.45 13.79 -3.40
CA LEU A 351 48.30 12.42 -2.87
C LEU A 351 47.28 11.54 -3.58
N SER A 352 46.69 12.04 -4.68
CA SER A 352 45.64 11.33 -5.38
C SER A 352 46.14 10.85 -6.75
N GLU A 353 46.08 9.53 -6.95
CA GLU A 353 46.53 8.89 -8.20
C GLU A 353 45.69 9.31 -9.41
N ARG A 354 44.36 9.15 -9.31
CA ARG A 354 43.45 9.51 -10.43
C ARG A 354 43.71 10.94 -10.91
N VAL A 355 43.99 11.84 -9.95
CA VAL A 355 44.21 13.26 -10.23
C VAL A 355 45.59 13.51 -10.80
N ALA A 356 46.63 12.93 -10.17
CA ALA A 356 48.01 13.12 -10.64
C ALA A 356 48.15 12.70 -12.10
N THR A 357 47.98 11.40 -12.38
CA THR A 357 47.91 10.90 -13.77
C THR A 357 47.14 11.90 -14.67
N ASP A 358 45.87 12.15 -14.32
CA ASP A 358 44.87 12.85 -15.15
C ASP A 358 45.17 14.33 -15.40
N LEU A 359 45.76 14.98 -14.41
CA LEU A 359 45.96 16.43 -14.46
C LEU A 359 47.39 16.74 -14.90
N GLY A 360 47.77 16.18 -16.05
CA GLY A 360 49.16 16.23 -16.45
C GLY A 360 50.01 15.69 -15.30
N VAL A 361 51.04 16.45 -14.90
CA VAL A 361 52.18 15.87 -14.17
C VAL A 361 51.99 15.51 -12.67
N PRO A 362 51.99 16.52 -11.78
CA PRO A 362 52.76 16.47 -10.53
C PRO A 362 53.40 15.14 -10.12
N PHE A 363 52.59 14.08 -9.97
CA PHE A 363 53.04 12.75 -9.49
C PHE A 363 52.55 12.48 -8.07
N THR A 364 52.08 11.26 -7.84
CA THR A 364 51.57 10.82 -6.53
C THR A 364 52.64 10.84 -5.43
N GLU A 365 52.18 10.66 -4.17
CA GLU A 365 52.98 10.14 -3.05
C GLU A 365 52.02 9.30 -2.23
N PRO A 366 52.03 7.96 -2.40
CA PRO A 366 50.87 7.18 -1.93
C PRO A 366 50.14 7.74 -0.69
N ALA A 367 50.90 7.85 0.40
CA ALA A 367 50.40 7.99 1.77
C ALA A 367 51.40 7.16 2.59
N SER A 368 52.28 7.91 3.22
CA SER A 368 53.60 7.50 3.67
C SER A 368 54.02 8.87 4.17
N VAL A 369 53.30 9.87 3.69
CA VAL A 369 53.08 11.12 4.43
C VAL A 369 52.43 10.79 5.80
N LEU A 370 52.03 9.54 6.01
CA LEU A 370 51.59 9.06 7.33
C LEU A 370 52.67 8.24 8.06
N ALA A 371 53.89 8.81 8.11
CA ALA A 371 55.10 8.23 8.72
C ALA A 371 54.86 7.16 9.80
N MET B 1 20.75 -40.75 22.58
CA MET B 1 20.79 -39.54 23.49
C MET B 1 19.44 -39.02 24.01
N ARG B 2 19.41 -38.60 25.27
CA ARG B 2 18.16 -38.30 25.94
C ARG B 2 18.06 -36.81 26.26
N VAL B 3 16.92 -36.20 25.93
CA VAL B 3 16.77 -34.75 25.96
C VAL B 3 15.68 -34.34 26.94
N GLY B 4 15.99 -33.51 27.92
CA GLY B 4 15.01 -33.15 28.91
C GLY B 4 14.71 -31.66 29.00
N ILE B 5 13.45 -31.35 29.37
CA ILE B 5 12.96 -30.01 29.46
C ILE B 5 12.15 -29.89 30.72
N PRO B 6 12.68 -29.15 31.70
CA PRO B 6 11.99 -28.86 32.96
C PRO B 6 11.09 -27.61 32.88
N THR B 7 10.10 -27.54 33.74
CA THR B 7 9.34 -26.32 33.89
C THR B 7 10.31 -25.19 34.26
N GLU B 8 10.05 -23.97 33.77
CA GLU B 8 10.82 -22.82 34.19
C GLU B 8 10.34 -22.37 35.55
N THR B 9 11.29 -22.10 36.45
CA THR B 9 10.97 -21.91 37.88
C THR B 9 10.99 -20.45 38.33
N LYS B 10 11.76 -19.63 37.63
CA LYS B 10 11.77 -18.20 37.84
C LYS B 10 10.34 -17.64 37.76
N ASN B 11 10.07 -16.64 38.59
CA ASN B 11 8.73 -16.05 38.75
C ASN B 11 8.37 -15.26 37.52
N ASN B 12 7.14 -15.41 37.05
CA ASN B 12 6.75 -14.71 35.81
C ASN B 12 7.69 -15.03 34.58
N GLU B 13 8.21 -16.25 34.52
CA GLU B 13 8.78 -16.72 33.29
C GLU B 13 7.80 -17.77 32.82
N PHE B 14 7.19 -17.55 31.66
CA PHE B 14 6.10 -18.41 31.21
C PHE B 14 6.47 -19.28 30.03
N ARG B 15 7.70 -19.15 29.54
CA ARG B 15 8.09 -19.89 28.33
C ARG B 15 8.56 -21.31 28.65
N VAL B 16 8.80 -22.06 27.60
CA VAL B 16 9.25 -23.43 27.70
C VAL B 16 10.23 -23.66 26.54
N ALA B 17 11.23 -24.50 26.77
CA ALA B 17 12.37 -24.61 25.86
C ALA B 17 12.15 -25.54 24.68
N ILE B 18 10.96 -26.03 24.49
CA ILE B 18 10.68 -26.86 23.30
C ILE B 18 9.17 -26.76 23.04
N THR B 19 8.76 -27.05 21.82
CA THR B 19 7.35 -27.18 21.49
C THR B 19 7.08 -28.60 20.91
N PRO B 20 5.80 -28.99 20.73
CA PRO B 20 5.56 -30.30 20.07
C PRO B 20 6.33 -30.46 18.76
N ALA B 21 6.35 -29.43 17.92
CA ALA B 21 7.09 -29.47 16.66
C ALA B 21 8.50 -30.02 16.91
N GLY B 22 9.18 -29.47 17.92
CA GLY B 22 10.55 -29.85 18.23
C GLY B 22 10.67 -31.25 18.82
N VAL B 23 9.70 -31.60 19.66
CA VAL B 23 9.63 -32.92 20.24
C VAL B 23 9.54 -33.96 19.14
N ALA B 24 8.70 -33.68 18.16
CA ALA B 24 8.45 -34.55 17.03
C ALA B 24 9.71 -34.80 16.20
N GLU B 25 10.45 -33.74 15.86
CA GLU B 25 11.72 -33.85 15.11
C GLU B 25 12.72 -34.73 15.83
N LEU B 26 12.82 -34.53 17.15
CA LEU B 26 13.76 -35.24 17.98
C LEU B 26 13.42 -36.75 18.01
N THR B 27 12.15 -37.05 18.27
CA THR B 27 11.62 -38.41 18.31
C THR B 27 11.86 -39.15 17.00
N ARG B 28 11.48 -38.53 15.88
CA ARG B 28 11.76 -39.10 14.57
C ARG B 28 13.21 -39.47 14.40
N ARG B 29 14.12 -38.77 15.07
CA ARG B 29 15.54 -39.07 14.91
C ARG B 29 15.97 -40.08 15.95
N GLY B 30 15.00 -40.56 16.71
CA GLY B 30 15.23 -41.59 17.72
C GLY B 30 15.76 -41.15 19.06
N HIS B 31 15.59 -39.89 19.43
CA HIS B 31 15.99 -39.49 20.75
C HIS B 31 14.80 -39.55 21.66
N GLU B 32 15.03 -39.67 22.95
CA GLU B 32 13.95 -39.58 23.90
C GLU B 32 13.80 -38.17 24.38
N VAL B 33 12.56 -37.74 24.55
CA VAL B 33 12.31 -36.44 25.11
C VAL B 33 11.56 -36.57 26.42
N LEU B 34 12.19 -36.09 27.49
CA LEU B 34 11.57 -36.08 28.80
C LEU B 34 11.13 -34.67 29.10
N ILE B 35 9.88 -34.52 29.47
CA ILE B 35 9.35 -33.20 29.74
C ILE B 35 8.60 -33.27 31.05
N GLN B 36 8.83 -32.28 31.92
CA GLN B 36 8.21 -32.24 33.21
C GLN B 36 6.75 -31.89 33.05
N ALA B 37 5.88 -32.77 33.54
CA ALA B 37 4.44 -32.48 33.51
C ALA B 37 4.16 -31.01 33.84
N GLY B 38 3.36 -30.37 32.99
CA GLY B 38 2.94 -28.99 33.23
C GLY B 38 3.89 -27.92 32.68
N ALA B 39 5.07 -28.31 32.18
CA ALA B 39 6.07 -27.35 31.68
C ALA B 39 5.58 -26.35 30.59
N GLY B 40 4.60 -26.75 29.77
CA GLY B 40 4.17 -25.91 28.67
C GLY B 40 2.91 -25.10 28.94
N GLU B 41 2.39 -25.19 30.17
CA GLU B 41 1.12 -24.54 30.48
C GLU B 41 1.11 -23.05 30.29
N GLY B 42 2.17 -22.38 30.74
CA GLY B 42 2.29 -20.92 30.63
C GLY B 42 2.23 -20.44 29.18
N SER B 43 2.65 -21.31 28.25
CA SER B 43 2.67 -21.05 26.85
C SER B 43 1.50 -21.73 26.12
N ALA B 44 0.45 -22.09 26.88
CA ALA B 44 -0.74 -22.77 26.36
C ALA B 44 -0.47 -24.03 25.57
N ILE B 45 0.58 -24.77 25.92
CA ILE B 45 0.83 -26.10 25.38
C ILE B 45 0.52 -27.13 26.46
N THR B 46 -0.47 -28.00 26.23
CA THR B 46 -0.87 -28.98 27.27
C THR B 46 0.06 -30.18 27.25
N ASP B 47 0.06 -30.94 28.36
CA ASP B 47 0.75 -32.24 28.42
C ASP B 47 0.34 -33.15 27.27
N ALA B 48 -0.96 -33.15 26.94
CA ALA B 48 -1.52 -33.96 25.85
C ALA B 48 -0.81 -33.66 24.53
N ASP B 49 -0.70 -32.36 24.21
CA ASP B 49 0.01 -31.90 23.01
C ASP B 49 1.41 -32.52 22.95
N PHE B 50 2.12 -32.43 24.08
CA PHE B 50 3.45 -32.96 24.18
C PHE B 50 3.49 -34.50 24.02
N LYS B 51 2.57 -35.19 24.69
CA LYS B 51 2.42 -36.65 24.56
C LYS B 51 2.20 -37.05 23.10
N ALA B 52 1.23 -36.42 22.48
CA ALA B 52 0.94 -36.71 21.08
C ALA B 52 2.20 -36.68 20.20
N ALA B 53 3.14 -35.81 20.52
CA ALA B 53 4.30 -35.61 19.65
C ALA B 53 5.46 -36.51 20.00
N GLY B 54 5.26 -37.36 21.02
CA GLY B 54 6.23 -38.41 21.32
C GLY B 54 6.93 -38.24 22.66
N ALA B 55 6.51 -37.27 23.46
CA ALA B 55 7.28 -36.96 24.65
C ALA B 55 6.91 -37.88 25.79
N GLN B 56 7.88 -38.17 26.66
CA GLN B 56 7.60 -38.83 27.92
C GLN B 56 7.39 -37.82 28.98
N LEU B 57 6.20 -37.81 29.56
CA LEU B 57 5.91 -36.91 30.65
C LEU B 57 6.42 -37.45 31.96
N VAL B 58 6.91 -36.56 32.80
CA VAL B 58 7.63 -36.95 33.98
C VAL B 58 7.12 -36.08 35.09
N GLY B 59 6.82 -36.67 36.23
CA GLY B 59 6.20 -35.94 37.32
C GLY B 59 7.02 -34.90 38.03
N THR B 60 8.34 -35.04 38.09
CA THR B 60 9.15 -34.16 38.93
C THR B 60 10.34 -33.52 38.20
N ALA B 61 10.76 -32.35 38.67
CA ALA B 61 11.96 -31.70 38.13
C ALA B 61 13.20 -32.59 38.29
N ASP B 62 13.38 -33.15 39.50
CA ASP B 62 14.57 -33.96 39.83
C ASP B 62 14.80 -35.02 38.78
N GLN B 63 13.69 -35.55 38.32
CA GLN B 63 13.71 -36.66 37.41
C GLN B 63 14.14 -36.27 36.01
N VAL B 64 13.84 -35.03 35.60
CA VAL B 64 14.26 -34.52 34.30
C VAL B 64 15.75 -34.25 34.32
N TRP B 65 16.20 -33.59 35.39
CA TRP B 65 17.58 -33.17 35.57
C TRP B 65 18.61 -34.30 35.64
N ALA B 66 18.34 -35.30 36.47
CA ALA B 66 19.04 -36.59 36.40
C ALA B 66 18.33 -37.33 35.29
N ASP B 67 19.03 -38.07 34.43
CA ASP B 67 18.35 -38.72 33.28
C ASP B 67 18.60 -38.07 31.92
N ALA B 68 18.64 -36.74 31.87
CA ALA B 68 18.81 -36.02 30.61
C ALA B 68 20.28 -35.83 30.32
N ASP B 69 20.68 -36.12 29.09
CA ASP B 69 22.04 -35.88 28.65
C ASP B 69 22.14 -34.43 28.21
N LEU B 70 21.09 -33.94 27.56
CA LEU B 70 21.01 -32.60 27.01
C LEU B 70 19.84 -31.96 27.70
N LEU B 71 20.10 -30.91 28.47
CA LEU B 71 19.04 -30.20 29.18
C LEU B 71 18.74 -28.81 28.57
N LEU B 72 17.49 -28.62 28.12
CA LEU B 72 17.06 -27.40 27.45
C LEU B 72 16.28 -26.52 28.39
N LYS B 73 16.71 -25.27 28.54
CA LYS B 73 15.98 -24.32 29.40
C LYS B 73 15.78 -23.01 28.63
N VAL B 74 15.04 -22.08 29.22
CA VAL B 74 14.88 -20.74 28.70
C VAL B 74 15.76 -19.76 29.51
N LYS B 75 15.58 -19.74 30.83
CA LYS B 75 16.45 -18.92 31.68
C LYS B 75 17.59 -19.70 32.36
N GLU B 76 18.49 -18.94 32.97
CA GLU B 76 19.58 -19.50 33.71
C GLU B 76 19.08 -20.22 34.97
N PRO B 77 19.82 -21.24 35.43
CA PRO B 77 19.53 -21.95 36.65
C PRO B 77 19.45 -21.02 37.85
N ILE B 78 18.44 -21.25 38.67
CA ILE B 78 18.14 -20.42 39.81
C ILE B 78 18.78 -21.07 41.05
N ALA B 79 18.92 -20.33 42.14
CA ALA B 79 19.48 -20.88 43.39
C ALA B 79 18.99 -22.31 43.69
N ALA B 80 17.66 -22.47 43.81
CA ALA B 80 17.05 -23.76 44.13
C ALA B 80 17.43 -24.90 43.20
N GLU B 81 18.10 -24.59 42.09
CA GLU B 81 18.38 -25.60 41.05
C GLU B 81 19.84 -25.94 40.98
N TYR B 82 20.67 -25.14 41.63
CA TYR B 82 22.14 -25.39 41.68
C TYR B 82 22.48 -26.84 42.05
N GLY B 83 21.75 -27.37 43.03
CA GLY B 83 21.83 -28.77 43.40
C GLY B 83 21.64 -29.82 42.31
N ARG B 84 20.96 -29.47 41.22
CA ARG B 84 20.61 -30.47 40.21
C ARG B 84 21.59 -30.57 39.05
N LEU B 85 22.52 -29.61 38.96
CA LEU B 85 23.54 -29.56 37.92
C LEU B 85 24.46 -30.78 37.98
N ARG B 86 24.78 -31.36 36.85
CA ARG B 86 25.49 -32.65 36.82
C ARG B 86 26.70 -32.61 35.95
N HIS B 87 27.48 -33.70 35.98
CA HIS B 87 28.78 -33.71 35.31
C HIS B 87 28.75 -34.03 33.81
N GLY B 88 28.14 -35.13 33.41
CA GLY B 88 28.18 -35.49 31.99
C GLY B 88 26.97 -34.97 31.23
N GLN B 89 26.64 -33.70 31.48
CA GLN B 89 25.41 -33.14 30.98
C GLN B 89 25.65 -31.80 30.30
N ILE B 90 25.02 -31.66 29.13
CA ILE B 90 24.99 -30.45 28.35
C ILE B 90 23.79 -29.61 28.70
N LEU B 91 24.02 -28.37 29.11
CA LEU B 91 22.94 -27.45 29.40
C LEU B 91 22.96 -26.34 28.35
N PHE B 92 21.79 -26.06 27.75
CA PHE B 92 21.58 -25.10 26.65
C PHE B 92 20.48 -24.12 27.04
N THR B 93 20.80 -22.86 27.30
CA THR B 93 19.82 -21.88 27.81
C THR B 93 20.42 -20.46 27.75
N PHE B 94 19.63 -19.44 28.05
CA PHE B 94 20.19 -18.10 28.26
C PHE B 94 20.92 -18.13 29.58
N LEU B 95 22.21 -17.78 29.56
CA LEU B 95 23.01 -17.83 30.78
C LEU B 95 23.26 -16.46 31.45
N HIS B 96 23.81 -15.51 30.72
CA HIS B 96 24.18 -14.20 31.27
C HIS B 96 25.06 -14.37 32.49
N LEU B 97 26.13 -15.13 32.30
CA LEU B 97 27.05 -15.44 33.37
C LEU B 97 27.71 -14.21 33.97
N ALA B 98 28.06 -13.23 33.13
CA ALA B 98 28.59 -11.97 33.63
C ALA B 98 27.71 -11.30 34.73
N ALA B 99 26.40 -11.52 34.72
CA ALA B 99 25.48 -10.91 35.70
C ALA B 99 25.41 -11.63 37.02
N SER B 100 26.01 -12.81 37.08
CA SER B 100 25.90 -13.60 38.31
C SER B 100 27.14 -14.45 38.57
N ARG B 101 27.93 -14.05 39.55
CA ARG B 101 29.07 -14.84 39.96
C ARG B 101 28.60 -16.15 40.58
N ALA B 102 27.54 -16.06 41.39
CA ALA B 102 27.00 -17.26 42.07
C ALA B 102 26.69 -18.33 41.03
N CYS B 103 25.93 -17.95 40.00
CA CYS B 103 25.57 -18.87 38.93
C CYS B 103 26.77 -19.49 38.22
N THR B 104 27.75 -18.66 37.88
CA THR B 104 28.96 -19.13 37.20
C THR B 104 29.71 -20.14 38.05
N ASP B 105 29.81 -19.87 39.36
CA ASP B 105 30.47 -20.78 40.31
C ASP B 105 29.80 -22.12 40.33
N ALA B 106 28.48 -22.11 40.54
CA ALA B 106 27.65 -23.33 40.51
C ALA B 106 27.91 -24.17 39.25
N LEU B 107 28.01 -23.51 38.09
CA LEU B 107 28.27 -24.24 36.85
C LEU B 107 29.63 -24.90 36.80
N LEU B 108 30.68 -24.14 37.10
CA LEU B 108 32.05 -24.65 37.09
C LEU B 108 32.27 -25.70 38.18
N ASP B 109 31.69 -25.48 39.35
CA ASP B 109 31.76 -26.44 40.45
C ASP B 109 31.25 -27.81 40.10
N SER B 110 30.03 -27.88 39.58
CA SER B 110 29.42 -29.15 39.20
C SER B 110 30.03 -29.78 37.95
N GLY B 111 30.92 -29.08 37.28
CA GLY B 111 31.57 -29.59 36.07
C GLY B 111 30.68 -29.76 34.85
N THR B 112 29.52 -29.10 34.85
CA THR B 112 28.61 -29.28 33.77
C THR B 112 29.12 -28.55 32.56
N THR B 113 28.83 -29.10 31.38
CA THR B 113 29.21 -28.43 30.16
C THR B 113 28.01 -27.60 29.65
N SER B 114 28.18 -26.30 29.54
CA SER B 114 27.10 -25.38 29.25
C SER B 114 27.34 -24.48 28.01
N ILE B 115 26.26 -24.21 27.28
CA ILE B 115 26.29 -23.40 26.06
C ILE B 115 25.20 -22.35 26.15
N ALA B 116 25.56 -21.09 25.90
CA ALA B 116 24.69 -19.95 26.08
C ALA B 116 23.98 -19.58 24.78
N TYR B 117 22.66 -19.42 24.83
CA TYR B 117 21.94 -18.97 23.66
C TYR B 117 22.51 -17.66 23.15
N GLU B 118 22.84 -16.76 24.07
CA GLU B 118 23.05 -15.34 23.74
C GLU B 118 24.39 -15.06 23.10
N THR B 119 25.29 -16.04 23.11
CA THR B 119 26.57 -15.84 22.44
C THR B 119 26.77 -16.78 21.25
N VAL B 120 25.76 -17.55 20.91
CA VAL B 120 25.77 -18.24 19.63
C VAL B 120 25.75 -17.18 18.52
N GLN B 121 26.75 -17.22 17.66
CA GLN B 121 27.00 -16.15 16.71
C GLN B 121 27.51 -16.65 15.38
N THR B 122 26.84 -16.27 14.30
CA THR B 122 27.20 -16.70 12.95
C THR B 122 28.37 -15.85 12.39
N ALA B 123 29.01 -16.35 11.33
CA ALA B 123 30.21 -15.69 10.79
C ALA B 123 30.02 -14.17 10.49
N ASP B 124 28.84 -13.77 10.03
CA ASP B 124 28.51 -12.38 9.77
C ASP B 124 28.23 -11.56 11.05
N GLY B 125 28.41 -12.17 12.23
CA GLY B 125 28.22 -11.47 13.50
C GLY B 125 26.79 -11.41 14.03
N ALA B 126 25.83 -12.00 13.31
CA ALA B 126 24.47 -12.08 13.83
C ALA B 126 24.40 -12.97 15.08
N LEU B 127 23.50 -12.61 16.00
CA LEU B 127 23.17 -13.43 17.13
C LEU B 127 21.75 -13.99 16.93
N PRO B 128 21.66 -15.12 16.22
CA PRO B 128 20.41 -15.62 15.70
C PRO B 128 19.41 -16.03 16.77
N LEU B 129 19.86 -16.27 18.00
CA LEU B 129 18.95 -16.70 19.06
C LEU B 129 18.38 -15.56 19.88
N LEU B 130 19.04 -14.40 19.84
CA LEU B 130 18.50 -13.16 20.41
C LEU B 130 17.56 -12.43 19.51
N ALA B 131 17.83 -12.47 18.21
CA ALA B 131 17.00 -11.78 17.22
C ALA B 131 15.50 -11.95 17.45
N PRO B 132 15.01 -13.21 17.55
CA PRO B 132 13.55 -13.33 17.66
C PRO B 132 13.08 -12.58 18.89
N MET B 133 13.93 -12.49 19.89
CA MET B 133 13.54 -11.92 21.18
C MET B 133 13.47 -10.41 21.05
N SER B 134 14.29 -9.86 20.18
CA SER B 134 14.20 -8.44 19.84
C SER B 134 12.96 -8.10 19.02
N GLU B 135 12.51 -9.03 18.17
CA GLU B 135 11.34 -8.81 17.37
C GLU B 135 10.13 -8.74 18.28
N VAL B 136 10.06 -9.69 19.22
CA VAL B 136 8.96 -9.68 20.16
C VAL B 136 9.02 -8.38 20.95
N ALA B 137 10.17 -8.04 21.54
CA ALA B 137 10.24 -6.82 22.40
C ALA B 137 9.82 -5.54 21.68
N GLY B 138 10.32 -5.38 20.46
CA GLY B 138 9.97 -4.23 19.62
C GLY B 138 8.48 -4.12 19.40
N ARG B 139 7.85 -5.20 18.97
CA ARG B 139 6.42 -5.17 18.76
C ARG B 139 5.64 -4.94 20.06
N LEU B 140 6.09 -5.55 21.15
CA LEU B 140 5.44 -5.33 22.43
C LEU B 140 5.50 -3.90 22.90
N ALA B 141 6.63 -3.23 22.67
CA ALA B 141 6.85 -1.85 23.20
C ALA B 141 5.79 -0.91 22.70
N ALA B 142 5.42 -1.08 21.43
CA ALA B 142 4.43 -0.23 20.84
C ALA B 142 3.11 -0.47 21.50
N GLN B 143 2.76 -1.75 21.78
CA GLN B 143 1.49 -2.09 22.49
C GLN B 143 1.46 -1.55 23.92
N VAL B 144 2.51 -1.78 24.67
CA VAL B 144 2.50 -1.36 26.04
C VAL B 144 2.47 0.16 26.14
N GLY B 145 3.24 0.83 25.27
CA GLY B 145 3.25 2.30 25.27
C GLY B 145 1.88 2.88 24.98
N ALA B 146 1.16 2.27 24.03
CA ALA B 146 -0.16 2.76 23.64
C ALA B 146 -1.13 2.71 24.80
N TYR B 147 -1.06 1.60 25.53
CA TYR B 147 -1.92 1.35 26.69
C TYR B 147 -1.66 2.34 27.80
N HIS B 148 -0.40 2.57 28.14
CA HIS B 148 -0.03 3.41 29.27
C HIS B 148 -0.10 4.89 28.91
N LEU B 149 -0.38 5.18 27.66
CA LEU B 149 -0.64 6.55 27.26
C LEU B 149 -2.04 6.98 27.72
N MET B 150 -2.86 6.04 28.18
CA MET B 150 -4.20 6.37 28.65
C MET B 150 -4.14 7.15 29.99
N ARG B 151 -5.07 8.08 30.17
CA ARG B 151 -5.03 8.96 31.33
C ARG B 151 -5.23 8.15 32.59
N THR B 152 -5.98 7.12 32.38
CA THR B 152 -6.38 6.17 33.35
C THR B 152 -5.19 5.35 33.86
N GLN B 153 -4.04 5.43 33.19
CA GLN B 153 -2.83 4.75 33.64
C GLN B 153 -1.79 5.78 34.03
N GLY B 154 -2.19 7.04 34.09
CA GLY B 154 -1.26 8.12 34.35
C GLY B 154 -0.58 8.81 33.18
N GLY B 155 -0.88 8.36 31.95
CA GLY B 155 -0.28 8.99 30.77
C GLY B 155 -1.05 10.19 30.30
N ARG B 156 -0.49 10.88 29.32
CA ARG B 156 -1.03 12.12 28.74
C ARG B 156 -2.46 12.01 28.25
N GLY B 157 -2.93 10.81 27.96
CA GLY B 157 -4.31 10.59 27.49
C GLY B 157 -4.57 10.79 26.01
N VAL B 158 -3.63 10.36 25.17
CA VAL B 158 -3.81 10.45 23.73
C VAL B 158 -3.82 9.09 23.05
N LEU B 159 -4.71 8.96 22.08
CA LEU B 159 -4.88 7.75 21.30
C LEU B 159 -3.81 7.69 20.26
N MET B 160 -3.11 6.55 20.14
CA MET B 160 -2.08 6.40 19.10
C MET B 160 -2.43 7.06 17.77
N GLY B 161 -3.53 6.63 17.16
CA GLY B 161 -3.85 7.07 15.80
C GLY B 161 -4.71 8.30 15.65
N GLY B 162 -5.09 8.96 16.72
CA GLY B 162 -6.04 10.05 16.59
C GLY B 162 -7.37 9.53 16.06
N VAL B 163 -8.24 10.45 15.64
CA VAL B 163 -9.44 10.13 14.86
C VAL B 163 -9.51 11.24 13.83
N PRO B 164 -10.31 11.09 12.78
CA PRO B 164 -10.29 12.14 11.78
C PRO B 164 -10.48 13.55 12.37
N GLY B 165 -9.63 14.50 11.99
CA GLY B 165 -9.76 15.87 12.44
C GLY B 165 -8.90 16.16 13.67
N VAL B 166 -8.29 15.12 14.24
CA VAL B 166 -7.61 15.24 15.51
C VAL B 166 -6.20 14.63 15.42
N GLU B 167 -5.18 15.30 15.92
CA GLU B 167 -3.79 14.87 15.74
C GLU B 167 -3.49 13.43 16.31
N PRO B 168 -2.78 12.58 15.56
CA PRO B 168 -2.37 11.33 16.27
C PRO B 168 -1.18 11.55 17.25
N ALA B 169 -0.79 10.51 17.98
CA ALA B 169 0.33 10.62 18.87
C ALA B 169 1.63 10.71 18.09
N ASP B 170 2.58 11.39 18.71
CA ASP B 170 3.87 11.64 18.15
C ASP B 170 4.81 10.65 18.84
N VAL B 171 5.34 9.70 18.08
CA VAL B 171 6.12 8.64 18.69
C VAL B 171 7.56 8.69 18.20
N VAL B 172 8.52 8.66 19.11
CA VAL B 172 9.89 8.49 18.64
C VAL B 172 10.54 7.18 19.07
N VAL B 173 11.24 6.57 18.11
CA VAL B 173 11.91 5.34 18.41
C VAL B 173 13.39 5.66 18.27
N ILE B 174 14.17 5.41 19.32
CA ILE B 174 15.60 5.59 19.28
C ILE B 174 16.25 4.22 18.96
N GLY B 175 16.89 4.10 17.79
CA GLY B 175 17.52 2.86 17.37
C GLY B 175 16.80 2.25 16.20
N ALA B 176 17.49 1.97 15.11
CA ALA B 176 16.83 1.39 13.95
C ALA B 176 17.24 -0.05 13.71
N GLY B 177 17.61 -0.78 14.76
CA GLY B 177 17.93 -2.22 14.64
C GLY B 177 16.63 -3.01 14.63
N THR B 178 16.73 -4.32 14.90
CA THR B 178 15.62 -5.22 14.76
C THR B 178 14.49 -4.75 15.65
N ALA B 179 14.82 -4.42 16.89
CA ALA B 179 13.81 -4.00 17.87
C ALA B 179 13.17 -2.66 17.48
N GLY B 180 13.98 -1.72 17.01
CA GLY B 180 13.50 -0.40 16.62
C GLY B 180 12.64 -0.46 15.40
N TYR B 181 13.09 -1.23 14.41
CA TYR B 181 12.29 -1.46 13.23
C TYR B 181 10.90 -1.99 13.61
N ASN B 182 10.85 -2.96 14.52
CA ASN B 182 9.61 -3.62 14.86
C ASN B 182 8.68 -2.74 15.66
N ALA B 183 9.28 -1.94 16.55
CA ALA B 183 8.52 -1.01 17.34
C ALA B 183 7.89 0.02 16.39
N ALA B 184 8.71 0.55 15.47
CA ALA B 184 8.25 1.59 14.53
C ALA B 184 7.09 1.07 13.67
N ARG B 185 7.26 -0.13 13.13
CA ARG B 185 6.27 -0.77 12.30
C ARG B 185 4.89 -0.93 12.99
N ILE B 186 4.90 -1.41 14.23
CA ILE B 186 3.64 -1.55 14.94
C ILE B 186 3.07 -0.18 15.32
N ALA B 187 3.89 0.73 15.82
CA ALA B 187 3.42 2.08 16.14
C ALA B 187 2.76 2.72 14.92
N ASN B 188 3.44 2.62 13.79
CA ASN B 188 2.93 3.19 12.57
C ASN B 188 1.63 2.51 12.13
N GLY B 189 1.58 1.20 12.27
CA GLY B 189 0.33 0.47 12.00
C GLY B 189 -0.84 0.90 12.86
N MET B 190 -0.58 1.47 14.04
CA MET B 190 -1.62 1.94 14.94
C MET B 190 -2.03 3.38 14.60
N GLY B 191 -1.42 3.95 13.56
CA GLY B 191 -1.81 5.28 13.08
C GLY B 191 -1.02 6.42 13.72
N ALA B 192 0.00 6.13 14.53
CA ALA B 192 0.79 7.17 15.19
C ALA B 192 1.71 7.75 14.15
N THR B 193 2.14 8.99 14.31
CA THR B 193 3.22 9.47 13.48
C THR B 193 4.58 9.17 14.13
N VAL B 194 5.45 8.51 13.39
CA VAL B 194 6.63 7.85 13.98
C VAL B 194 7.91 8.37 13.38
N THR B 195 8.82 8.79 14.25
CA THR B 195 10.15 9.13 13.77
C THR B 195 11.17 8.21 14.42
N VAL B 196 12.08 7.68 13.64
CA VAL B 196 13.16 6.89 14.22
C VAL B 196 14.54 7.55 14.05
N LEU B 197 15.31 7.48 15.13
CA LEU B 197 16.62 8.11 15.19
C LEU B 197 17.70 7.05 15.30
N ASP B 198 18.73 7.21 14.50
CA ASP B 198 19.86 6.30 14.53
C ASP B 198 21.05 7.07 13.98
N ILE B 199 22.26 6.59 14.27
CA ILE B 199 23.43 7.21 13.67
C ILE B 199 23.87 6.52 12.39
N ASN B 200 23.21 5.44 12.07
CA ASN B 200 23.55 4.69 10.91
C ASN B 200 22.60 5.00 9.76
N ILE B 201 23.08 5.76 8.79
CA ILE B 201 22.20 6.30 7.77
C ILE B 201 21.71 5.20 6.86
N ASP B 202 22.47 4.12 6.74
CA ASP B 202 22.04 2.98 5.88
C ASP B 202 20.85 2.30 6.44
N LYS B 203 20.83 2.21 7.76
CA LYS B 203 19.65 1.75 8.49
C LYS B 203 18.46 2.67 8.27
N LEU B 204 18.69 3.97 8.26
CA LEU B 204 17.60 4.90 8.00
C LEU B 204 17.09 4.81 6.53
N ARG B 205 18.00 4.54 5.59
CA ARG B 205 17.62 4.31 4.22
C ARG B 205 16.68 3.10 4.06
N GLN B 206 16.98 1.99 4.75
CA GLN B 206 16.11 0.82 4.72
C GLN B 206 14.75 1.14 5.25
N LEU B 207 14.66 1.89 6.33
CA LEU B 207 13.36 2.24 6.84
C LEU B 207 12.59 3.18 5.94
N ASP B 208 13.31 4.05 5.24
CA ASP B 208 12.68 5.03 4.34
C ASP B 208 12.09 4.33 3.12
N ALA B 209 12.75 3.27 2.67
CA ALA B 209 12.36 2.54 1.46
C ALA B 209 11.14 1.71 1.80
N GLU B 210 11.26 0.96 2.89
CA GLU B 210 10.22 0.05 3.29
C GLU B 210 8.83 0.72 3.45
N PHE B 211 8.81 1.94 3.98
CA PHE B 211 7.52 2.56 4.26
C PHE B 211 7.21 3.76 3.37
N CYS B 212 7.86 3.83 2.21
CA CYS B 212 7.91 5.10 1.45
C CYS B 212 8.06 6.31 2.37
N GLY B 213 7.15 7.28 2.26
CA GLY B 213 7.27 8.40 3.21
C GLY B 213 6.92 8.15 4.68
N ARG B 214 6.17 7.08 4.95
CA ARG B 214 5.41 6.95 6.18
C ARG B 214 6.20 7.10 7.46
N ILE B 215 7.20 6.26 7.69
CA ILE B 215 8.02 6.42 8.89
C ILE B 215 9.12 7.46 8.66
N HIS B 216 9.12 8.53 9.45
CA HIS B 216 10.14 9.56 9.35
C HIS B 216 11.44 9.08 9.90
N THR B 217 12.54 9.57 9.38
CA THR B 217 13.84 9.18 9.91
C THR B 217 14.62 10.43 10.18
N ARG B 218 15.35 10.40 11.28
CA ARG B 218 16.21 11.49 11.60
C ARG B 218 17.58 11.07 12.12
N TYR B 219 18.62 11.79 11.65
CA TYR B 219 19.98 11.52 12.05
C TYR B 219 20.12 11.80 13.54
N SER B 220 20.73 10.87 14.26
CA SER B 220 20.73 10.96 15.70
C SER B 220 21.87 11.74 16.37
N SER B 221 21.98 13.02 16.10
CA SER B 221 22.87 13.86 16.90
C SER B 221 22.15 14.16 18.20
N ALA B 222 22.90 14.52 19.25
CA ALA B 222 22.30 14.83 20.56
C ALA B 222 21.30 15.97 20.46
N TYR B 223 21.58 16.86 19.54
CA TYR B 223 20.79 18.05 19.37
C TYR B 223 19.45 17.66 18.70
N GLU B 224 19.51 16.76 17.73
CA GLU B 224 18.33 16.33 17.01
C GLU B 224 17.51 15.39 17.90
N LEU B 225 18.19 14.56 18.68
CA LEU B 225 17.57 13.69 19.67
C LEU B 225 16.75 14.50 20.65
N GLU B 226 17.38 15.53 21.22
CA GLU B 226 16.70 16.42 22.14
C GLU B 226 15.46 17.04 21.59
N GLY B 227 15.57 17.62 20.40
CA GLY B 227 14.43 18.20 19.74
C GLY B 227 13.28 17.23 19.54
N ALA B 228 13.59 16.00 19.16
CA ALA B 228 12.58 14.99 18.90
C ALA B 228 11.90 14.50 20.19
N VAL B 229 12.70 14.24 21.22
CA VAL B 229 12.16 13.76 22.48
C VAL B 229 11.24 14.79 23.15
N LYS B 230 11.58 16.06 22.99
CA LYS B 230 10.85 17.11 23.67
C LYS B 230 9.42 17.20 23.17
N ARG B 231 9.17 16.86 21.91
CA ARG B 231 7.81 16.92 21.46
C ARG B 231 7.01 15.59 21.45
N ALA B 232 7.65 14.50 21.87
CA ALA B 232 7.07 13.18 21.73
C ALA B 232 6.04 12.88 22.81
N ASP B 233 4.97 12.16 22.45
CA ASP B 233 4.06 11.63 23.47
C ASP B 233 4.59 10.29 24.01
N LEU B 234 5.34 9.56 23.20
CA LEU B 234 5.78 8.23 23.52
C LEU B 234 7.20 8.08 22.98
N VAL B 235 8.11 7.58 23.81
CA VAL B 235 9.49 7.42 23.41
C VAL B 235 9.81 5.96 23.66
N ILE B 236 10.41 5.28 22.68
CA ILE B 236 10.78 3.89 22.81
C ILE B 236 12.30 3.78 22.65
N GLY B 237 12.97 3.37 23.72
CA GLY B 237 14.39 3.14 23.66
C GLY B 237 14.69 1.75 23.18
N ALA B 238 15.32 1.66 22.01
CA ALA B 238 15.50 0.41 21.32
C ALA B 238 16.92 0.20 20.91
N VAL B 239 17.85 0.88 21.56
CA VAL B 239 19.27 0.71 21.30
C VAL B 239 19.76 -0.48 22.12
N LEU B 240 19.80 -1.65 21.49
CA LEU B 240 20.33 -2.88 22.14
C LEU B 240 21.78 -3.16 21.72
N VAL B 241 22.73 -2.75 22.58
CA VAL B 241 24.16 -2.98 22.31
C VAL B 241 24.51 -4.47 22.55
N PRO B 242 24.65 -5.18 21.42
CA PRO B 242 24.96 -6.62 21.29
C PRO B 242 25.15 -7.42 22.61
N GLY B 243 26.31 -7.22 23.22
CA GLY B 243 26.64 -7.84 24.48
C GLY B 243 27.33 -6.89 25.46
N ALA B 244 27.36 -5.59 25.15
CA ALA B 244 27.92 -4.57 26.06
C ALA B 244 26.88 -4.05 27.08
N LYS B 245 26.84 -2.73 27.30
CA LYS B 245 26.08 -2.18 28.43
C LYS B 245 24.91 -1.25 28.04
N ALA B 246 24.87 -0.79 26.78
CA ALA B 246 23.79 0.10 26.31
C ALA B 246 23.95 1.53 26.81
N PRO B 247 24.15 2.49 25.89
CA PRO B 247 24.54 3.82 26.34
C PRO B 247 23.30 4.56 26.84
N LYS B 248 23.50 5.52 27.75
CA LYS B 248 22.37 6.31 28.29
C LYS B 248 22.15 7.50 27.38
N LEU B 249 21.09 7.46 26.58
CA LEU B 249 20.92 8.50 25.59
C LEU B 249 19.92 9.54 25.98
N VAL B 250 19.08 9.25 26.96
CA VAL B 250 18.09 10.23 27.42
C VAL B 250 18.39 10.53 28.89
N SER B 251 18.75 11.77 29.16
CA SER B 251 19.16 12.15 30.51
C SER B 251 17.94 12.62 31.29
N ASN B 252 18.05 12.59 32.63
CA ASN B 252 16.96 13.07 33.47
C ASN B 252 16.60 14.53 33.25
N SER B 253 17.63 15.32 32.96
CA SER B 253 17.39 16.72 32.73
C SER B 253 16.54 16.90 31.45
N LEU B 254 16.82 16.05 30.46
CA LEU B 254 16.02 16.05 29.27
C LEU B 254 14.58 15.62 29.57
N VAL B 255 14.37 14.53 30.34
CA VAL B 255 12.98 14.21 30.64
C VAL B 255 12.27 15.35 31.35
N ALA B 256 13.01 16.09 32.16
CA ALA B 256 12.43 17.21 32.87
C ALA B 256 11.82 18.23 31.92
N HIS B 257 12.22 18.21 30.65
CA HIS B 257 11.60 19.11 29.66
C HIS B 257 10.54 18.51 28.78
N MET B 258 10.18 17.24 29.01
CA MET B 258 9.20 16.56 28.17
C MET B 258 7.77 16.98 28.55
N LYS B 259 6.79 16.73 27.66
CA LYS B 259 5.38 17.06 27.94
C LYS B 259 4.91 16.29 29.15
N PRO B 260 4.07 16.88 30.00
CA PRO B 260 3.56 16.09 31.16
C PRO B 260 2.80 14.89 30.66
N GLY B 261 2.99 13.72 31.26
CA GLY B 261 2.23 12.52 30.86
C GLY B 261 2.81 11.71 29.70
N ALA B 262 3.96 12.14 29.17
CA ALA B 262 4.62 11.39 28.13
C ALA B 262 5.05 10.05 28.72
N VAL B 263 5.07 9.00 27.90
CA VAL B 263 5.52 7.69 28.37
C VAL B 263 6.78 7.25 27.68
N LEU B 264 7.70 6.69 28.46
CA LEU B 264 8.98 6.23 27.95
C LEU B 264 9.04 4.73 28.19
N VAL B 265 9.32 3.98 27.14
CA VAL B 265 9.47 2.53 27.23
C VAL B 265 10.92 2.10 26.96
N ASP B 266 11.54 1.42 27.91
CA ASP B 266 12.92 1.04 27.76
C ASP B 266 12.99 -0.42 27.47
N ILE B 267 13.18 -0.77 26.20
CA ILE B 267 13.37 -2.16 25.78
C ILE B 267 14.79 -2.61 26.17
N ALA B 268 15.67 -1.67 26.43
CA ALA B 268 17.05 -2.07 26.71
C ALA B 268 17.29 -2.37 28.18
N ILE B 269 16.22 -2.51 28.95
CA ILE B 269 16.27 -2.63 30.40
C ILE B 269 17.06 -3.83 30.96
N ASP B 270 16.75 -5.07 30.55
CA ASP B 270 17.73 -6.16 30.73
C ASP B 270 18.97 -5.60 30.05
N GLN B 271 20.17 -5.94 30.50
CA GLN B 271 21.37 -5.27 29.90
C GLN B 271 21.50 -3.72 30.13
N GLY B 272 20.83 -3.16 31.13
CA GLY B 272 21.22 -1.85 31.64
C GLY B 272 20.27 -0.67 31.44
N GLY B 273 19.50 -0.68 30.34
CA GLY B 273 18.55 0.40 30.03
C GLY B 273 19.27 1.47 29.23
N CYS B 274 18.51 2.32 28.57
CA CYS B 274 19.16 3.34 27.74
C CYS B 274 18.67 4.72 28.05
N PHE B 275 17.82 4.84 29.05
CA PHE B 275 17.54 6.13 29.66
C PHE B 275 18.25 6.20 31.00
N GLU B 276 18.63 7.43 31.39
CA GLU B 276 19.31 7.67 32.66
C GLU B 276 18.46 7.22 33.83
N GLY B 277 17.20 7.60 33.84
CA GLY B 277 16.31 7.26 34.94
C GLY B 277 15.80 5.83 35.01
N SER B 278 16.27 4.97 34.12
CA SER B 278 15.71 3.61 34.01
C SER B 278 16.13 2.72 35.13
N ARG B 279 15.23 1.81 35.46
CA ARG B 279 15.33 0.93 36.60
C ARG B 279 14.33 -0.24 36.36
N PRO B 280 14.79 -1.50 36.46
CA PRO B 280 13.93 -2.66 36.23
C PRO B 280 12.66 -2.65 37.10
N THR B 281 11.53 -2.91 36.47
CA THR B 281 10.23 -2.99 37.13
C THR B 281 9.62 -4.39 36.90
N THR B 282 8.45 -4.62 37.46
CA THR B 282 7.82 -5.94 37.43
C THR B 282 6.42 -5.81 36.85
N TYR B 283 5.84 -6.95 36.46
CA TYR B 283 4.56 -6.93 35.78
C TYR B 283 3.42 -6.30 36.60
N ASP B 284 3.43 -6.52 37.90
CA ASP B 284 2.42 -5.99 38.80
C ASP B 284 2.63 -4.48 39.08
N HIS B 285 3.89 -4.01 39.09
CA HIS B 285 4.15 -2.56 39.16
C HIS B 285 5.05 -2.13 38.04
N PRO B 286 4.45 -1.96 36.87
CA PRO B 286 5.23 -1.83 35.64
C PRO B 286 5.82 -0.43 35.41
N THR B 287 5.13 0.59 35.88
CA THR B 287 5.51 1.96 35.61
C THR B 287 5.91 2.72 36.89
N PHE B 288 6.69 3.79 36.74
CA PHE B 288 6.96 4.74 37.83
C PHE B 288 7.20 6.17 37.26
N ALA B 289 7.02 7.20 38.07
CA ALA B 289 7.19 8.58 37.61
C ALA B 289 8.65 9.07 37.66
N VAL B 290 9.03 9.83 36.65
CA VAL B 290 10.25 10.60 36.67
C VAL B 290 9.76 11.96 36.15
N HIS B 291 9.76 12.98 36.99
CA HIS B 291 9.43 14.34 36.55
C HIS B 291 8.16 14.42 35.75
N ASP B 292 7.02 13.98 36.25
CA ASP B 292 5.81 14.14 35.36
C ASP B 292 5.76 13.26 34.10
N THR B 293 6.78 12.45 33.86
CA THR B 293 6.67 11.47 32.80
C THR B 293 6.52 10.11 33.42
N LEU B 294 6.14 9.14 32.59
CA LEU B 294 5.85 7.81 33.04
C LEU B 294 6.82 6.86 32.37
N PHE B 295 7.61 6.12 33.15
CA PHE B 295 8.65 5.23 32.65
C PHE B 295 8.11 3.84 32.71
N TYR B 296 8.35 3.03 31.68
CA TYR B 296 7.89 1.65 31.68
C TYR B 296 9.11 0.78 31.41
N CYS B 297 9.46 -0.06 32.38
CA CYS B 297 10.78 -0.71 32.38
C CYS B 297 10.74 -2.15 32.77
N VAL B 298 9.70 -2.86 32.32
CA VAL B 298 9.52 -4.25 32.75
C VAL B 298 10.66 -5.11 32.24
N ALA B 299 11.27 -5.84 33.15
CA ALA B 299 12.33 -6.77 32.79
C ALA B 299 11.72 -7.98 32.11
N ASN B 300 12.45 -8.54 31.15
CA ASN B 300 12.13 -9.87 30.67
C ASN B 300 10.78 -9.86 29.95
N MET B 301 10.60 -8.81 29.14
CA MET B 301 9.35 -8.55 28.42
C MET B 301 8.81 -9.63 27.50
N PRO B 302 9.69 -10.28 26.72
CA PRO B 302 9.15 -11.33 25.85
C PRO B 302 8.40 -12.45 26.61
N ALA B 303 8.56 -12.56 27.92
CA ALA B 303 7.90 -13.62 28.65
C ALA B 303 6.38 -13.41 28.79
N SER B 304 5.91 -12.22 28.50
CA SER B 304 4.52 -11.95 28.71
C SER B 304 3.66 -12.31 27.53
N VAL B 305 4.29 -12.70 26.43
CA VAL B 305 3.55 -13.29 25.31
C VAL B 305 4.15 -14.65 24.97
N PRO B 306 4.11 -15.56 25.98
CA PRO B 306 4.77 -16.88 25.91
C PRO B 306 4.30 -17.77 24.76
N LYS B 307 3.02 -17.69 24.35
CA LYS B 307 2.63 -18.51 23.19
C LYS B 307 3.38 -18.08 21.92
N THR B 308 3.54 -16.77 21.72
CA THR B 308 4.38 -16.28 20.65
C THR B 308 5.85 -16.51 20.90
N SER B 309 6.36 -16.14 22.07
CA SER B 309 7.83 -16.13 22.18
C SER B 309 8.48 -17.47 22.40
N THR B 310 7.74 -18.43 22.94
CA THR B 310 8.24 -19.79 22.99
C THR B 310 8.53 -20.31 21.58
N TYR B 311 7.61 -20.09 20.65
CA TYR B 311 7.76 -20.59 19.31
C TYR B 311 8.84 -19.83 18.60
N ALA B 312 8.88 -18.51 18.78
CA ALA B 312 9.91 -17.68 18.10
C ALA B 312 11.30 -18.12 18.53
N LEU B 313 11.48 -18.31 19.83
CA LEU B 313 12.75 -18.80 20.36
C LEU B 313 13.08 -20.24 19.91
N THR B 314 12.14 -21.18 20.13
CA THR B 314 12.45 -22.60 19.84
C THR B 314 12.56 -22.85 18.35
N ASN B 315 11.91 -22.05 17.52
CA ASN B 315 12.14 -22.19 16.07
C ASN B 315 13.59 -21.87 15.77
N ALA B 316 14.12 -20.84 16.43
CA ALA B 316 15.51 -20.44 16.21
C ALA B 316 16.50 -21.46 16.76
N THR B 317 16.25 -21.98 17.97
CA THR B 317 17.16 -22.95 18.58
C THR B 317 17.16 -24.32 17.89
N MET B 318 16.05 -24.68 17.27
CA MET B 318 15.85 -26.05 16.81
C MET B 318 17.04 -26.68 16.10
N PRO B 319 17.54 -26.04 15.03
CA PRO B 319 18.61 -26.77 14.33
C PRO B 319 19.86 -26.97 15.21
N TYR B 320 20.10 -26.10 16.19
CA TYR B 320 21.24 -26.31 17.09
C TYR B 320 20.96 -27.46 18.04
N VAL B 321 19.73 -27.52 18.55
CA VAL B 321 19.28 -28.63 19.35
C VAL B 321 19.49 -29.96 18.62
N LEU B 322 19.09 -30.03 17.35
CA LEU B 322 19.24 -31.27 16.60
C LEU B 322 20.71 -31.68 16.47
N GLU B 323 21.57 -30.74 16.08
CA GLU B 323 22.97 -31.03 15.96
C GLU B 323 23.58 -31.52 17.27
N LEU B 324 23.20 -30.88 18.38
CA LEU B 324 23.67 -31.34 19.68
C LEU B 324 23.22 -32.77 19.98
N ALA B 325 21.93 -33.05 19.82
CA ALA B 325 21.38 -34.36 20.18
C ALA B 325 21.98 -35.48 19.32
N ASP B 326 22.18 -35.21 18.03
CA ASP B 326 22.71 -36.22 17.13
C ASP B 326 24.17 -36.47 17.31
N HIS B 327 24.96 -35.47 17.66
CA HIS B 327 26.41 -35.63 17.59
C HIS B 327 27.17 -35.43 18.87
N GLY B 328 26.48 -35.07 19.96
CA GLY B 328 27.14 -34.64 21.20
C GLY B 328 27.86 -33.29 21.05
N TRP B 329 28.20 -32.68 22.18
CA TRP B 329 28.67 -31.29 22.21
C TRP B 329 29.99 -31.00 21.44
N ARG B 330 31.05 -31.73 21.74
CA ARG B 330 32.27 -31.70 20.92
C ARG B 330 31.88 -32.36 19.63
N ALA B 331 32.26 -31.84 18.48
CA ALA B 331 31.71 -32.43 17.22
C ALA B 331 30.65 -31.53 16.65
N ALA B 332 29.54 -31.39 17.36
CA ALA B 332 28.61 -30.30 17.09
C ALA B 332 29.39 -28.99 17.05
N CYS B 333 30.11 -28.68 18.13
CA CYS B 333 30.91 -27.48 18.20
C CYS B 333 32.08 -27.47 17.24
N ARG B 334 32.61 -28.65 16.96
CA ARG B 334 33.69 -28.79 16.00
C ARG B 334 33.22 -28.58 14.55
N SER B 335 32.01 -29.01 14.23
CA SER B 335 31.39 -28.77 12.93
C SER B 335 30.82 -27.38 12.77
N ASN B 336 30.36 -26.77 13.86
CA ASN B 336 29.58 -25.55 13.80
C ASN B 336 30.12 -24.42 14.69
N PRO B 337 30.88 -23.50 14.08
CA PRO B 337 31.56 -22.44 14.81
C PRO B 337 30.60 -21.52 15.54
N ALA B 338 29.40 -21.35 15.01
CA ALA B 338 28.42 -20.50 15.64
C ALA B 338 28.08 -21.06 17.01
N LEU B 339 27.90 -22.37 17.05
CA LEU B 339 27.61 -23.08 18.27
C LEU B 339 28.80 -23.04 19.24
N ALA B 340 30.01 -23.16 18.72
CA ALA B 340 31.19 -23.06 19.58
C ALA B 340 31.37 -21.71 20.26
N LYS B 341 31.01 -20.60 19.60
CA LYS B 341 31.00 -19.30 20.26
C LYS B 341 30.09 -19.27 21.48
N GLY B 342 29.19 -20.22 21.60
CA GLY B 342 28.29 -20.28 22.73
C GLY B 342 28.82 -21.04 23.92
N LEU B 343 29.87 -21.83 23.70
CA LEU B 343 30.53 -22.62 24.76
C LEU B 343 30.96 -21.80 25.94
N SER B 344 30.56 -22.20 27.13
CA SER B 344 30.76 -21.34 28.29
C SER B 344 31.50 -22.07 29.40
N THR B 345 31.19 -23.34 29.54
CA THR B 345 31.59 -24.07 30.71
C THR B 345 31.79 -25.51 30.34
N HIS B 346 32.86 -26.11 30.84
CA HIS B 346 33.09 -27.56 30.71
C HIS B 346 34.05 -28.12 31.77
N GLU B 347 33.55 -29.03 32.60
CA GLU B 347 34.36 -29.65 33.65
C GLU B 347 35.23 -28.64 34.42
N GLY B 348 34.59 -27.67 35.06
CA GLY B 348 35.31 -26.70 35.86
C GLY B 348 36.01 -25.57 35.14
N ALA B 349 36.18 -25.68 33.82
CA ALA B 349 36.80 -24.61 33.02
C ALA B 349 35.81 -23.57 32.49
N LEU B 350 36.19 -22.30 32.53
CA LEU B 350 35.37 -21.23 32.00
C LEU B 350 35.87 -20.86 30.60
N LEU B 351 34.99 -20.90 29.61
CA LEU B 351 35.44 -20.85 28.21
C LEU B 351 35.14 -19.54 27.50
N SER B 352 34.63 -18.56 28.23
CA SER B 352 34.24 -17.29 27.67
C SER B 352 35.16 -16.17 28.14
N GLU B 353 35.84 -15.53 27.19
CA GLU B 353 36.71 -14.37 27.43
C GLU B 353 36.02 -13.16 28.09
N ARG B 354 34.97 -12.65 27.45
CA ARG B 354 34.22 -11.50 27.97
C ARG B 354 33.89 -11.72 29.43
N VAL B 355 33.48 -12.94 29.78
CA VAL B 355 33.00 -13.30 31.10
C VAL B 355 34.15 -13.48 32.09
N ALA B 356 35.18 -14.23 31.68
CA ALA B 356 36.38 -14.41 32.50
C ALA B 356 36.95 -13.10 32.97
N THR B 357 37.31 -12.25 32.02
CA THR B 357 37.83 -10.94 32.32
C THR B 357 36.93 -10.17 33.26
N ASP B 358 35.66 -10.18 32.90
CA ASP B 358 34.65 -9.32 33.45
C ASP B 358 34.25 -9.71 34.86
N LEU B 359 34.35 -11.01 35.13
CA LEU B 359 33.77 -11.57 36.33
C LEU B 359 34.92 -11.84 37.23
N GLY B 360 35.73 -10.83 37.44
CA GLY B 360 36.95 -11.04 38.20
C GLY B 360 37.72 -12.15 37.52
N VAL B 361 38.13 -13.13 38.30
CA VAL B 361 39.20 -14.01 37.91
C VAL B 361 38.94 -15.03 36.79
N PRO B 362 38.26 -16.12 37.13
CA PRO B 362 38.68 -17.47 36.74
C PRO B 362 39.86 -17.60 35.75
N PHE B 363 39.72 -17.04 34.56
CA PHE B 363 40.68 -17.32 33.48
C PHE B 363 40.09 -18.15 32.36
N THR B 364 40.33 -17.76 31.08
CA THR B 364 39.84 -18.49 29.88
C THR B 364 40.52 -19.85 29.75
N GLU B 365 39.94 -20.71 28.90
CA GLU B 365 40.65 -21.75 28.16
C GLU B 365 40.05 -21.77 26.77
N PRO B 366 40.78 -21.31 25.74
CA PRO B 366 40.10 -20.89 24.51
C PRO B 366 38.97 -21.85 24.03
N ALA B 367 39.32 -23.10 23.87
CA ALA B 367 38.56 -24.05 23.08
C ALA B 367 39.64 -24.85 22.38
N SER B 368 39.94 -25.95 23.04
CA SER B 368 41.12 -26.75 22.88
C SER B 368 40.78 -27.77 23.96
N VAL B 369 39.72 -27.46 24.72
CA VAL B 369 38.86 -28.47 25.29
C VAL B 369 38.21 -29.26 24.14
N LEU B 370 38.46 -28.84 22.90
CA LEU B 370 38.05 -29.60 21.71
C LEU B 370 39.24 -30.33 21.07
N ALA B 371 39.95 -31.11 21.91
CA ALA B 371 41.25 -31.76 21.60
C ALA B 371 41.41 -32.35 20.18
N MET C 1 33.82 -13.43 -35.79
CA MET C 1 33.14 -14.72 -35.35
C MET C 1 31.62 -14.73 -35.63
N ARG C 2 31.09 -15.93 -35.86
CA ARG C 2 29.75 -16.15 -36.42
C ARG C 2 28.85 -16.89 -35.41
N VAL C 3 27.64 -16.36 -35.21
CA VAL C 3 26.74 -16.88 -34.16
C VAL C 3 25.46 -17.39 -34.77
N GLY C 4 25.08 -18.59 -34.35
CA GLY C 4 23.93 -19.23 -34.93
C GLY C 4 22.87 -19.64 -33.93
N ILE C 5 21.63 -19.51 -34.36
CA ILE C 5 20.48 -19.87 -33.54
C ILE C 5 19.50 -20.68 -34.40
N PRO C 6 19.43 -21.99 -34.15
CA PRO C 6 18.43 -22.93 -34.70
C PRO C 6 17.06 -22.84 -34.01
N THR C 7 15.99 -23.16 -34.74
CA THR C 7 14.69 -23.36 -34.14
C THR C 7 14.83 -24.46 -33.08
N GLU C 8 14.05 -24.34 -32.03
CA GLU C 8 14.02 -25.36 -30.99
C GLU C 8 13.21 -26.57 -31.49
N THR C 9 13.76 -27.76 -31.38
CA THR C 9 13.16 -28.96 -31.99
C THR C 9 12.28 -29.77 -31.06
N LYS C 10 12.62 -29.77 -29.76
CA LYS C 10 11.85 -30.46 -28.71
C LYS C 10 10.39 -30.09 -28.76
N ASN C 11 9.50 -31.05 -28.58
CA ASN C 11 8.08 -30.77 -28.66
C ASN C 11 7.65 -29.85 -27.53
N ASN C 12 6.76 -28.92 -27.85
CA ASN C 12 6.31 -27.98 -26.83
C ASN C 12 7.50 -27.20 -26.15
N GLU C 13 8.55 -26.92 -26.89
CA GLU C 13 9.49 -25.93 -26.46
C GLU C 13 9.32 -24.77 -27.40
N PHE C 14 8.90 -23.62 -26.88
CA PHE C 14 8.53 -22.49 -27.72
C PHE C 14 9.54 -21.34 -27.73
N ARG C 15 10.57 -21.42 -26.90
CA ARG C 15 11.45 -20.28 -26.77
C ARG C 15 12.46 -20.25 -27.90
N VAL C 16 13.27 -19.20 -27.90
CA VAL C 16 14.36 -19.05 -28.86
C VAL C 16 15.53 -18.42 -28.10
N ALA C 17 16.78 -18.79 -28.41
CA ALA C 17 17.92 -18.37 -27.60
C ALA C 17 18.47 -16.95 -27.86
N ILE C 18 17.76 -16.13 -28.63
CA ILE C 18 18.20 -14.74 -28.89
C ILE C 18 16.96 -13.94 -29.26
N THR C 19 17.00 -12.62 -29.03
CA THR C 19 15.92 -11.71 -29.48
C THR C 19 16.54 -10.67 -30.41
N PRO C 20 15.69 -9.89 -31.14
CA PRO C 20 16.31 -8.83 -31.93
C PRO C 20 17.24 -7.98 -31.11
N ALA C 21 16.83 -7.55 -29.92
CA ALA C 21 17.75 -6.75 -29.11
C ALA C 21 19.16 -7.37 -29.06
N GLY C 22 19.25 -8.68 -28.84
CA GLY C 22 20.54 -9.40 -28.77
C GLY C 22 21.23 -9.46 -30.12
N VAL C 23 20.44 -9.64 -31.18
CA VAL C 23 21.01 -9.68 -32.54
C VAL C 23 21.67 -8.33 -32.84
N ALA C 24 20.93 -7.24 -32.54
CA ALA C 24 21.43 -5.85 -32.70
C ALA C 24 22.76 -5.65 -31.98
N GLU C 25 22.85 -6.09 -30.73
CA GLU C 25 24.10 -5.92 -29.99
C GLU C 25 25.28 -6.60 -30.70
N LEU C 26 25.03 -7.79 -31.24
CA LEU C 26 26.08 -8.64 -31.75
C LEU C 26 26.55 -8.05 -33.06
N THR C 27 25.55 -7.63 -33.85
CA THR C 27 25.71 -7.02 -35.16
C THR C 27 26.57 -5.76 -35.04
N ARG C 28 26.16 -4.80 -34.18
CA ARG C 28 26.96 -3.59 -33.99
C ARG C 28 28.40 -3.86 -33.52
N ARG C 29 28.68 -5.04 -32.97
CA ARG C 29 30.06 -5.38 -32.64
C ARG C 29 30.70 -6.15 -33.78
N GLY C 30 30.00 -6.18 -34.92
CA GLY C 30 30.50 -6.80 -36.15
C GLY C 30 30.51 -8.33 -36.19
N HIS C 31 29.61 -8.97 -35.47
CA HIS C 31 29.48 -10.42 -35.60
C HIS C 31 28.33 -10.79 -36.54
N GLU C 32 28.35 -12.01 -37.06
CA GLU C 32 27.33 -12.44 -38.04
C GLU C 32 26.36 -13.35 -37.36
N VAL C 33 25.11 -12.99 -37.47
CA VAL C 33 24.13 -13.76 -36.75
C VAL C 33 23.27 -14.48 -37.75
N LEU C 34 23.36 -15.81 -37.65
CA LEU C 34 22.61 -16.75 -38.48
C LEU C 34 21.40 -17.26 -37.69
N ILE C 35 20.21 -17.02 -38.19
CA ILE C 35 19.03 -17.52 -37.48
C ILE C 35 18.22 -18.37 -38.45
N GLN C 36 17.77 -19.53 -38.01
CA GLN C 36 16.95 -20.36 -38.88
C GLN C 36 15.54 -19.78 -39.06
N ALA C 37 15.11 -19.63 -40.29
CA ALA C 37 13.80 -19.04 -40.57
C ALA C 37 12.76 -19.72 -39.70
N GLY C 38 11.89 -18.91 -39.08
CA GLY C 38 10.79 -19.40 -38.22
C GLY C 38 11.14 -19.61 -36.76
N ALA C 39 12.43 -19.54 -36.43
CA ALA C 39 12.91 -19.84 -35.07
C ALA C 39 12.23 -19.06 -33.94
N GLY C 40 11.66 -17.89 -34.24
CA GLY C 40 11.16 -17.00 -33.21
C GLY C 40 9.66 -17.01 -33.12
N GLU C 41 9.04 -17.79 -33.97
CA GLU C 41 7.59 -17.84 -34.10
C GLU C 41 6.90 -18.15 -32.81
N GLY C 42 7.34 -19.22 -32.14
CA GLY C 42 6.73 -19.66 -30.88
C GLY C 42 6.69 -18.54 -29.85
N SER C 43 7.70 -17.67 -29.91
CA SER C 43 7.85 -16.53 -29.01
C SER C 43 7.29 -15.22 -29.59
N ALA C 44 6.42 -15.31 -30.57
CA ALA C 44 5.90 -14.15 -31.35
C ALA C 44 6.97 -13.18 -31.86
N ILE C 45 8.14 -13.67 -32.23
CA ILE C 45 9.15 -12.85 -32.92
C ILE C 45 9.18 -13.30 -34.40
N THR C 46 8.87 -12.39 -35.33
CA THR C 46 8.82 -12.75 -36.76
C THR C 46 10.22 -12.72 -37.36
N ASP C 47 10.38 -13.35 -38.51
CA ASP C 47 11.66 -13.29 -39.19
C ASP C 47 11.98 -11.84 -39.58
N ALA C 48 10.92 -11.07 -39.93
CA ALA C 48 11.08 -9.64 -40.25
C ALA C 48 11.78 -8.92 -39.07
N ASP C 49 11.24 -9.10 -37.84
CA ASP C 49 11.86 -8.50 -36.65
C ASP C 49 13.34 -8.88 -36.57
N PHE C 50 13.68 -10.14 -36.82
CA PHE C 50 15.08 -10.55 -36.74
C PHE C 50 15.89 -9.89 -37.82
N LYS C 51 15.32 -9.84 -39.03
CA LYS C 51 16.05 -9.26 -40.17
C LYS C 51 16.28 -7.75 -39.97
N ALA C 52 15.23 -7.02 -39.58
CA ALA C 52 15.40 -5.62 -39.18
C ALA C 52 16.60 -5.41 -38.24
N ALA C 53 16.88 -6.35 -37.32
CA ALA C 53 17.95 -6.12 -36.34
C ALA C 53 19.32 -6.56 -36.84
N GLY C 54 19.39 -6.98 -38.09
CA GLY C 54 20.69 -7.31 -38.69
C GLY C 54 20.97 -8.80 -38.87
N ALA C 55 19.96 -9.65 -38.62
CA ALA C 55 20.16 -11.10 -38.75
C ALA C 55 20.11 -11.62 -40.22
N GLN C 56 20.96 -12.61 -40.50
CA GLN C 56 20.88 -13.40 -41.73
C GLN C 56 19.94 -14.60 -41.50
N LEU C 57 18.79 -14.55 -42.17
CA LEU C 57 17.82 -15.62 -42.17
C LEU C 57 18.27 -16.79 -43.08
N VAL C 58 18.10 -18.01 -42.62
CA VAL C 58 18.75 -19.17 -43.22
C VAL C 58 17.67 -20.25 -43.23
N GLY C 59 17.51 -20.96 -44.35
CA GLY C 59 16.37 -21.84 -44.57
C GLY C 59 16.36 -23.18 -43.83
N THR C 60 17.55 -23.73 -43.52
CA THR C 60 17.60 -25.04 -42.83
C THR C 60 18.42 -25.05 -41.55
N ALA C 61 18.11 -26.04 -40.73
CA ALA C 61 18.83 -26.27 -39.52
C ALA C 61 20.31 -26.60 -39.77
N ASP C 62 20.60 -27.51 -40.71
CA ASP C 62 22.00 -27.92 -40.92
C ASP C 62 22.87 -26.76 -41.34
N GLN C 63 22.26 -25.80 -42.03
CA GLN C 63 22.95 -24.61 -42.50
C GLN C 63 23.43 -23.77 -41.34
N VAL C 64 22.63 -23.73 -40.27
CA VAL C 64 23.00 -23.01 -39.05
C VAL C 64 24.11 -23.77 -38.29
N TRP C 65 23.90 -25.06 -38.05
CA TRP C 65 24.85 -25.85 -37.25
C TRP C 65 26.28 -25.96 -37.86
N ALA C 66 26.41 -26.26 -39.14
CA ALA C 66 27.68 -25.99 -39.83
C ALA C 66 27.62 -24.50 -40.21
N ASP C 67 28.75 -23.78 -40.15
CA ASP C 67 28.73 -22.29 -40.39
C ASP C 67 28.79 -21.41 -39.11
N ALA C 68 28.22 -21.90 -38.00
CA ALA C 68 28.17 -21.13 -36.75
C ALA C 68 29.33 -21.53 -35.87
N ASP C 69 30.06 -20.52 -35.38
CA ASP C 69 31.19 -20.80 -34.46
C ASP C 69 30.69 -20.96 -33.05
N LEU C 70 29.76 -20.07 -32.67
CA LEU C 70 29.03 -20.18 -31.40
C LEU C 70 27.57 -20.46 -31.69
N LEU C 71 27.10 -21.56 -31.11
CA LEU C 71 25.73 -21.99 -31.31
C LEU C 71 24.94 -21.80 -30.01
N LEU C 72 23.87 -21.03 -30.11
CA LEU C 72 23.00 -20.70 -28.98
C LEU C 72 21.69 -21.48 -29.01
N LYS C 73 21.40 -22.20 -27.94
CA LYS C 73 20.12 -22.91 -27.84
C LYS C 73 19.48 -22.65 -26.49
N VAL C 74 18.29 -23.22 -26.33
CA VAL C 74 17.55 -23.14 -25.10
C VAL C 74 17.58 -24.51 -24.39
N LYS C 75 17.29 -25.58 -25.12
CA LYS C 75 17.38 -26.92 -24.55
C LYS C 75 18.59 -27.73 -25.06
N GLU C 76 18.78 -28.88 -24.43
CA GLU C 76 19.81 -29.86 -24.81
C GLU C 76 19.58 -30.39 -26.23
N PRO C 77 20.67 -30.69 -26.98
CA PRO C 77 20.53 -31.32 -28.32
C PRO C 77 19.76 -32.64 -28.19
N ILE C 78 18.83 -32.83 -29.10
CA ILE C 78 17.94 -33.97 -29.09
C ILE C 78 18.56 -35.07 -30.01
N ALA C 79 18.06 -36.30 -29.93
CA ALA C 79 18.53 -37.43 -30.78
C ALA C 79 18.85 -36.99 -32.23
N ALA C 80 17.79 -36.53 -32.89
CA ALA C 80 17.84 -36.06 -34.28
C ALA C 80 18.92 -35.00 -34.61
N GLU C 81 19.59 -34.49 -33.57
CA GLU C 81 20.52 -33.34 -33.69
C GLU C 81 21.97 -33.76 -33.49
N TYR C 82 22.17 -34.94 -32.86
CA TYR C 82 23.52 -35.44 -32.51
C TYR C 82 24.46 -35.44 -33.71
N GLY C 83 23.90 -35.80 -34.87
CA GLY C 83 24.58 -35.72 -36.17
C GLY C 83 25.15 -34.35 -36.55
N ARG C 84 24.61 -33.28 -35.95
CA ARG C 84 24.98 -31.91 -36.34
C ARG C 84 26.14 -31.27 -35.52
N LEU C 85 26.47 -31.91 -34.39
CA LEU C 85 27.51 -31.45 -33.45
C LEU C 85 28.89 -31.49 -34.10
N ARG C 86 29.70 -30.46 -33.87
CA ARG C 86 30.92 -30.26 -34.64
C ARG C 86 32.15 -29.99 -33.75
N HIS C 87 33.34 -29.94 -34.36
CA HIS C 87 34.57 -29.92 -33.59
C HIS C 87 34.98 -28.54 -33.09
N GLY C 88 35.06 -27.55 -33.99
CA GLY C 88 35.57 -26.21 -33.61
C GLY C 88 34.46 -25.26 -33.23
N GLN C 89 33.51 -25.77 -32.45
CA GLN C 89 32.23 -25.09 -32.23
C GLN C 89 31.87 -25.05 -30.76
N ILE C 90 31.52 -23.84 -30.31
CA ILE C 90 31.04 -23.59 -28.94
C ILE C 90 29.52 -23.70 -28.89
N LEU C 91 29.04 -24.58 -28.01
CA LEU C 91 27.58 -24.77 -27.77
C LEU C 91 27.20 -24.25 -26.39
N PHE C 92 26.19 -23.38 -26.33
CA PHE C 92 25.80 -22.72 -25.08
C PHE C 92 24.28 -22.89 -24.93
N THR C 93 23.88 -23.71 -23.97
CA THR C 93 22.45 -24.00 -23.74
C THR C 93 22.22 -24.66 -22.37
N PHE C 94 20.96 -24.90 -22.01
CA PHE C 94 20.65 -25.79 -20.87
C PHE C 94 21.00 -27.24 -21.24
N LEU C 95 21.91 -27.85 -20.48
CA LEU C 95 22.41 -29.18 -20.82
C LEU C 95 21.78 -30.28 -19.98
N HIS C 96 21.97 -30.20 -18.67
CA HIS C 96 21.56 -31.29 -17.75
C HIS C 96 22.14 -32.63 -18.21
N LEU C 97 23.48 -32.66 -18.34
CA LEU C 97 24.20 -33.83 -18.83
C LEU C 97 24.00 -35.04 -17.90
N ALA C 98 23.95 -34.75 -16.58
CA ALA C 98 23.56 -35.73 -15.55
C ALA C 98 22.34 -36.60 -15.94
N ALA C 99 21.33 -36.01 -16.58
CA ALA C 99 20.09 -36.76 -16.85
C ALA C 99 20.08 -37.55 -18.16
N SER C 100 21.18 -37.48 -18.94
CA SER C 100 21.27 -38.21 -20.21
C SER C 100 22.71 -38.62 -20.55
N ARG C 101 22.97 -39.91 -20.32
CA ARG C 101 24.26 -40.49 -20.69
C ARG C 101 24.42 -40.32 -22.21
N ALA C 102 23.33 -40.61 -22.96
CA ALA C 102 23.30 -40.56 -24.43
C ALA C 102 23.81 -39.21 -24.97
N CYS C 103 23.17 -38.15 -24.44
CA CYS C 103 23.54 -36.76 -24.67
C CYS C 103 25.04 -36.49 -24.44
N THR C 104 25.50 -36.89 -23.25
CA THR C 104 26.87 -36.67 -22.83
C THR C 104 27.85 -37.26 -23.85
N ASP C 105 27.55 -38.51 -24.23
CA ASP C 105 28.34 -39.27 -25.20
C ASP C 105 28.49 -38.52 -26.49
N ALA C 106 27.34 -38.18 -27.07
CA ALA C 106 27.30 -37.44 -28.31
C ALA C 106 28.22 -36.23 -28.27
N LEU C 107 28.25 -35.57 -27.10
CA LEU C 107 28.98 -34.33 -26.87
C LEU C 107 30.49 -34.53 -26.93
N LEU C 108 30.97 -35.49 -26.13
CA LEU C 108 32.41 -35.83 -26.09
C LEU C 108 32.89 -36.48 -27.39
N ASP C 109 32.05 -37.36 -27.96
CA ASP C 109 32.31 -38.01 -29.26
C ASP C 109 32.68 -37.04 -30.38
N SER C 110 31.84 -36.01 -30.54
CA SER C 110 32.00 -35.04 -31.62
C SER C 110 33.05 -33.96 -31.29
N GLY C 111 33.58 -34.01 -30.06
CA GLY C 111 34.64 -33.09 -29.62
C GLY C 111 34.21 -31.64 -29.52
N THR C 112 32.90 -31.45 -29.41
CA THR C 112 32.33 -30.10 -29.28
C THR C 112 32.69 -29.48 -27.93
N THR C 113 33.01 -28.20 -27.94
CA THR C 113 33.24 -27.52 -26.66
C THR C 113 31.91 -26.84 -26.23
N SER C 114 31.33 -27.36 -25.15
CA SER C 114 30.01 -26.91 -24.69
C SER C 114 29.98 -26.33 -23.27
N ILE C 115 29.19 -25.26 -23.09
CA ILE C 115 29.01 -24.61 -21.79
C ILE C 115 27.53 -24.61 -21.40
N ALA C 116 27.24 -24.95 -20.14
CA ALA C 116 25.86 -25.16 -19.72
C ALA C 116 25.32 -23.97 -18.93
N TYR C 117 24.13 -23.49 -19.33
CA TYR C 117 23.52 -22.33 -18.69
C TYR C 117 23.39 -22.53 -17.18
N GLU C 118 23.06 -23.75 -16.77
CA GLU C 118 22.58 -23.96 -15.39
C GLU C 118 23.67 -24.13 -14.38
N THR C 119 24.92 -24.19 -14.85
CA THR C 119 26.11 -24.23 -13.96
C THR C 119 26.87 -22.90 -13.94
N VAL C 120 26.50 -21.96 -14.81
CA VAL C 120 27.11 -20.63 -14.73
C VAL C 120 26.81 -20.07 -13.33
N GLN C 121 27.87 -19.80 -12.55
CA GLN C 121 27.73 -19.43 -11.14
C GLN C 121 28.66 -18.30 -10.78
N THR C 122 28.08 -17.25 -10.19
CA THR C 122 28.86 -16.08 -9.73
C THR C 122 29.53 -16.35 -8.35
N ALA C 123 30.56 -15.56 -8.03
CA ALA C 123 31.37 -15.76 -6.79
C ALA C 123 30.51 -16.00 -5.51
N ASP C 124 29.40 -15.26 -5.41
CA ASP C 124 28.43 -15.37 -4.30
C ASP C 124 27.52 -16.63 -4.36
N GLY C 125 27.75 -17.53 -5.32
CA GLY C 125 26.97 -18.78 -5.44
C GLY C 125 25.63 -18.67 -6.18
N ALA C 126 25.22 -17.46 -6.58
CA ALA C 126 24.04 -17.29 -7.46
C ALA C 126 24.22 -17.98 -8.83
N LEU C 127 23.11 -18.49 -9.33
CA LEU C 127 23.04 -19.10 -10.64
C LEU C 127 22.22 -18.15 -11.51
N PRO C 128 22.84 -17.09 -12.04
CA PRO C 128 22.04 -16.05 -12.67
C PRO C 128 21.29 -16.41 -13.94
N LEU C 129 21.59 -17.55 -14.57
CA LEU C 129 20.77 -17.89 -15.74
C LEU C 129 19.55 -18.78 -15.41
N LEU C 130 19.57 -19.42 -14.23
CA LEU C 130 18.39 -20.14 -13.71
C LEU C 130 17.35 -19.22 -13.07
N ALA C 131 17.84 -18.18 -12.38
CA ALA C 131 17.02 -17.19 -11.65
C ALA C 131 15.78 -16.75 -12.45
N PRO C 132 15.98 -16.26 -13.69
CA PRO C 132 14.79 -15.77 -14.37
C PRO C 132 13.77 -16.88 -14.68
N MET C 133 14.28 -18.12 -14.84
CA MET C 133 13.36 -19.24 -15.06
C MET C 133 12.59 -19.54 -13.80
N SER C 134 13.23 -19.35 -12.65
CA SER C 134 12.53 -19.47 -11.37
C SER C 134 11.44 -18.43 -11.17
N GLU C 135 11.74 -17.20 -11.54
CA GLU C 135 10.75 -16.15 -11.40
C GLU C 135 9.52 -16.49 -12.25
N VAL C 136 9.76 -16.89 -13.50
CA VAL C 136 8.66 -17.28 -14.35
C VAL C 136 7.90 -18.42 -13.73
N ALA C 137 8.61 -19.47 -13.30
CA ALA C 137 7.91 -20.63 -12.77
C ALA C 137 7.02 -20.27 -11.61
N GLY C 138 7.53 -19.45 -10.69
CA GLY C 138 6.85 -19.16 -9.45
C GLY C 138 5.57 -18.41 -9.75
N ARG C 139 5.67 -17.42 -10.62
CA ARG C 139 4.53 -16.65 -11.04
C ARG C 139 3.50 -17.50 -11.75
N LEU C 140 3.95 -18.41 -12.61
CA LEU C 140 3.08 -19.35 -13.31
C LEU C 140 2.29 -20.24 -12.38
N ALA C 141 2.99 -20.79 -11.39
CA ALA C 141 2.40 -21.75 -10.46
C ALA C 141 1.11 -21.19 -9.89
N ALA C 142 1.13 -19.92 -9.46
CA ALA C 142 -0.06 -19.31 -8.87
C ALA C 142 -1.22 -19.24 -9.85
N GLN C 143 -0.93 -18.90 -11.12
CA GLN C 143 -1.96 -18.88 -12.16
C GLN C 143 -2.55 -20.28 -12.49
N VAL C 144 -1.70 -21.28 -12.65
CA VAL C 144 -2.19 -22.60 -12.99
C VAL C 144 -2.93 -23.23 -11.82
N GLY C 145 -2.43 -23.01 -10.61
CA GLY C 145 -3.15 -23.47 -9.41
C GLY C 145 -4.53 -22.87 -9.33
N ALA C 146 -4.64 -21.56 -9.54
CA ALA C 146 -5.96 -20.88 -9.54
C ALA C 146 -6.93 -21.51 -10.48
N TYR C 147 -6.45 -21.82 -11.68
CA TYR C 147 -7.28 -22.33 -12.76
C TYR C 147 -7.80 -23.71 -12.41
N HIS C 148 -6.90 -24.58 -11.96
CA HIS C 148 -7.23 -25.96 -11.70
C HIS C 148 -7.97 -26.14 -10.44
N LEU C 149 -8.19 -25.06 -9.72
CA LEU C 149 -8.94 -25.12 -8.50
C LEU C 149 -10.45 -25.07 -8.81
N MET C 150 -10.80 -24.78 -10.05
CA MET C 150 -12.23 -24.81 -10.47
C MET C 150 -12.77 -26.22 -10.55
N ARG C 151 -14.00 -26.44 -10.08
CA ARG C 151 -14.63 -27.78 -10.11
C ARG C 151 -14.60 -28.42 -11.49
N THR C 152 -14.77 -27.57 -12.46
CA THR C 152 -14.75 -27.87 -13.87
C THR C 152 -13.45 -28.57 -14.30
N GLN C 153 -12.39 -28.41 -13.53
CA GLN C 153 -11.13 -29.06 -13.82
C GLN C 153 -10.81 -30.14 -12.81
N GLY C 154 -11.76 -30.49 -11.96
CA GLY C 154 -11.48 -31.43 -10.92
C GLY C 154 -11.10 -30.88 -9.56
N GLY C 155 -10.81 -29.57 -9.44
CA GLY C 155 -10.46 -29.01 -8.12
C GLY C 155 -11.65 -28.82 -7.21
N ARG C 156 -11.40 -28.44 -5.96
CA ARG C 156 -12.51 -28.30 -5.03
C ARG C 156 -13.46 -27.15 -5.31
N GLY C 157 -13.10 -26.24 -6.20
CA GLY C 157 -14.04 -25.22 -6.65
C GLY C 157 -14.12 -23.97 -5.79
N VAL C 158 -12.96 -23.49 -5.37
CA VAL C 158 -12.91 -22.21 -4.68
C VAL C 158 -12.14 -21.18 -5.51
N LEU C 159 -12.65 -19.95 -5.52
CA LEU C 159 -12.04 -18.83 -6.15
C LEU C 159 -10.85 -18.31 -5.30
N MET C 160 -9.72 -18.00 -5.91
CA MET C 160 -8.58 -17.56 -5.10
C MET C 160 -8.90 -16.52 -4.01
N GLY C 161 -9.54 -15.42 -4.39
CA GLY C 161 -9.73 -14.32 -3.48
C GLY C 161 -11.08 -14.25 -2.78
N GLY C 162 -11.94 -15.24 -3.00
CA GLY C 162 -13.27 -15.17 -2.43
C GLY C 162 -14.00 -13.98 -3.03
N VAL C 163 -15.09 -13.57 -2.37
CA VAL C 163 -15.75 -12.30 -2.65
C VAL C 163 -16.22 -11.84 -1.29
N PRO C 164 -16.62 -10.56 -1.19
CA PRO C 164 -16.96 -10.09 0.15
C PRO C 164 -17.87 -11.02 0.88
N GLY C 165 -17.57 -11.31 2.13
CA GLY C 165 -18.48 -12.10 2.98
C GLY C 165 -18.18 -13.59 2.94
N VAL C 166 -17.30 -13.99 2.02
CA VAL C 166 -16.98 -15.38 1.75
C VAL C 166 -15.45 -15.57 1.75
N GLU C 167 -14.99 -16.59 2.46
CA GLU C 167 -13.60 -16.93 2.63
C GLU C 167 -12.77 -17.03 1.37
N PRO C 168 -11.55 -16.46 1.35
CA PRO C 168 -10.74 -16.78 0.14
C PRO C 168 -10.05 -18.15 0.25
N ALA C 169 -9.33 -18.53 -0.80
CA ALA C 169 -8.54 -19.77 -0.79
C ALA C 169 -7.41 -19.67 0.22
N ASP C 170 -7.07 -20.82 0.81
CA ASP C 170 -5.92 -20.97 1.68
C ASP C 170 -4.80 -21.51 0.84
N VAL C 171 -3.77 -20.72 0.60
CA VAL C 171 -2.63 -21.19 -0.18
C VAL C 171 -1.36 -21.38 0.67
N VAL C 172 -0.66 -22.50 0.49
CA VAL C 172 0.60 -22.62 1.11
C VAL C 172 1.71 -22.87 0.13
N VAL C 173 2.79 -22.13 0.30
CA VAL C 173 3.93 -22.17 -0.54
C VAL C 173 5.07 -22.73 0.30
N ILE C 174 5.66 -23.83 -0.17
CA ILE C 174 6.78 -24.43 0.55
C ILE C 174 8.04 -23.99 -0.15
N GLY C 175 8.84 -23.20 0.56
CA GLY C 175 10.08 -22.66 0.00
C GLY C 175 10.01 -21.15 -0.21
N ALA C 176 10.99 -20.44 0.34
CA ALA C 176 10.99 -18.99 0.31
C ALA C 176 12.09 -18.41 -0.56
N GLY C 177 12.61 -19.18 -1.49
CA GLY C 177 13.56 -18.68 -2.47
C GLY C 177 12.87 -17.94 -3.60
N THR C 178 13.56 -17.73 -4.70
CA THR C 178 13.01 -16.89 -5.76
C THR C 178 11.69 -17.39 -6.29
N ALA C 179 11.55 -18.71 -6.50
CA ALA C 179 10.28 -19.26 -7.00
C ALA C 179 9.19 -19.09 -5.96
N GLY C 180 9.52 -19.41 -4.72
CA GLY C 180 8.55 -19.33 -3.64
C GLY C 180 8.07 -17.93 -3.45
N TYR C 181 9.01 -17.00 -3.45
CA TYR C 181 8.65 -15.62 -3.30
C TYR C 181 7.70 -15.19 -4.40
N ASN C 182 7.99 -15.60 -5.63
CA ASN C 182 7.14 -15.14 -6.75
C ASN C 182 5.77 -15.77 -6.78
N ALA C 183 5.66 -17.07 -6.41
CA ALA C 183 4.34 -17.70 -6.31
C ALA C 183 3.55 -16.98 -5.23
N ALA C 184 4.15 -16.78 -4.05
CA ALA C 184 3.43 -16.17 -2.93
C ALA C 184 2.93 -14.78 -3.28
N ARG C 185 3.77 -14.01 -3.95
CA ARG C 185 3.41 -12.67 -4.39
C ARG C 185 2.23 -12.71 -5.36
N ILE C 186 2.25 -13.57 -6.36
CA ILE C 186 1.05 -13.58 -7.23
C ILE C 186 -0.22 -14.09 -6.57
N ALA C 187 -0.13 -15.20 -5.84
CA ALA C 187 -1.26 -15.72 -5.06
C ALA C 187 -1.85 -14.64 -4.17
N ASN C 188 -0.99 -13.90 -3.46
CA ASN C 188 -1.48 -12.86 -2.59
C ASN C 188 -2.16 -11.80 -3.41
N GLY C 189 -1.55 -11.43 -4.53
CA GLY C 189 -2.18 -10.48 -5.44
C GLY C 189 -3.58 -10.89 -5.88
N MET C 190 -3.86 -12.20 -5.91
CA MET C 190 -5.15 -12.64 -6.41
C MET C 190 -6.14 -12.77 -5.26
N GLY C 191 -5.70 -12.31 -4.08
CA GLY C 191 -6.60 -12.18 -2.94
C GLY C 191 -6.64 -13.37 -2.02
N ALA C 192 -5.86 -14.40 -2.29
CA ALA C 192 -5.84 -15.58 -1.47
C ALA C 192 -5.04 -15.32 -0.18
N THR C 193 -5.30 -16.08 0.87
CA THR C 193 -4.49 -15.99 2.06
C THR C 193 -3.29 -16.95 1.99
N VAL C 194 -2.10 -16.42 2.14
CA VAL C 194 -0.90 -17.16 1.75
C VAL C 194 0.00 -17.36 2.92
N THR C 195 0.46 -18.58 3.12
CA THR C 195 1.41 -18.88 4.14
C THR C 195 2.62 -19.46 3.41
N VAL C 196 3.83 -18.99 3.73
CA VAL C 196 5.03 -19.64 3.21
C VAL C 196 5.87 -20.29 4.29
N LEU C 197 6.37 -21.48 3.98
CA LEU C 197 7.14 -22.27 4.95
C LEU C 197 8.53 -22.40 4.45
N ASP C 198 9.49 -22.15 5.33
CA ASP C 198 10.90 -22.35 5.00
C ASP C 198 11.67 -22.62 6.30
N ILE C 199 12.85 -23.20 6.19
CA ILE C 199 13.65 -23.44 7.42
C ILE C 199 14.64 -22.28 7.67
N ASN C 200 14.76 -21.38 6.71
CA ASN C 200 15.57 -20.19 6.83
C ASN C 200 14.78 -18.96 7.32
N ILE C 201 14.90 -18.66 8.58
CA ILE C 201 14.12 -17.58 9.13
C ILE C 201 14.46 -16.21 8.50
N ASP C 202 15.70 -16.02 8.06
CA ASP C 202 16.03 -14.75 7.40
C ASP C 202 15.21 -14.53 6.17
N LYS C 203 15.02 -15.60 5.42
CA LYS C 203 14.16 -15.52 4.26
C LYS C 203 12.71 -15.28 4.64
N LEU C 204 12.25 -15.85 5.76
CA LEU C 204 10.95 -15.50 6.28
C LEU C 204 10.83 -14.01 6.71
N ARG C 205 11.92 -13.45 7.25
CA ARG C 205 11.95 -12.05 7.68
C ARG C 205 11.79 -11.13 6.49
N GLN C 206 12.49 -11.41 5.39
CA GLN C 206 12.29 -10.63 4.20
C GLN C 206 10.89 -10.69 3.67
N LEU C 207 10.28 -11.86 3.62
CA LEU C 207 8.88 -11.89 3.21
C LEU C 207 8.02 -11.11 4.14
N ASP C 208 8.32 -11.13 5.40
CA ASP C 208 7.49 -10.45 6.39
C ASP C 208 7.54 -8.94 6.20
N ALA C 209 8.68 -8.43 5.82
CA ALA C 209 8.88 -7.00 5.79
C ALA C 209 8.26 -6.52 4.51
N GLU C 210 8.47 -7.29 3.46
CA GLU C 210 8.05 -6.89 2.14
C GLU C 210 6.53 -6.66 2.06
N PHE C 211 5.76 -7.51 2.74
CA PHE C 211 4.30 -7.43 2.60
C PHE C 211 3.62 -6.95 3.88
N CYS C 212 4.40 -6.32 4.75
CA CYS C 212 4.01 -6.06 6.13
C CYS C 212 3.30 -7.27 6.76
N GLY C 213 2.05 -7.15 7.18
CA GLY C 213 1.41 -8.44 7.66
C GLY C 213 0.97 -9.48 6.61
N ARG C 214 0.83 -9.03 5.36
CA ARG C 214 0.00 -9.65 4.36
C ARG C 214 0.33 -11.13 4.12
N ILE C 215 1.56 -11.45 3.76
CA ILE C 215 1.91 -12.84 3.62
C ILE C 215 2.39 -13.49 4.94
N HIS C 216 1.64 -14.47 5.43
CA HIS C 216 2.02 -15.21 6.63
C HIS C 216 3.24 -16.06 6.40
N THR C 217 4.03 -16.21 7.44
CA THR C 217 5.25 -17.03 7.40
C THR C 217 5.24 -18.02 8.54
N ARG C 218 5.70 -19.23 8.27
CA ARG C 218 5.78 -20.27 9.27
C ARG C 218 7.05 -21.07 9.17
N TYR C 219 7.65 -21.32 10.31
CA TYR C 219 8.86 -22.10 10.32
C TYR C 219 8.58 -23.55 9.93
N SER C 220 9.38 -24.04 9.02
CA SER C 220 9.12 -25.33 8.39
C SER C 220 9.50 -26.63 9.13
N SER C 221 9.07 -26.86 10.36
CA SER C 221 9.23 -28.17 10.94
C SER C 221 8.19 -29.13 10.34
N ALA C 222 8.47 -30.44 10.30
CA ALA C 222 7.53 -31.41 9.67
C ALA C 222 6.14 -31.31 10.29
N TYR C 223 6.11 -31.08 11.59
CA TYR C 223 4.90 -30.88 12.32
C TYR C 223 4.06 -29.70 11.81
N GLU C 224 4.76 -28.60 11.57
CA GLU C 224 4.15 -27.33 11.18
C GLU C 224 3.70 -27.43 9.71
N LEU C 225 4.50 -28.12 8.92
CA LEU C 225 4.21 -28.39 7.52
C LEU C 225 2.95 -29.26 7.37
N GLU C 226 2.90 -30.36 8.12
CA GLU C 226 1.70 -31.22 8.20
C GLU C 226 0.44 -30.44 8.47
N GLY C 227 0.46 -29.59 9.52
CA GLY C 227 -0.67 -28.74 9.89
C GLY C 227 -1.12 -27.81 8.78
N ALA C 228 -0.16 -27.16 8.11
CA ALA C 228 -0.49 -26.17 7.06
C ALA C 228 -1.09 -26.87 5.84
N VAL C 229 -0.46 -27.93 5.41
CA VAL C 229 -0.88 -28.66 4.25
C VAL C 229 -2.29 -29.28 4.38
N LYS C 230 -2.61 -29.76 5.57
CA LYS C 230 -3.91 -30.33 5.82
C LYS C 230 -5.05 -29.32 5.62
N ARG C 231 -4.80 -28.05 5.85
CA ARG C 231 -5.87 -27.05 5.72
C ARG C 231 -5.87 -26.36 4.34
N ALA C 232 -4.92 -26.65 3.49
CA ALA C 232 -4.75 -25.83 2.30
C ALA C 232 -5.67 -26.23 1.16
N ASP C 233 -6.09 -25.25 0.35
CA ASP C 233 -6.82 -25.54 -0.88
C ASP C 233 -5.83 -25.73 -2.00
N LEU C 234 -4.69 -25.09 -1.90
CA LEU C 234 -3.68 -25.09 -2.97
C LEU C 234 -2.33 -25.16 -2.27
N VAL C 235 -1.45 -26.03 -2.76
CA VAL C 235 -0.10 -26.14 -2.22
C VAL C 235 0.86 -25.96 -3.35
N ILE C 236 1.88 -25.15 -3.18
CA ILE C 236 2.85 -24.96 -4.24
C ILE C 236 4.21 -25.42 -3.75
N GLY C 237 4.80 -26.43 -4.39
CA GLY C 237 6.09 -26.93 -3.97
C GLY C 237 7.16 -26.17 -4.70
N ALA C 238 7.93 -25.37 -3.96
CA ALA C 238 8.90 -24.45 -4.60
C ALA C 238 10.29 -24.57 -4.03
N VAL C 239 10.62 -25.72 -3.43
CA VAL C 239 11.94 -25.96 -2.90
C VAL C 239 12.82 -26.46 -4.03
N LEU C 240 13.54 -25.55 -4.66
CA LEU C 240 14.48 -25.97 -5.70
C LEU C 240 15.91 -25.98 -5.15
N VAL C 241 16.38 -27.16 -4.70
CA VAL C 241 17.78 -27.30 -4.27
C VAL C 241 18.66 -27.09 -5.50
N PRO C 242 19.57 -26.12 -5.35
CA PRO C 242 20.58 -25.67 -6.35
C PRO C 242 20.82 -26.52 -7.63
N GLY C 243 21.46 -27.68 -7.46
CA GLY C 243 21.71 -28.64 -8.54
C GLY C 243 21.66 -30.10 -8.07
N ALA C 244 21.10 -30.32 -6.86
CA ALA C 244 20.91 -31.66 -6.30
C ALA C 244 19.57 -32.29 -6.75
N LYS C 245 18.85 -32.93 -5.84
CA LYS C 245 17.68 -33.74 -6.25
C LYS C 245 16.28 -33.27 -5.77
N ALA C 246 16.25 -32.32 -4.83
CA ALA C 246 15.00 -31.81 -4.22
C ALA C 246 14.33 -32.79 -3.25
N PRO C 247 14.28 -32.43 -1.97
CA PRO C 247 13.79 -33.35 -0.94
C PRO C 247 12.29 -33.62 -1.12
N LYS C 248 11.82 -34.78 -0.69
CA LYS C 248 10.40 -35.10 -0.78
C LYS C 248 9.76 -34.67 0.51
N LEU C 249 9.07 -33.53 0.47
CA LEU C 249 8.58 -32.89 1.68
C LEU C 249 7.12 -33.21 1.95
N VAL C 250 6.36 -33.60 0.93
CA VAL C 250 4.94 -34.00 1.13
C VAL C 250 4.79 -35.45 0.77
N SER C 251 4.42 -36.28 1.73
CA SER C 251 4.31 -37.70 1.44
C SER C 251 2.86 -38.04 1.08
N ASN C 252 2.70 -39.18 0.42
CA ASN C 252 1.38 -39.62 0.01
C ASN C 252 0.42 -39.84 1.13
N SER C 253 0.89 -40.31 2.28
CA SER C 253 -0.04 -40.49 3.38
C SER C 253 -0.50 -39.12 3.84
N LEU C 254 0.39 -38.13 3.79
CA LEU C 254 -0.05 -36.77 4.09
C LEU C 254 -1.12 -36.26 3.10
N VAL C 255 -0.90 -36.47 1.79
CA VAL C 255 -1.95 -36.12 0.82
C VAL C 255 -3.30 -36.80 1.07
N ALA C 256 -3.26 -38.05 1.54
CA ALA C 256 -4.46 -38.77 1.94
C ALA C 256 -5.29 -38.02 3.01
N HIS C 257 -4.66 -37.11 3.74
CA HIS C 257 -5.36 -36.34 4.76
C HIS C 257 -5.81 -34.94 4.35
N MET C 258 -5.53 -34.55 3.10
CA MET C 258 -5.87 -33.23 2.58
C MET C 258 -7.33 -33.15 2.19
N LYS C 259 -7.84 -31.93 2.02
CA LYS C 259 -9.24 -31.73 1.66
C LYS C 259 -9.51 -32.31 0.25
N PRO C 260 -10.66 -32.99 0.04
CA PRO C 260 -10.86 -33.45 -1.35
C PRO C 260 -10.92 -32.29 -2.30
N GLY C 261 -10.25 -32.42 -3.43
CA GLY C 261 -10.26 -31.37 -4.43
C GLY C 261 -9.10 -30.38 -4.34
N ALA C 262 -8.26 -30.52 -3.32
CA ALA C 262 -7.07 -29.67 -3.15
C ALA C 262 -6.18 -29.86 -4.35
N VAL C 263 -5.48 -28.79 -4.75
CA VAL C 263 -4.52 -28.93 -5.82
C VAL C 263 -3.10 -28.66 -5.40
N LEU C 264 -2.18 -29.46 -5.90
CA LEU C 264 -0.77 -29.40 -5.54
C LEU C 264 0.03 -29.15 -6.83
N VAL C 265 0.80 -28.07 -6.86
CA VAL C 265 1.60 -27.71 -8.02
C VAL C 265 3.07 -27.87 -7.67
N ASP C 266 3.78 -28.70 -8.45
CA ASP C 266 5.15 -29.01 -8.18
C ASP C 266 6.03 -28.29 -9.16
N ILE C 267 6.65 -27.21 -8.72
CA ILE C 267 7.54 -26.44 -9.59
C ILE C 267 8.88 -27.12 -9.60
N ALA C 268 9.12 -28.00 -8.65
CA ALA C 268 10.42 -28.61 -8.63
C ALA C 268 10.50 -29.90 -9.47
N ILE C 269 9.53 -30.08 -10.38
CA ILE C 269 9.33 -31.31 -11.19
C ILE C 269 10.52 -31.69 -12.06
N ASP C 270 10.95 -30.76 -12.92
CA ASP C 270 12.27 -30.84 -13.56
C ASP C 270 13.18 -31.03 -12.34
N GLN C 271 14.24 -31.77 -12.42
CA GLN C 271 14.99 -32.07 -11.15
C GLN C 271 14.30 -32.82 -9.97
N GLY C 272 13.23 -33.58 -10.22
CA GLY C 272 12.81 -34.63 -9.30
C GLY C 272 11.46 -34.50 -8.64
N GLY C 273 11.02 -33.26 -8.44
CA GLY C 273 9.75 -32.98 -7.72
C GLY C 273 9.98 -32.94 -6.23
N CYS C 274 9.04 -32.39 -5.47
CA CYS C 274 9.27 -32.38 -4.05
C CYS C 274 8.10 -32.90 -3.28
N PHE C 275 7.11 -33.40 -4.02
CA PHE C 275 6.07 -34.25 -3.44
C PHE C 275 6.44 -35.70 -3.73
N GLU C 276 6.08 -36.60 -2.81
CA GLU C 276 6.33 -38.01 -3.05
C GLU C 276 5.56 -38.51 -4.28
N GLY C 277 4.27 -38.18 -4.38
CA GLY C 277 3.45 -38.62 -5.50
C GLY C 277 3.78 -37.99 -6.85
N SER C 278 4.80 -37.14 -6.91
CA SER C 278 5.07 -36.34 -8.15
C SER C 278 5.65 -37.12 -9.29
N ARG C 279 5.29 -36.72 -10.50
CA ARG C 279 5.60 -37.42 -11.72
C ARG C 279 5.40 -36.42 -12.86
N PRO C 280 6.39 -36.30 -13.78
CA PRO C 280 6.30 -35.32 -14.88
C PRO C 280 5.07 -35.52 -15.76
N THR C 281 4.33 -34.44 -15.99
CA THR C 281 3.18 -34.47 -16.88
C THR C 281 3.36 -33.57 -18.10
N THR C 282 2.40 -33.55 -19.01
CA THR C 282 2.56 -32.79 -20.25
C THR C 282 1.43 -31.81 -20.36
N TYR C 283 1.56 -30.84 -21.25
CA TYR C 283 0.56 -29.79 -21.39
C TYR C 283 -0.87 -30.21 -21.75
N ASP C 284 -1.02 -31.27 -22.53
CA ASP C 284 -2.34 -31.74 -22.88
C ASP C 284 -2.94 -32.62 -21.77
N HIS C 285 -2.10 -33.33 -21.01
CA HIS C 285 -2.58 -34.08 -19.82
C HIS C 285 -1.87 -33.61 -18.57
N PRO C 286 -2.20 -32.37 -18.13
CA PRO C 286 -1.39 -31.69 -17.11
C PRO C 286 -1.53 -32.24 -15.69
N THR C 287 -2.71 -32.71 -15.32
CA THR C 287 -2.92 -33.16 -13.95
C THR C 287 -3.23 -34.65 -13.81
N PHE C 288 -3.13 -35.18 -12.59
CA PHE C 288 -3.59 -36.54 -12.28
C PHE C 288 -4.01 -36.63 -10.82
N ALA C 289 -4.90 -37.55 -10.49
CA ALA C 289 -5.36 -37.72 -9.10
C ALA C 289 -4.37 -38.47 -8.21
N VAL C 290 -4.28 -38.09 -6.94
CA VAL C 290 -3.57 -38.81 -5.90
C VAL C 290 -4.49 -38.67 -4.67
N HIS C 291 -5.22 -39.73 -4.32
CA HIS C 291 -6.16 -39.73 -3.21
C HIS C 291 -7.12 -38.54 -3.18
N ASP C 292 -7.97 -38.33 -4.15
CA ASP C 292 -8.90 -37.14 -4.08
C ASP C 292 -8.25 -35.79 -4.13
N THR C 293 -6.95 -35.71 -4.32
CA THR C 293 -6.36 -34.43 -4.66
C THR C 293 -5.93 -34.42 -6.08
N LEU C 294 -5.62 -33.23 -6.57
CA LEU C 294 -5.20 -33.05 -7.94
C LEU C 294 -3.75 -32.57 -8.01
N PHE C 295 -2.87 -33.32 -8.70
CA PHE C 295 -1.47 -32.89 -8.84
C PHE C 295 -1.28 -32.28 -10.19
N TYR C 296 -0.49 -31.21 -10.22
CA TYR C 296 -0.12 -30.55 -11.44
C TYR C 296 1.39 -30.55 -11.53
N CYS C 297 1.94 -31.25 -12.52
CA CYS C 297 3.38 -31.48 -12.54
C CYS C 297 3.98 -31.28 -13.91
N VAL C 298 3.50 -30.27 -14.62
CA VAL C 298 3.96 -30.05 -15.98
C VAL C 298 5.47 -29.77 -16.01
N ALA C 299 6.18 -30.55 -16.80
CA ALA C 299 7.60 -30.32 -16.96
C ALA C 299 7.83 -29.08 -17.80
N ASN C 300 8.95 -28.42 -17.60
CA ASN C 300 9.39 -27.41 -18.54
C ASN C 300 8.39 -26.23 -18.59
N MET C 301 7.89 -25.83 -17.43
CA MET C 301 6.82 -24.85 -17.32
C MET C 301 7.11 -23.47 -17.96
N PRO C 302 8.33 -22.93 -17.79
CA PRO C 302 8.60 -21.65 -18.44
C PRO C 302 8.35 -21.59 -19.94
N ALA C 303 8.34 -22.73 -20.63
CA ALA C 303 8.13 -22.72 -22.10
C ALA C 303 6.73 -22.25 -22.50
N SER C 304 5.79 -22.29 -21.54
CA SER C 304 4.43 -22.02 -21.88
C SER C 304 4.12 -20.54 -22.00
N VAL C 305 4.98 -19.67 -21.48
CA VAL C 305 4.86 -18.23 -21.73
C VAL C 305 6.11 -17.72 -22.45
N PRO C 306 6.32 -18.17 -23.71
CA PRO C 306 7.58 -17.98 -24.41
C PRO C 306 7.93 -16.49 -24.67
N LYS C 307 6.91 -15.66 -24.89
CA LYS C 307 7.21 -14.26 -25.14
C LYS C 307 7.88 -13.64 -23.93
N THR C 308 7.41 -13.97 -22.74
CA THR C 308 8.03 -13.53 -21.53
C THR C 308 9.36 -14.27 -21.26
N SER C 309 9.39 -15.60 -21.39
CA SER C 309 10.53 -16.33 -20.87
C SER C 309 11.74 -16.27 -21.79
N THR C 310 11.49 -16.14 -23.11
CA THR C 310 12.56 -15.87 -24.07
C THR C 310 13.34 -14.62 -23.67
N TYR C 311 12.63 -13.52 -23.39
CA TYR C 311 13.33 -12.27 -22.98
C TYR C 311 13.99 -12.42 -21.64
N ALA C 312 13.31 -13.07 -20.71
CA ALA C 312 13.88 -13.18 -19.37
C ALA C 312 15.20 -13.93 -19.44
N LEU C 313 15.20 -15.07 -20.14
CA LEU C 313 16.41 -15.86 -20.31
C LEU C 313 17.48 -15.06 -21.07
N THR C 314 17.10 -14.50 -22.23
CA THR C 314 18.12 -13.97 -23.10
C THR C 314 18.67 -12.64 -22.59
N ASN C 315 17.88 -11.89 -21.82
CA ASN C 315 18.47 -10.76 -21.04
C ASN C 315 19.56 -11.24 -20.09
N ALA C 316 19.33 -12.36 -19.41
CA ALA C 316 20.33 -12.83 -18.53
C ALA C 316 21.56 -13.39 -19.31
N THR C 317 21.38 -14.07 -20.44
CA THR C 317 22.52 -14.71 -21.12
C THR C 317 23.35 -13.69 -21.88
N MET C 318 22.73 -12.57 -22.28
CA MET C 318 23.37 -11.65 -23.22
C MET C 318 24.81 -11.28 -22.88
N PRO C 319 25.09 -10.86 -21.61
CA PRO C 319 26.49 -10.39 -21.43
C PRO C 319 27.45 -11.55 -21.57
N TYR C 320 27.03 -12.78 -21.31
CA TYR C 320 27.93 -13.95 -21.52
C TYR C 320 28.14 -14.24 -23.00
N VAL C 321 27.05 -14.18 -23.75
CA VAL C 321 27.08 -14.33 -25.17
C VAL C 321 28.05 -13.32 -25.77
N LEU C 322 28.01 -12.08 -25.31
CA LEU C 322 28.87 -11.06 -25.90
C LEU C 322 30.35 -11.35 -25.61
N GLU C 323 30.64 -11.75 -24.36
CA GLU C 323 32.01 -12.12 -24.00
C GLU C 323 32.52 -13.28 -24.84
N LEU C 324 31.70 -14.31 -25.04
CA LEU C 324 32.12 -15.44 -25.90
C LEU C 324 32.37 -15.01 -27.36
N ALA C 325 31.42 -14.28 -27.93
CA ALA C 325 31.53 -13.86 -29.32
C ALA C 325 32.77 -13.03 -29.57
N ASP C 326 33.09 -12.12 -28.64
CA ASP C 326 34.21 -11.18 -28.78
C ASP C 326 35.57 -11.80 -28.51
N HIS C 327 35.60 -12.83 -27.64
CA HIS C 327 36.88 -13.29 -27.09
C HIS C 327 37.18 -14.76 -27.38
N GLY C 328 36.22 -15.50 -27.92
CA GLY C 328 36.33 -16.95 -27.98
C GLY C 328 36.28 -17.55 -26.57
N TRP C 329 36.07 -18.86 -26.50
CA TRP C 329 35.73 -19.50 -25.22
C TRP C 329 36.84 -19.47 -24.13
N ARG C 330 38.04 -19.99 -24.44
CA ARG C 330 39.24 -19.75 -23.63
C ARG C 330 39.47 -18.25 -23.71
N ALA C 331 39.82 -17.60 -22.61
CA ALA C 331 39.90 -16.12 -22.60
C ALA C 331 38.62 -15.51 -22.04
N ALA C 332 37.48 -15.79 -22.69
CA ALA C 332 36.17 -15.57 -22.05
C ALA C 332 36.14 -16.31 -20.70
N CYS C 333 36.45 -17.61 -20.74
CA CYS C 333 36.48 -18.42 -19.51
C CYS C 333 37.63 -18.08 -18.55
N ARG C 334 38.81 -17.74 -19.08
CA ARG C 334 39.85 -17.20 -18.20
C ARG C 334 39.29 -15.93 -17.50
N SER C 335 39.04 -14.87 -18.29
CA SER C 335 38.42 -13.59 -17.85
C SER C 335 37.35 -13.70 -16.76
N ASN C 336 36.47 -14.69 -16.92
CA ASN C 336 35.19 -14.71 -16.22
C ASN C 336 34.91 -16.06 -15.59
N PRO C 337 35.26 -16.19 -14.32
CA PRO C 337 35.11 -17.44 -13.54
C PRO C 337 33.68 -17.99 -13.52
N ALA C 338 32.66 -17.12 -13.53
CA ALA C 338 31.27 -17.58 -13.62
C ALA C 338 31.05 -18.41 -14.88
N LEU C 339 31.52 -17.89 -16.02
CA LEU C 339 31.51 -18.66 -17.25
C LEU C 339 32.23 -19.98 -17.11
N ALA C 340 33.42 -19.95 -16.51
CA ALA C 340 34.26 -21.15 -16.39
C ALA C 340 33.51 -22.27 -15.69
N LYS C 341 32.75 -21.93 -14.66
CA LYS C 341 32.00 -22.97 -13.94
C LYS C 341 30.99 -23.65 -14.87
N GLY C 342 30.68 -23.01 -15.99
CA GLY C 342 29.70 -23.58 -16.92
C GLY C 342 30.30 -24.61 -17.86
N LEU C 343 31.64 -24.60 -18.02
CA LEU C 343 32.40 -25.47 -18.97
C LEU C 343 32.03 -26.91 -18.74
N SER C 344 31.60 -27.61 -19.78
CA SER C 344 31.22 -29.00 -19.57
C SER C 344 31.95 -29.98 -20.50
N THR C 345 32.31 -29.55 -21.71
CA THR C 345 32.91 -30.44 -22.71
C THR C 345 33.92 -29.66 -23.52
N HIS C 346 35.02 -30.35 -23.87
CA HIS C 346 35.96 -29.84 -24.89
C HIS C 346 36.82 -30.95 -25.49
N GLU C 347 36.72 -31.08 -26.82
CA GLU C 347 37.47 -32.08 -27.59
C GLU C 347 37.55 -33.41 -26.81
N GLY C 348 36.39 -34.04 -26.57
CA GLY C 348 36.32 -35.37 -25.95
C GLY C 348 36.41 -35.42 -24.43
N ALA C 349 36.95 -34.37 -23.81
CA ALA C 349 37.12 -34.32 -22.33
C ALA C 349 35.82 -33.86 -21.62
N LEU C 350 35.49 -34.50 -20.51
CA LEU C 350 34.35 -34.05 -19.69
C LEU C 350 34.85 -33.19 -18.51
N LEU C 351 34.37 -31.95 -18.43
CA LEU C 351 34.96 -30.93 -17.54
C LEU C 351 34.23 -30.72 -16.19
N SER C 352 33.12 -31.41 -15.99
CA SER C 352 32.30 -31.23 -14.81
C SER C 352 32.41 -32.38 -13.81
N GLU C 353 32.84 -32.03 -12.60
CA GLU C 353 32.97 -33.01 -11.51
C GLU C 353 31.63 -33.69 -11.11
N ARG C 354 30.60 -32.88 -10.77
CA ARG C 354 29.29 -33.42 -10.36
C ARG C 354 28.72 -34.41 -11.40
N VAL C 355 28.95 -34.13 -12.69
CA VAL C 355 28.44 -35.06 -13.74
C VAL C 355 29.38 -36.29 -13.98
N ALA C 356 30.72 -36.08 -14.05
CA ALA C 356 31.71 -37.18 -14.14
C ALA C 356 31.42 -38.25 -13.06
N THR C 357 31.55 -37.82 -11.79
CA THR C 357 31.24 -38.62 -10.58
C THR C 357 29.86 -39.31 -10.62
N ASP C 358 28.86 -38.62 -11.18
CA ASP C 358 27.48 -39.07 -11.12
C ASP C 358 27.04 -39.92 -12.33
N LEU C 359 27.70 -39.70 -13.49
CA LEU C 359 27.28 -40.36 -14.75
C LEU C 359 28.26 -41.52 -15.04
N GLY C 360 28.33 -42.44 -14.07
CA GLY C 360 29.37 -43.46 -14.10
C GLY C 360 30.74 -42.83 -14.33
N VAL C 361 31.47 -43.34 -15.31
CA VAL C 361 32.92 -43.06 -15.38
C VAL C 361 33.37 -41.65 -15.79
N PRO C 362 33.33 -41.36 -17.11
CA PRO C 362 34.43 -40.71 -17.85
C PRO C 362 35.64 -40.23 -17.02
N PHE C 363 35.39 -39.35 -16.04
CA PHE C 363 36.40 -38.71 -15.17
C PHE C 363 36.72 -37.27 -15.63
N THR C 364 36.93 -36.41 -14.63
CA THR C 364 37.16 -34.97 -14.81
C THR C 364 38.45 -34.62 -15.58
N GLU C 365 38.57 -33.35 -15.91
CA GLU C 365 39.81 -32.74 -16.32
C GLU C 365 39.67 -31.25 -15.86
N PRO C 366 40.08 -30.90 -14.60
CA PRO C 366 39.53 -29.65 -13.96
C PRO C 366 39.21 -28.47 -14.88
N ALA C 367 40.23 -28.02 -15.62
CA ALA C 367 40.22 -26.73 -16.31
C ALA C 367 41.69 -26.36 -16.26
N SER C 368 42.35 -26.63 -17.37
CA SER C 368 43.78 -26.87 -17.45
C SER C 368 43.83 -27.09 -18.96
N VAL C 369 42.64 -27.44 -19.46
CA VAL C 369 42.25 -27.18 -20.84
C VAL C 369 42.36 -25.68 -21.14
N LEU C 370 42.56 -24.85 -20.11
CA LEU C 370 42.89 -23.42 -20.30
C LEU C 370 44.40 -23.14 -20.12
N ALA C 371 45.24 -23.87 -20.88
CA ALA C 371 46.73 -23.87 -20.78
C ALA C 371 47.43 -22.52 -20.50
N MET D 1 -26.92 18.91 -39.05
CA MET D 1 -26.34 20.06 -38.26
C MET D 1 -24.79 20.14 -38.24
N ARG D 2 -24.25 21.36 -38.36
CA ARG D 2 -22.79 21.63 -38.47
C ARG D 2 -22.17 22.18 -37.16
N VAL D 3 -20.98 21.65 -36.83
CA VAL D 3 -20.32 21.93 -35.55
C VAL D 3 -18.96 22.54 -35.80
N GLY D 4 -18.69 23.68 -35.18
CA GLY D 4 -17.47 24.39 -35.48
C GLY D 4 -16.63 24.66 -34.25
N ILE D 5 -15.32 24.62 -34.45
CA ILE D 5 -14.39 24.82 -33.39
C ILE D 5 -13.30 25.72 -33.90
N PRO D 6 -13.24 26.94 -33.34
CA PRO D 6 -12.21 27.96 -33.62
C PRO D 6 -11.00 27.85 -32.71
N THR D 7 -9.80 28.26 -33.16
CA THR D 7 -8.65 28.42 -32.30
C THR D 7 -9.03 29.34 -31.13
N GLU D 8 -8.56 29.02 -29.91
CA GLU D 8 -8.75 29.96 -28.80
C GLU D 8 -7.82 31.15 -29.01
N THR D 9 -8.36 32.34 -28.82
CA THR D 9 -7.62 33.59 -29.11
C THR D 9 -7.06 34.33 -27.92
N LYS D 10 -7.66 34.14 -26.74
CA LYS D 10 -7.11 34.67 -25.48
C LYS D 10 -5.64 34.25 -25.32
N ASN D 11 -4.79 35.14 -24.80
CA ASN D 11 -3.40 34.72 -24.76
C ASN D 11 -3.12 33.79 -23.61
N ASN D 12 -2.18 32.90 -23.88
CA ASN D 12 -1.95 31.78 -22.95
C ASN D 12 -3.25 31.02 -22.55
N GLU D 13 -4.09 30.78 -23.56
CA GLU D 13 -5.08 29.75 -23.48
C GLU D 13 -4.68 28.77 -24.55
N PHE D 14 -4.30 27.54 -24.17
CA PHE D 14 -3.78 26.60 -25.16
C PHE D 14 -4.74 25.47 -25.46
N ARG D 15 -5.92 25.49 -24.86
CA ARG D 15 -6.80 24.34 -25.00
C ARG D 15 -7.63 24.47 -26.29
N VAL D 16 -8.35 23.40 -26.64
CA VAL D 16 -9.29 23.43 -27.73
C VAL D 16 -10.54 22.66 -27.32
N ALA D 17 -11.70 23.05 -27.84
CA ALA D 17 -12.95 22.53 -27.32
C ALA D 17 -13.40 21.15 -27.87
N ILE D 18 -12.50 20.45 -28.59
CA ILE D 18 -12.82 19.12 -29.13
C ILE D 18 -11.49 18.36 -29.30
N THR D 19 -11.56 17.02 -29.27
CA THR D 19 -10.41 16.14 -29.64
C THR D 19 -10.85 15.24 -30.80
N PRO D 20 -9.90 14.57 -31.49
CA PRO D 20 -10.28 13.68 -32.57
C PRO D 20 -11.38 12.71 -32.11
N ALA D 21 -11.22 12.14 -30.92
CA ALA D 21 -12.24 11.30 -30.32
C ALA D 21 -13.62 11.87 -30.54
N GLY D 22 -13.80 13.13 -30.16
CA GLY D 22 -15.09 13.82 -30.27
C GLY D 22 -15.46 14.05 -31.72
N VAL D 23 -14.47 14.40 -32.55
CA VAL D 23 -14.72 14.60 -33.97
C VAL D 23 -15.32 13.32 -34.58
N ALA D 24 -14.71 12.17 -34.24
CA ALA D 24 -15.10 10.90 -34.82
C ALA D 24 -16.52 10.56 -34.41
N GLU D 25 -16.85 10.81 -33.16
CA GLU D 25 -18.17 10.54 -32.65
C GLU D 25 -19.23 11.30 -33.43
N LEU D 26 -18.93 12.58 -33.73
CA LEU D 26 -19.88 13.47 -34.36
C LEU D 26 -20.08 13.10 -35.82
N THR D 27 -18.96 12.87 -36.51
CA THR D 27 -18.98 12.38 -37.89
C THR D 27 -19.83 11.11 -38.03
N ARG D 28 -19.46 10.07 -37.30
CA ARG D 28 -20.24 8.81 -37.26
C ARG D 28 -21.76 9.02 -37.16
N ARG D 29 -22.19 10.12 -36.54
CA ARG D 29 -23.60 10.44 -36.41
C ARG D 29 -24.02 11.39 -37.52
N GLY D 30 -23.12 11.59 -38.48
CA GLY D 30 -23.43 12.36 -39.68
C GLY D 30 -23.46 13.87 -39.53
N HIS D 31 -22.73 14.41 -38.55
CA HIS D 31 -22.66 15.87 -38.44
C HIS D 31 -21.38 16.29 -39.06
N GLU D 32 -21.33 17.52 -39.57
CA GLU D 32 -20.07 18.00 -40.17
C GLU D 32 -19.34 18.83 -39.12
N VAL D 33 -18.03 18.63 -39.03
CA VAL D 33 -17.20 19.29 -38.04
C VAL D 33 -16.24 20.18 -38.77
N LEU D 34 -16.30 21.46 -38.41
CA LEU D 34 -15.47 22.49 -39.00
C LEU D 34 -14.45 22.92 -37.95
N ILE D 35 -13.17 22.79 -38.29
CA ILE D 35 -12.14 23.12 -37.31
C ILE D 35 -11.18 24.11 -37.92
N GLN D 36 -10.85 25.15 -37.19
CA GLN D 36 -9.89 26.14 -37.68
C GLN D 36 -8.52 25.51 -37.77
N ALA D 37 -7.93 25.51 -38.95
CA ALA D 37 -6.52 25.13 -39.08
C ALA D 37 -5.70 25.65 -37.90
N GLY D 38 -4.93 24.77 -37.25
CA GLY D 38 -4.04 25.19 -36.18
C GLY D 38 -4.64 25.19 -34.77
N ALA D 39 -5.97 25.06 -34.69
CA ALA D 39 -6.68 25.08 -33.40
C ALA D 39 -6.18 24.12 -32.29
N GLY D 40 -5.57 22.99 -32.68
CA GLY D 40 -5.22 21.97 -31.69
C GLY D 40 -3.77 21.98 -31.33
N GLU D 41 -3.00 22.87 -31.95
CA GLU D 41 -1.56 22.85 -31.78
C GLU D 41 -1.08 23.01 -30.35
N GLY D 42 -1.70 23.92 -29.59
CA GLY D 42 -1.29 24.20 -28.22
C GLY D 42 -1.45 22.93 -27.39
N SER D 43 -2.40 22.10 -27.82
CA SER D 43 -2.75 20.88 -27.11
C SER D 43 -2.07 19.68 -27.73
N ALA D 44 -1.07 19.94 -28.58
CA ALA D 44 -0.33 18.91 -29.35
C ALA D 44 -1.24 17.95 -30.13
N ILE D 45 -2.36 18.48 -30.64
CA ILE D 45 -3.20 17.79 -31.62
C ILE D 45 -2.97 18.44 -33.00
N THR D 46 -2.41 17.73 -33.97
CA THR D 46 -2.15 18.32 -35.30
C THR D 46 -3.42 18.39 -36.18
N ASP D 47 -3.35 19.21 -37.23
CA ASP D 47 -4.43 19.27 -38.21
C ASP D 47 -4.68 17.85 -38.79
N ALA D 48 -3.59 17.13 -39.06
CA ALA D 48 -3.65 15.77 -39.64
C ALA D 48 -4.48 14.84 -38.74
N ASP D 49 -4.23 14.91 -37.42
CA ASP D 49 -5.00 14.13 -36.43
C ASP D 49 -6.50 14.43 -36.58
N PHE D 50 -6.82 15.73 -36.68
CA PHE D 50 -8.22 16.14 -36.84
C PHE D 50 -8.85 15.69 -38.19
N LYS D 51 -8.11 15.89 -39.28
CA LYS D 51 -8.46 15.37 -40.60
C LYS D 51 -8.78 13.88 -40.53
N ALA D 52 -7.84 13.11 -40.01
CA ALA D 52 -7.98 11.67 -39.96
C ALA D 52 -9.30 11.27 -39.33
N ALA D 53 -9.80 12.07 -38.40
CA ALA D 53 -10.98 11.72 -37.61
C ALA D 53 -12.26 12.18 -38.28
N GLY D 54 -12.13 12.84 -39.42
CA GLY D 54 -13.30 13.23 -40.21
C GLY D 54 -13.56 14.72 -40.28
N ALA D 55 -12.61 15.54 -39.82
CA ALA D 55 -12.92 16.96 -39.67
C ALA D 55 -12.58 17.70 -40.96
N GLN D 56 -13.34 18.74 -41.24
CA GLN D 56 -13.00 19.64 -42.32
C GLN D 56 -12.23 20.82 -41.78
N LEU D 57 -11.01 20.96 -42.28
CA LEU D 57 -10.09 22.00 -41.88
C LEU D 57 -10.44 23.24 -42.67
N VAL D 58 -10.42 24.39 -42.00
CA VAL D 58 -10.88 25.67 -42.53
C VAL D 58 -9.82 26.70 -42.21
N GLY D 59 -9.46 27.55 -43.17
CA GLY D 59 -8.33 28.46 -42.98
C GLY D 59 -8.51 29.67 -42.05
N THR D 60 -9.73 30.13 -41.82
CA THR D 60 -9.93 31.37 -41.03
C THR D 60 -11.02 31.23 -39.98
N ALA D 61 -10.88 32.05 -38.93
CA ALA D 61 -11.88 32.12 -37.87
C ALA D 61 -13.28 32.42 -38.43
N ASP D 62 -13.37 33.52 -39.22
CA ASP D 62 -14.67 33.99 -39.75
C ASP D 62 -15.47 32.87 -40.38
N GLN D 63 -14.77 32.02 -41.12
CA GLN D 63 -15.36 30.92 -41.83
C GLN D 63 -15.97 29.86 -40.89
N VAL D 64 -15.37 29.68 -39.71
CA VAL D 64 -15.92 28.76 -38.72
C VAL D 64 -17.15 29.38 -38.06
N TRP D 65 -17.04 30.65 -37.65
CA TRP D 65 -18.13 31.36 -36.93
C TRP D 65 -19.44 31.50 -37.74
N ALA D 66 -19.32 31.98 -38.99
CA ALA D 66 -20.37 31.85 -40.01
C ALA D 66 -20.24 30.43 -40.51
N ASP D 67 -21.32 29.70 -40.75
CA ASP D 67 -21.22 28.25 -41.15
C ASP D 67 -21.59 27.27 -40.04
N ALA D 68 -21.15 27.52 -38.80
CA ALA D 68 -21.42 26.58 -37.72
C ALA D 68 -22.76 26.86 -37.04
N ASP D 69 -23.56 25.79 -36.86
CA ASP D 69 -24.82 25.92 -36.13
C ASP D 69 -24.53 25.84 -34.65
N LEU D 70 -23.62 24.92 -34.30
CA LEU D 70 -23.18 24.77 -32.93
C LEU D 70 -21.69 25.13 -32.85
N LEU D 71 -21.40 26.12 -32.00
CA LEU D 71 -20.03 26.60 -31.86
C LEU D 71 -19.45 26.27 -30.48
N LEU D 72 -18.37 25.49 -30.48
CA LEU D 72 -17.72 25.00 -29.25
C LEU D 72 -16.46 25.76 -28.97
N LYS D 73 -16.39 26.30 -27.76
CA LYS D 73 -15.20 27.01 -27.31
C LYS D 73 -14.81 26.58 -25.89
N VAL D 74 -13.64 27.03 -25.47
CA VAL D 74 -13.19 26.84 -24.09
C VAL D 74 -13.46 28.09 -23.26
N LYS D 75 -12.94 29.22 -23.73
CA LYS D 75 -13.14 30.50 -23.05
C LYS D 75 -14.32 31.30 -23.60
N GLU D 76 -14.67 32.36 -22.87
CA GLU D 76 -15.67 33.32 -23.36
C GLU D 76 -15.16 34.11 -24.58
N PRO D 77 -16.09 34.59 -25.44
CA PRO D 77 -15.78 35.46 -26.58
C PRO D 77 -15.06 36.72 -26.14
N ILE D 78 -13.97 37.01 -26.82
CA ILE D 78 -13.08 38.13 -26.50
C ILE D 78 -13.61 39.33 -27.33
N ALA D 79 -13.21 40.56 -26.97
CA ALA D 79 -13.69 41.75 -27.72
C ALA D 79 -13.63 41.56 -29.25
N ALA D 80 -12.45 41.20 -29.76
CA ALA D 80 -12.21 41.00 -31.18
C ALA D 80 -13.14 39.99 -31.84
N GLU D 81 -13.97 39.31 -31.06
CA GLU D 81 -14.79 38.21 -31.56
C GLU D 81 -16.25 38.59 -31.50
N TYR D 82 -16.56 39.67 -30.77
CA TYR D 82 -17.95 40.10 -30.62
C TYR D 82 -18.68 40.26 -31.96
N GLY D 83 -17.97 40.82 -32.92
CA GLY D 83 -18.42 40.90 -34.32
C GLY D 83 -18.89 39.60 -34.94
N ARG D 84 -18.38 38.45 -34.48
CA ARG D 84 -18.69 37.19 -35.15
C ARG D 84 -19.93 36.45 -34.64
N LEU D 85 -20.44 36.90 -33.49
CA LEU D 85 -21.59 36.28 -32.88
C LEU D 85 -22.83 36.40 -33.79
N ARG D 86 -23.62 35.33 -33.88
CA ARG D 86 -24.71 35.27 -34.87
C ARG D 86 -26.04 34.93 -34.22
N HIS D 87 -27.11 34.98 -35.02
CA HIS D 87 -28.46 34.85 -34.51
C HIS D 87 -28.95 33.38 -34.32
N GLY D 88 -28.86 32.56 -35.36
CA GLY D 88 -29.36 31.19 -35.22
C GLY D 88 -28.26 30.20 -34.82
N GLN D 89 -27.51 30.56 -33.79
CA GLN D 89 -26.28 29.85 -33.47
C GLN D 89 -26.22 29.57 -31.98
N ILE D 90 -25.97 28.29 -31.68
CA ILE D 90 -25.71 27.83 -30.31
C ILE D 90 -24.22 27.90 -30.01
N LEU D 91 -23.92 28.63 -28.93
CA LEU D 91 -22.54 28.75 -28.45
C LEU D 91 -22.41 28.11 -27.04
N PHE D 92 -21.43 27.19 -26.91
CA PHE D 92 -21.22 26.35 -25.73
C PHE D 92 -19.79 26.51 -25.24
N THR D 93 -19.60 27.03 -24.03
CA THR D 93 -18.26 27.41 -23.58
C THR D 93 -18.32 27.88 -22.13
N PHE D 94 -17.16 28.18 -21.54
CA PHE D 94 -17.16 28.82 -20.21
C PHE D 94 -17.51 30.27 -20.45
N LEU D 95 -18.54 30.76 -19.77
CA LEU D 95 -18.96 32.15 -20.06
C LEU D 95 -18.62 33.13 -18.97
N HIS D 96 -18.98 32.84 -17.72
CA HIS D 96 -18.67 33.74 -16.60
C HIS D 96 -19.17 35.12 -16.91
N LEU D 97 -20.48 35.18 -17.16
CA LEU D 97 -21.13 36.39 -17.63
C LEU D 97 -21.15 37.44 -16.53
N ALA D 98 -21.35 36.99 -15.28
CA ALA D 98 -21.25 37.85 -14.11
C ALA D 98 -19.97 38.72 -14.07
N ALA D 99 -18.84 38.22 -14.60
CA ALA D 99 -17.56 38.96 -14.59
C ALA D 99 -17.44 40.08 -15.65
N SER D 100 -18.35 40.10 -16.62
CA SER D 100 -18.24 41.04 -17.78
C SER D 100 -19.59 41.49 -18.36
N ARG D 101 -19.98 42.75 -18.09
CA ARG D 101 -21.20 43.31 -18.71
C ARG D 101 -21.00 43.53 -20.21
N ALA D 102 -19.75 43.80 -20.60
CA ALA D 102 -19.48 43.97 -22.03
C ALA D 102 -19.83 42.68 -22.76
N CYS D 103 -19.25 41.56 -22.30
CA CYS D 103 -19.52 40.25 -22.88
C CYS D 103 -21.00 39.89 -22.87
N THR D 104 -21.68 40.06 -21.74
CA THR D 104 -23.10 39.74 -21.71
C THR D 104 -23.91 40.58 -22.71
N ASP D 105 -23.57 41.88 -22.84
CA ASP D 105 -24.27 42.78 -23.78
C ASP D 105 -24.08 42.32 -25.22
N ALA D 106 -22.84 42.01 -25.61
CA ALA D 106 -22.55 41.44 -26.95
C ALA D 106 -23.39 40.20 -27.25
N LEU D 107 -23.58 39.33 -26.25
CA LEU D 107 -24.36 38.10 -26.41
C LEU D 107 -25.82 38.39 -26.66
N LEU D 108 -26.46 39.16 -25.77
CA LEU D 108 -27.88 39.45 -26.02
C LEU D 108 -28.14 40.37 -27.22
N ASP D 109 -27.23 41.30 -27.49
CA ASP D 109 -27.30 42.10 -28.72
C ASP D 109 -27.41 41.29 -30.00
N SER D 110 -26.49 40.35 -30.16
CA SER D 110 -26.42 39.51 -31.35
C SER D 110 -27.54 38.44 -31.40
N GLY D 111 -28.29 38.31 -30.30
CA GLY D 111 -29.42 37.38 -30.24
C GLY D 111 -28.98 35.93 -30.29
N THR D 112 -27.71 35.67 -29.98
CA THR D 112 -27.20 34.31 -29.99
C THR D 112 -27.73 33.51 -28.81
N THR D 113 -27.89 32.22 -29.02
CA THR D 113 -28.40 31.36 -27.96
C THR D 113 -27.18 30.65 -27.32
N SER D 114 -26.96 30.89 -26.04
CA SER D 114 -25.69 30.50 -25.38
C SER D 114 -25.90 29.63 -24.13
N ILE D 115 -25.01 28.66 -23.94
CA ILE D 115 -25.07 27.72 -22.81
C ILE D 115 -23.68 27.70 -22.17
N ALA D 116 -23.65 27.89 -20.86
CA ALA D 116 -22.40 28.02 -20.09
C ALA D 116 -21.99 26.68 -19.52
N TYR D 117 -20.73 26.28 -19.73
CA TYR D 117 -20.22 25.05 -19.13
C TYR D 117 -20.41 25.04 -17.59
N GLU D 118 -20.15 26.19 -16.96
CA GLU D 118 -19.95 26.26 -15.53
C GLU D 118 -21.25 26.23 -14.73
N THR D 119 -22.39 26.34 -15.42
CA THR D 119 -23.70 26.22 -14.73
C THR D 119 -24.48 24.97 -15.12
N VAL D 120 -23.93 24.13 -16.01
CA VAL D 120 -24.47 22.79 -16.19
C VAL D 120 -24.39 22.04 -14.86
N GLN D 121 -25.55 21.69 -14.32
CA GLN D 121 -25.68 21.11 -13.00
C GLN D 121 -26.60 19.89 -12.96
N THR D 122 -26.10 18.76 -12.46
CA THR D 122 -26.89 17.52 -12.35
C THR D 122 -27.78 17.54 -11.08
N ALA D 123 -28.83 16.70 -11.03
CA ALA D 123 -29.85 16.75 -9.93
C ALA D 123 -29.27 16.80 -8.51
N ASP D 124 -28.17 16.06 -8.31
CA ASP D 124 -27.43 16.02 -7.04
C ASP D 124 -26.56 17.27 -6.77
N GLY D 125 -26.70 18.32 -7.60
CA GLY D 125 -25.93 19.55 -7.42
C GLY D 125 -24.47 19.55 -7.88
N ALA D 126 -23.98 18.44 -8.42
CA ALA D 126 -22.65 18.42 -9.02
C ALA D 126 -22.58 19.32 -10.27
N LEU D 127 -21.41 19.92 -10.50
CA LEU D 127 -21.10 20.67 -11.74
C LEU D 127 -20.07 19.89 -12.54
N PRO D 128 -20.54 18.90 -13.30
CA PRO D 128 -19.66 17.92 -13.95
C PRO D 128 -18.64 18.49 -14.92
N LEU D 129 -18.84 19.72 -15.39
CA LEU D 129 -17.92 20.28 -16.34
C LEU D 129 -16.80 21.10 -15.69
N LEU D 130 -17.02 21.53 -14.44
CA LEU D 130 -15.95 22.14 -13.63
C LEU D 130 -15.07 21.11 -12.95
N ALA D 131 -15.68 20.02 -12.47
CA ALA D 131 -14.96 18.97 -11.73
C ALA D 131 -13.60 18.63 -12.37
N PRO D 132 -13.58 18.29 -13.69
CA PRO D 132 -12.24 17.92 -14.22
C PRO D 132 -11.20 19.07 -14.17
N MET D 133 -11.66 20.30 -14.19
CA MET D 133 -10.71 21.45 -14.07
C MET D 133 -10.22 21.56 -12.63
N SER D 134 -11.06 21.23 -11.66
CA SER D 134 -10.63 21.16 -10.30
C SER D 134 -9.58 20.07 -10.02
N GLU D 135 -9.72 18.90 -10.68
CA GLU D 135 -8.75 17.78 -10.60
C GLU D 135 -7.42 18.20 -11.12
N VAL D 136 -7.44 18.81 -12.30
CA VAL D 136 -6.22 19.37 -12.89
C VAL D 136 -5.57 20.44 -11.98
N ALA D 137 -6.33 21.42 -11.55
CA ALA D 137 -5.82 22.48 -10.69
C ALA D 137 -5.14 21.93 -9.43
N GLY D 138 -5.79 20.95 -8.81
CA GLY D 138 -5.34 20.42 -7.52
C GLY D 138 -4.02 19.73 -7.72
N ARG D 139 -3.93 18.93 -8.77
CA ARG D 139 -2.70 18.20 -8.98
C ARG D 139 -1.60 19.17 -9.39
N LEU D 140 -1.97 20.18 -10.18
CA LEU D 140 -1.00 21.20 -10.56
C LEU D 140 -0.43 21.95 -9.39
N ALA D 141 -1.30 22.37 -8.48
CA ALA D 141 -0.88 23.14 -7.32
C ALA D 141 0.30 22.50 -6.59
N ALA D 142 0.25 21.18 -6.38
CA ALA D 142 1.35 20.51 -5.67
C ALA D 142 2.64 20.63 -6.46
N GLN D 143 2.57 20.52 -7.78
CA GLN D 143 3.81 20.59 -8.59
C GLN D 143 4.39 22.00 -8.59
N VAL D 144 3.54 23.01 -8.79
CA VAL D 144 4.06 24.36 -8.80
C VAL D 144 4.61 24.77 -7.44
N GLY D 145 3.87 24.42 -6.38
CA GLY D 145 4.35 24.60 -5.00
C GLY D 145 5.72 24.04 -4.77
N ALA D 146 5.90 22.76 -5.14
CA ALA D 146 7.19 22.10 -4.93
C ALA D 146 8.32 22.83 -5.63
N TYR D 147 8.04 23.30 -6.85
CA TYR D 147 9.05 23.93 -7.65
C TYR D 147 9.47 25.26 -7.05
N HIS D 148 8.49 26.07 -6.62
CA HIS D 148 8.75 27.43 -6.14
C HIS D 148 9.24 27.45 -4.73
N LEU D 149 9.33 26.25 -4.15
CA LEU D 149 9.90 26.08 -2.83
C LEU D 149 11.44 26.12 -2.92
N MET D 150 11.99 26.03 -4.13
CA MET D 150 13.47 26.08 -4.30
C MET D 150 14.04 27.48 -4.04
N ARG D 151 15.22 27.55 -3.42
CA ARG D 151 15.78 28.83 -2.98
C ARG D 151 15.94 29.76 -4.21
N THR D 152 16.35 29.08 -5.24
CA THR D 152 16.46 29.54 -6.58
C THR D 152 15.25 30.30 -7.10
N GLN D 153 14.08 30.06 -6.53
CA GLN D 153 12.88 30.75 -6.97
C GLN D 153 12.36 31.67 -5.90
N GLY D 154 13.14 31.89 -4.85
CA GLY D 154 12.73 32.72 -3.71
C GLY D 154 12.11 31.97 -2.52
N GLY D 155 11.85 30.67 -2.65
CA GLY D 155 11.29 29.91 -1.55
C GLY D 155 12.28 29.48 -0.48
N ARG D 156 11.76 28.93 0.63
CA ARG D 156 12.55 28.50 1.78
C ARG D 156 13.65 27.48 1.43
N GLY D 157 13.53 26.79 0.31
CA GLY D 157 14.59 25.91 -0.13
C GLY D 157 14.52 24.54 0.49
N VAL D 158 13.31 24.01 0.60
CA VAL D 158 13.13 22.66 1.11
C VAL D 158 12.54 21.71 0.05
N LEU D 159 13.09 20.50 0.00
CA LEU D 159 12.65 19.45 -0.91
C LEU D 159 11.33 18.83 -0.37
N MET D 160 10.35 18.58 -1.23
CA MET D 160 9.07 18.05 -0.72
C MET D 160 9.24 16.86 0.22
N GLY D 161 9.97 15.87 -0.23
CA GLY D 161 10.02 14.63 0.49
C GLY D 161 11.17 14.46 1.45
N GLY D 162 12.04 15.45 1.60
CA GLY D 162 13.22 15.27 2.40
C GLY D 162 14.10 14.22 1.79
N VAL D 163 15.11 13.78 2.51
CA VAL D 163 15.82 12.51 2.19
C VAL D 163 16.11 11.84 3.53
N PRO D 164 16.51 10.56 3.52
CA PRO D 164 16.55 9.85 4.80
C PRO D 164 17.32 10.64 5.80
N GLY D 165 16.80 10.76 7.02
CA GLY D 165 17.53 11.46 8.05
C GLY D 165 17.17 12.94 8.17
N VAL D 166 16.50 13.48 7.14
CA VAL D 166 16.16 14.90 7.03
C VAL D 166 14.64 15.10 6.90
N GLU D 167 14.08 16.10 7.57
CA GLU D 167 12.63 16.27 7.60
C GLU D 167 12.00 16.59 6.23
N PRO D 168 10.86 16.00 5.89
CA PRO D 168 10.21 16.52 4.66
C PRO D 168 9.53 17.88 4.86
N ALA D 169 9.05 18.46 3.78
CA ALA D 169 8.21 19.66 3.80
C ALA D 169 6.93 19.37 4.56
N ASP D 170 6.47 20.39 5.28
CA ASP D 170 5.20 20.42 5.93
C ASP D 170 4.22 21.18 5.02
N VAL D 171 3.23 20.47 4.49
CA VAL D 171 2.29 21.02 3.52
C VAL D 171 0.91 21.08 4.12
N VAL D 172 0.25 22.23 4.08
CA VAL D 172 -1.15 22.23 4.47
C VAL D 172 -2.07 22.60 3.32
N VAL D 173 -3.16 21.85 3.22
CA VAL D 173 -4.14 22.00 2.17
C VAL D 173 -5.44 22.41 2.86
N ILE D 174 -5.99 23.56 2.44
CA ILE D 174 -7.21 24.09 3.01
C ILE D 174 -8.34 23.77 2.05
N GLY D 175 -9.26 22.91 2.50
CA GLY D 175 -10.34 22.44 1.64
C GLY D 175 -10.18 21.00 1.21
N ALA D 176 -11.22 20.23 1.42
CA ALA D 176 -11.16 18.79 1.20
C ALA D 176 -12.05 18.34 0.06
N GLY D 177 -12.37 19.26 -0.85
CA GLY D 177 -13.19 18.99 -2.02
C GLY D 177 -12.29 18.39 -3.07
N THR D 178 -12.76 18.38 -4.32
CA THR D 178 -12.07 17.71 -5.42
C THR D 178 -10.66 18.26 -5.60
N ALA D 179 -10.54 19.58 -5.55
CA ALA D 179 -9.25 20.25 -5.71
C ALA D 179 -8.31 19.86 -4.57
N GLY D 180 -8.82 19.98 -3.35
CA GLY D 180 -8.00 19.75 -2.16
C GLY D 180 -7.56 18.29 -2.03
N TYR D 181 -8.47 17.36 -2.32
CA TYR D 181 -8.15 15.94 -2.33
C TYR D 181 -7.00 15.73 -3.28
N ASN D 182 -7.10 16.30 -4.48
CA ASN D 182 -6.07 16.10 -5.49
C ASN D 182 -4.74 16.72 -5.18
N ALA D 183 -4.75 17.94 -4.65
CA ALA D 183 -3.51 18.57 -4.13
C ALA D 183 -2.91 17.67 -3.10
N ALA D 184 -3.69 17.32 -2.09
CA ALA D 184 -3.17 16.45 -0.99
C ALA D 184 -2.52 15.16 -1.52
N ARG D 185 -3.17 14.54 -2.49
CA ARG D 185 -2.71 13.26 -2.97
C ARG D 185 -1.38 13.40 -3.69
N ILE D 186 -1.23 14.44 -4.51
CA ILE D 186 0.04 14.58 -5.22
C ILE D 186 1.15 15.03 -4.28
N ALA D 187 0.87 15.93 -3.36
CA ALA D 187 1.91 16.32 -2.42
C ALA D 187 2.32 15.12 -1.56
N ASN D 188 1.34 14.31 -1.11
CA ASN D 188 1.68 13.15 -0.31
C ASN D 188 2.54 12.17 -1.12
N GLY D 189 2.22 12.01 -2.41
CA GLY D 189 3.02 11.18 -3.27
C GLY D 189 4.45 11.65 -3.42
N MET D 190 4.70 12.95 -3.32
CA MET D 190 6.06 13.48 -3.39
C MET D 190 6.81 13.35 -2.05
N GLY D 191 6.16 12.81 -1.01
CA GLY D 191 6.83 12.50 0.21
C GLY D 191 6.67 13.51 1.32
N ALA D 192 5.87 14.55 1.09
CA ALA D 192 5.75 15.64 2.03
C ALA D 192 4.82 15.16 3.13
N THR D 193 4.91 15.72 4.33
CA THR D 193 3.85 15.41 5.24
C THR D 193 2.67 16.42 5.08
N VAL D 194 1.46 15.91 4.93
CA VAL D 194 0.34 16.68 4.45
C VAL D 194 -0.80 16.71 5.47
N THR D 195 -1.34 17.89 5.74
CA THR D 195 -2.45 18.03 6.61
C THR D 195 -3.49 18.75 5.82
N VAL D 196 -4.72 18.24 5.84
CA VAL D 196 -5.83 18.97 5.21
C VAL D 196 -6.86 19.42 6.21
N LEU D 197 -7.37 20.62 5.98
CA LEU D 197 -8.28 21.26 6.89
C LEU D 197 -9.57 21.50 6.20
N ASP D 198 -10.66 21.18 6.88
CA ASP D 198 -11.98 21.41 6.34
C ASP D 198 -12.97 21.46 7.48
N ILE D 199 -14.13 22.07 7.27
CA ILE D 199 -15.16 22.09 8.30
C ILE D 199 -16.10 20.90 8.18
N ASN D 200 -16.00 20.17 7.08
CA ASN D 200 -16.83 19.01 6.90
C ASN D 200 -16.12 17.71 7.31
N ILE D 201 -16.52 17.17 8.43
CA ILE D 201 -15.85 16.03 8.99
C ILE D 201 -16.00 14.78 8.11
N ASP D 202 -17.13 14.67 7.42
CA ASP D 202 -17.31 13.50 6.55
C ASP D 202 -16.31 13.49 5.44
N LYS D 203 -15.98 14.66 4.93
CA LYS D 203 -14.94 14.76 3.96
C LYS D 203 -13.61 14.42 4.56
N LEU D 204 -13.40 14.80 5.82
CA LEU D 204 -12.15 14.42 6.47
C LEU D 204 -12.08 12.92 6.72
N ARG D 205 -13.21 12.31 7.12
CA ARG D 205 -13.34 10.83 7.16
C ARG D 205 -12.92 10.10 5.86
N GLN D 206 -13.35 10.60 4.70
CA GLN D 206 -12.96 9.99 3.43
C GLN D 206 -11.47 10.06 3.20
N LEU D 207 -10.87 11.20 3.47
CA LEU D 207 -9.44 11.33 3.31
C LEU D 207 -8.70 10.43 4.25
N ASP D 208 -9.24 10.26 5.45
CA ASP D 208 -8.61 9.40 6.47
C ASP D 208 -8.61 7.92 6.06
N ALA D 209 -9.73 7.47 5.49
CA ALA D 209 -9.88 6.10 5.06
C ALA D 209 -8.96 5.86 3.89
N GLU D 210 -9.02 6.75 2.90
CA GLU D 210 -8.32 6.53 1.65
C GLU D 210 -6.82 6.33 1.83
N PHE D 211 -6.25 7.05 2.80
CA PHE D 211 -4.79 7.04 2.97
C PHE D 211 -4.31 6.34 4.20
N CYS D 212 -5.18 5.52 4.80
CA CYS D 212 -5.02 5.12 6.19
C CYS D 212 -4.45 6.26 7.05
N GLY D 213 -3.35 6.06 7.75
CA GLY D 213 -2.85 7.22 8.52
C GLY D 213 -2.20 8.37 7.71
N ARG D 214 -1.75 8.10 6.49
CA ARG D 214 -0.82 8.96 5.78
C ARG D 214 -1.20 10.43 5.69
N ILE D 215 -2.38 10.76 5.19
CA ILE D 215 -2.75 12.16 5.15
C ILE D 215 -3.43 12.58 6.41
N HIS D 216 -2.82 13.50 7.14
CA HIS D 216 -3.43 14.05 8.35
C HIS D 216 -4.64 14.95 8.06
N THR D 217 -5.58 14.94 8.98
CA THR D 217 -6.76 15.73 8.83
C THR D 217 -6.98 16.58 10.08
N ARG D 218 -7.41 17.82 9.86
CA ARG D 218 -7.70 18.68 10.98
C ARG D 218 -8.97 19.47 10.80
N TYR D 219 -9.79 19.53 11.83
CA TYR D 219 -11.01 20.34 11.79
C TYR D 219 -10.66 21.82 11.68
N SER D 220 -11.25 22.49 10.72
CA SER D 220 -10.84 23.83 10.36
C SER D 220 -11.45 25.00 11.18
N SER D 221 -11.18 25.08 12.47
CA SER D 221 -11.54 26.28 13.21
C SER D 221 -10.47 27.31 12.88
N ALA D 222 -10.79 28.59 12.97
CA ALA D 222 -9.77 29.63 12.79
C ALA D 222 -8.51 29.42 13.66
N TYR D 223 -8.72 28.92 14.86
CA TYR D 223 -7.65 28.72 15.76
C TYR D 223 -6.73 27.60 15.28
N GLU D 224 -7.33 26.53 14.80
CA GLU D 224 -6.58 25.40 14.30
C GLU D 224 -5.90 25.72 12.96
N LEU D 225 -6.60 26.44 12.08
CA LEU D 225 -6.04 26.87 10.84
C LEU D 225 -4.78 27.73 11.08
N GLU D 226 -4.87 28.74 11.96
CA GLU D 226 -3.70 29.55 12.23
C GLU D 226 -2.52 28.75 12.70
N GLY D 227 -2.74 27.88 13.68
CA GLY D 227 -1.69 26.97 14.13
C GLY D 227 -1.03 26.18 13.01
N ALA D 228 -1.82 25.64 12.07
CA ALA D 228 -1.24 24.80 11.02
C ALA D 228 -0.51 25.63 9.97
N VAL D 229 -1.08 26.75 9.59
CA VAL D 229 -0.44 27.64 8.62
C VAL D 229 0.88 28.20 9.14
N LYS D 230 0.93 28.48 10.44
CA LYS D 230 2.17 29.02 11.03
C LYS D 230 3.37 28.07 10.84
N ARG D 231 3.11 26.76 10.86
CA ARG D 231 4.20 25.77 10.68
C ARG D 231 4.50 25.31 9.26
N ALA D 232 3.67 25.68 8.30
CA ALA D 232 3.77 25.13 6.95
C ALA D 232 4.92 25.69 6.14
N ASP D 233 5.54 24.86 5.30
CA ASP D 233 6.45 25.36 4.28
C ASP D 233 5.66 25.73 3.03
N LEU D 234 4.50 25.09 2.83
CA LEU D 234 3.72 25.16 1.61
C LEU D 234 2.25 25.17 2.00
N VAL D 235 1.46 26.12 1.50
CA VAL D 235 0.07 26.17 1.87
C VAL D 235 -0.66 26.21 0.57
N ILE D 236 -1.70 25.37 0.44
CA ILE D 236 -2.49 25.36 -0.80
C ILE D 236 -3.93 25.75 -0.51
N GLY D 237 -4.39 26.81 -1.14
CA GLY D 237 -5.75 27.29 -0.95
C GLY D 237 -6.62 26.62 -1.96
N ALA D 238 -7.53 25.78 -1.49
CA ALA D 238 -8.33 24.91 -2.36
C ALA D 238 -9.81 24.99 -2.04
N VAL D 239 -10.23 26.04 -1.36
CA VAL D 239 -11.65 26.24 -1.06
C VAL D 239 -12.32 26.91 -2.26
N LEU D 240 -12.95 26.09 -3.12
CA LEU D 240 -13.65 26.56 -4.32
C LEU D 240 -15.14 26.59 -4.07
N VAL D 241 -15.66 27.76 -3.71
CA VAL D 241 -17.10 27.92 -3.48
C VAL D 241 -17.76 28.00 -4.89
N PRO D 242 -18.68 27.03 -5.20
CA PRO D 242 -18.88 26.56 -6.61
C PRO D 242 -19.25 27.68 -7.60
N GLY D 243 -20.17 28.58 -7.17
CA GLY D 243 -20.52 29.74 -7.99
C GLY D 243 -20.49 31.09 -7.28
N ALA D 244 -20.16 31.12 -5.97
CA ALA D 244 -20.09 32.41 -5.21
C ALA D 244 -18.69 33.09 -5.31
N LYS D 245 -18.14 33.60 -4.22
CA LYS D 245 -16.88 34.37 -4.34
C LYS D 245 -15.64 33.86 -3.58
N ALA D 246 -15.79 32.80 -2.78
CA ALA D 246 -14.65 32.18 -2.06
C ALA D 246 -14.15 32.99 -0.84
N PRO D 247 -14.30 32.43 0.37
CA PRO D 247 -14.04 33.15 1.63
C PRO D 247 -12.57 33.48 1.73
N LYS D 248 -12.22 34.56 2.42
CA LYS D 248 -10.82 34.89 2.64
C LYS D 248 -10.37 34.25 3.96
N LEU D 249 -9.60 33.17 3.88
CA LEU D 249 -9.35 32.33 5.03
C LEU D 249 -7.99 32.55 5.65
N VAL D 250 -7.06 33.10 4.87
CA VAL D 250 -5.74 33.43 5.37
C VAL D 250 -5.57 34.92 5.28
N SER D 251 -5.37 35.56 6.43
CA SER D 251 -5.27 37.03 6.50
C SER D 251 -3.83 37.46 6.40
N ASN D 252 -3.58 38.71 5.99
CA ASN D 252 -2.21 39.22 5.85
C ASN D 252 -1.40 39.20 7.14
N SER D 253 -2.06 39.54 8.24
CA SER D 253 -1.36 39.47 9.50
C SER D 253 -0.94 38.02 9.79
N LEU D 254 -1.79 37.05 9.46
CA LEU D 254 -1.40 35.66 9.61
C LEU D 254 -0.21 35.34 8.74
N VAL D 255 -0.19 35.83 7.50
CA VAL D 255 1.02 35.58 6.70
C VAL D 255 2.26 36.24 7.29
N ALA D 256 2.09 37.36 7.98
CA ALA D 256 3.22 38.02 8.65
C ALA D 256 3.85 37.11 9.67
N HIS D 257 3.10 36.13 10.17
CA HIS D 257 3.66 35.18 11.15
C HIS D 257 4.22 33.86 10.61
N MET D 258 4.22 33.66 9.28
CA MET D 258 4.68 32.41 8.67
C MET D 258 6.18 32.38 8.55
N LYS D 259 6.74 31.20 8.33
CA LYS D 259 8.18 31.04 8.13
C LYS D 259 8.67 31.83 6.92
N PRO D 260 9.87 32.45 7.01
CA PRO D 260 10.33 33.17 5.81
C PRO D 260 10.52 32.15 4.68
N GLY D 261 10.09 32.49 3.46
CA GLY D 261 10.30 31.60 2.33
C GLY D 261 9.16 30.60 2.07
N ALA D 262 8.11 30.65 2.89
CA ALA D 262 6.96 29.77 2.69
C ALA D 262 6.30 30.14 1.37
N VAL D 263 5.64 29.15 0.74
CA VAL D 263 4.92 29.47 -0.48
C VAL D 263 3.46 29.18 -0.34
N LEU D 264 2.63 30.07 -0.90
CA LEU D 264 1.20 29.90 -0.83
C LEU D 264 0.74 29.88 -2.25
N VAL D 265 0.00 28.83 -2.61
CA VAL D 265 -0.62 28.66 -3.92
C VAL D 265 -2.15 28.79 -3.77
N ASP D 266 -2.74 29.68 -4.55
CA ASP D 266 -4.17 29.98 -4.46
C ASP D 266 -4.84 29.45 -5.69
N ILE D 267 -5.43 28.27 -5.58
CA ILE D 267 -6.17 27.64 -6.69
C ILE D 267 -7.50 28.34 -6.88
N ALA D 268 -7.93 29.07 -5.85
CA ALA D 268 -9.20 29.79 -5.91
C ALA D 268 -9.10 31.15 -6.60
N ILE D 269 -8.01 31.42 -7.29
CA ILE D 269 -7.70 32.75 -7.81
C ILE D 269 -8.69 33.28 -8.84
N ASP D 270 -8.99 32.53 -9.90
CA ASP D 270 -10.21 32.83 -10.69
C ASP D 270 -11.33 32.77 -9.66
N GLN D 271 -12.41 33.51 -9.82
CA GLN D 271 -13.41 33.56 -8.70
C GLN D 271 -12.93 34.13 -7.36
N GLY D 272 -11.83 34.88 -7.33
CA GLY D 272 -11.59 35.77 -6.20
C GLY D 272 -10.40 35.52 -5.28
N GLY D 273 -9.95 34.26 -5.19
CA GLY D 273 -8.86 33.89 -4.30
C GLY D 273 -9.38 33.66 -2.91
N CYS D 274 -8.60 33.01 -2.08
CA CYS D 274 -9.04 32.71 -0.73
C CYS D 274 -8.00 33.07 0.33
N PHE D 275 -6.92 33.71 -0.10
CA PHE D 275 -6.04 34.43 0.78
C PHE D 275 -6.35 35.90 0.62
N GLU D 276 -6.20 36.67 1.70
CA GLU D 276 -6.42 38.13 1.65
C GLU D 276 -5.44 38.83 0.70
N GLY D 277 -4.16 38.46 0.76
CA GLY D 277 -3.16 39.07 -0.12
C GLY D 277 -3.20 38.65 -1.59
N SER D 278 -4.19 37.83 -1.97
CA SER D 278 -4.25 37.25 -3.32
C SER D 278 -4.55 38.26 -4.40
N ARG D 279 -3.99 38.03 -5.58
CA ARG D 279 -4.12 38.90 -6.72
C ARG D 279 -3.67 38.10 -7.96
N PRO D 280 -4.47 38.11 -9.05
CA PRO D 280 -4.13 37.30 -10.27
C PRO D 280 -2.77 37.59 -10.85
N THR D 281 -1.94 36.57 -11.07
CA THR D 281 -0.66 36.74 -11.76
C THR D 281 -0.65 36.06 -13.12
N THR D 282 0.47 36.15 -13.82
CA THR D 282 0.59 35.68 -15.21
C THR D 282 1.69 34.64 -15.25
N TYR D 283 1.70 33.83 -16.30
CA TYR D 283 2.71 32.78 -16.45
C TYR D 283 4.18 33.24 -16.40
N ASP D 284 4.48 34.38 -16.99
CA ASP D 284 5.87 34.88 -16.99
C ASP D 284 6.21 35.63 -15.68
N HIS D 285 5.23 36.13 -14.94
CA HIS D 285 5.48 36.71 -13.60
C HIS D 285 4.57 36.05 -12.57
N PRO D 286 4.80 34.77 -12.29
CA PRO D 286 3.83 33.97 -11.53
C PRO D 286 3.70 34.30 -10.02
N THR D 287 4.79 34.74 -9.40
CA THR D 287 4.80 34.95 -7.94
C THR D 287 5.09 36.37 -7.56
N PHE D 288 4.78 36.70 -6.31
CA PHE D 288 5.14 37.98 -5.70
C PHE D 288 5.25 37.81 -4.19
N ALA D 289 5.99 38.71 -3.55
CA ALA D 289 6.20 38.68 -2.12
C ALA D 289 5.07 39.29 -1.33
N VAL D 290 4.73 38.66 -0.23
CA VAL D 290 3.90 39.24 0.80
C VAL D 290 4.62 38.91 2.11
N HIS D 291 5.10 39.93 2.81
CA HIS D 291 5.77 39.76 4.09
C HIS D 291 6.79 38.62 4.09
N ASP D 292 7.76 38.55 3.22
CA ASP D 292 8.68 37.40 3.42
C ASP D 292 8.18 36.03 2.96
N THR D 293 6.92 35.92 2.54
CA THR D 293 6.51 34.70 1.86
C THR D 293 6.27 34.96 0.39
N LEU D 294 6.11 33.89 -0.36
CA LEU D 294 5.91 33.93 -1.78
C LEU D 294 4.50 33.44 -2.14
N PHE D 295 3.74 34.26 -2.87
CA PHE D 295 2.39 33.94 -3.31
C PHE D 295 2.41 33.52 -4.75
N TYR D 296 1.69 32.45 -5.07
CA TYR D 296 1.58 31.98 -6.44
C TYR D 296 0.12 32.00 -6.82
N CYS D 297 -0.25 32.85 -7.75
CA CYS D 297 -1.65 33.12 -8.02
C CYS D 297 -1.97 33.15 -9.52
N VAL D 298 -1.41 32.23 -10.30
CA VAL D 298 -1.58 32.26 -11.74
C VAL D 298 -3.05 31.96 -12.09
N ALA D 299 -3.68 32.86 -12.85
CA ALA D 299 -5.06 32.65 -13.26
C ALA D 299 -5.08 31.57 -14.31
N ASN D 300 -6.20 30.88 -14.41
CA ASN D 300 -6.42 30.01 -15.55
C ASN D 300 -5.40 28.87 -15.63
N MET D 301 -5.07 28.28 -14.49
CA MET D 301 -3.97 27.32 -14.40
C MET D 301 -4.13 26.06 -15.25
N PRO D 302 -5.35 25.51 -15.35
CA PRO D 302 -5.55 24.33 -16.18
C PRO D 302 -5.01 24.46 -17.60
N ALA D 303 -4.86 25.68 -18.09
CA ALA D 303 -4.45 25.90 -19.44
C ALA D 303 -2.97 25.59 -19.66
N SER D 304 -2.19 25.47 -18.60
CA SER D 304 -0.76 25.21 -18.77
C SER D 304 -0.41 23.75 -18.97
N VAL D 305 -1.38 22.86 -18.76
CA VAL D 305 -1.21 21.45 -19.13
C VAL D 305 -2.31 21.04 -20.12
N PRO D 306 -2.29 21.72 -21.28
CA PRO D 306 -3.36 21.64 -22.31
C PRO D 306 -3.58 20.25 -22.89
N LYS D 307 -2.52 19.45 -23.00
CA LYS D 307 -2.69 18.09 -23.52
C LYS D 307 -3.61 17.30 -22.58
N THR D 308 -3.42 17.47 -21.27
CA THR D 308 -4.26 16.81 -20.27
C THR D 308 -5.63 17.45 -20.14
N SER D 309 -5.65 18.79 -20.05
CA SER D 309 -6.92 19.49 -19.73
C SER D 309 -7.92 19.55 -20.86
N THR D 310 -7.44 19.70 -22.10
CA THR D 310 -8.30 19.56 -23.25
C THR D 310 -9.10 18.24 -23.22
N TYR D 311 -8.42 17.10 -22.91
CA TYR D 311 -9.09 15.78 -22.87
C TYR D 311 -9.98 15.69 -21.67
N ALA D 312 -9.50 16.21 -20.54
CA ALA D 312 -10.33 16.12 -19.31
C ALA D 312 -11.60 16.88 -19.50
N LEU D 313 -11.53 18.08 -20.07
CA LEU D 313 -12.73 18.88 -20.35
C LEU D 313 -13.60 18.28 -21.44
N THR D 314 -13.01 17.94 -22.58
CA THR D 314 -13.83 17.45 -23.69
C THR D 314 -14.49 16.10 -23.41
N ASN D 315 -13.84 15.21 -22.65
CA ASN D 315 -14.54 13.97 -22.25
C ASN D 315 -15.76 14.30 -21.42
N ALA D 316 -15.69 15.34 -20.61
CA ALA D 316 -16.87 15.69 -19.80
C ALA D 316 -17.95 16.36 -20.65
N THR D 317 -17.57 17.24 -21.58
CA THR D 317 -18.59 17.89 -22.42
C THR D 317 -19.21 17.01 -23.50
N MET D 318 -18.49 15.99 -23.97
CA MET D 318 -18.91 15.19 -25.13
C MET D 318 -20.39 14.73 -25.10
N PRO D 319 -20.82 14.09 -24.01
CA PRO D 319 -22.24 13.66 -24.08
C PRO D 319 -23.23 14.84 -24.25
N TYR D 320 -22.93 16.03 -23.71
CA TYR D 320 -23.80 17.20 -23.93
C TYR D 320 -23.69 17.71 -25.33
N VAL D 321 -22.47 17.76 -25.87
CA VAL D 321 -22.24 18.12 -27.25
C VAL D 321 -23.09 17.25 -28.16
N LEU D 322 -23.10 15.93 -27.92
CA LEU D 322 -23.78 15.01 -28.81
C LEU D 322 -25.28 15.22 -28.75
N GLU D 323 -25.80 15.43 -27.54
CA GLU D 323 -27.23 15.68 -27.39
C GLU D 323 -27.66 16.96 -28.11
N LEU D 324 -26.85 18.02 -28.00
CA LEU D 324 -27.07 19.26 -28.75
C LEU D 324 -27.07 19.06 -30.26
N ALA D 325 -26.03 18.43 -30.81
CA ALA D 325 -25.91 18.27 -32.25
C ALA D 325 -27.05 17.46 -32.85
N ASP D 326 -27.47 16.42 -32.13
CA ASP D 326 -28.55 15.54 -32.58
C ASP D 326 -29.92 16.13 -32.48
N HIS D 327 -30.20 16.98 -31.50
CA HIS D 327 -31.58 17.38 -31.24
C HIS D 327 -31.85 18.88 -31.30
N GLY D 328 -30.81 19.69 -31.45
CA GLY D 328 -30.90 21.15 -31.30
C GLY D 328 -31.15 21.56 -29.86
N TRP D 329 -30.99 22.86 -29.57
CA TRP D 329 -30.90 23.33 -28.18
C TRP D 329 -32.17 23.09 -27.34
N ARG D 330 -33.33 23.59 -27.79
CA ARG D 330 -34.60 23.23 -27.15
C ARG D 330 -34.79 21.78 -27.52
N ALA D 331 -35.32 21.00 -26.61
CA ALA D 331 -35.41 19.55 -26.83
C ALA D 331 -34.23 18.88 -26.13
N ALA D 332 -33.00 19.20 -26.54
CA ALA D 332 -31.85 18.82 -25.74
C ALA D 332 -32.05 19.36 -24.32
N CYS D 333 -32.36 20.65 -24.20
CA CYS D 333 -32.68 21.26 -22.90
C CYS D 333 -33.94 20.74 -22.26
N ARG D 334 -34.94 20.39 -23.09
CA ARG D 334 -36.18 19.84 -22.54
C ARG D 334 -35.95 18.39 -21.99
N SER D 335 -35.21 17.59 -22.76
CA SER D 335 -34.76 16.25 -22.35
C SER D 335 -33.88 16.23 -21.09
N ASN D 336 -32.99 17.21 -20.98
CA ASN D 336 -31.85 17.18 -20.07
C ASN D 336 -31.77 18.40 -19.14
N PRO D 337 -32.37 18.31 -17.93
CA PRO D 337 -32.39 19.39 -16.93
C PRO D 337 -31.02 19.97 -16.60
N ALA D 338 -29.99 19.14 -16.64
CA ALA D 338 -28.65 19.59 -16.34
C ALA D 338 -28.17 20.60 -17.41
N LEU D 339 -28.38 20.24 -18.67
CA LEU D 339 -28.12 21.14 -19.77
C LEU D 339 -28.95 22.44 -19.67
N ALA D 340 -30.20 22.34 -19.24
CA ALA D 340 -31.08 23.50 -19.09
C ALA D 340 -30.55 24.52 -18.11
N LYS D 341 -29.97 24.06 -17.00
CA LYS D 341 -29.38 24.96 -16.03
C LYS D 341 -28.24 25.78 -16.64
N GLY D 342 -27.70 25.32 -17.74
CA GLY D 342 -26.64 26.04 -18.40
C GLY D 342 -27.08 27.17 -19.31
N LEU D 343 -28.34 27.16 -19.73
CA LEU D 343 -28.96 28.18 -20.60
C LEU D 343 -28.77 29.59 -20.08
N SER D 344 -28.19 30.44 -20.91
CA SER D 344 -27.79 31.78 -20.47
C SER D 344 -28.45 32.86 -21.30
N THR D 345 -28.57 32.62 -22.59
CA THR D 345 -28.91 33.65 -23.54
C THR D 345 -29.67 33.04 -24.70
N HIS D 346 -30.70 33.75 -25.13
CA HIS D 346 -31.48 33.39 -26.34
C HIS D 346 -32.22 34.59 -26.92
N GLU D 347 -31.84 34.96 -28.14
CA GLU D 347 -32.46 36.09 -28.86
C GLU D 347 -32.68 37.32 -27.98
N GLY D 348 -31.62 37.90 -27.42
CA GLY D 348 -31.74 39.08 -26.59
C GLY D 348 -32.17 38.90 -25.14
N ALA D 349 -32.72 37.72 -24.83
CA ALA D 349 -33.16 37.37 -23.47
C ALA D 349 -32.01 36.83 -22.56
N LEU D 350 -31.94 37.30 -21.31
CA LEU D 350 -30.98 36.76 -20.38
C LEU D 350 -31.69 35.76 -19.48
N LEU D 351 -31.19 34.52 -19.43
CA LEU D 351 -31.96 33.42 -18.80
C LEU D 351 -31.42 32.95 -17.45
N SER D 352 -30.41 33.65 -16.93
CA SER D 352 -29.77 33.25 -15.69
C SER D 352 -30.08 34.25 -14.58
N GLU D 353 -30.71 33.79 -13.52
CA GLU D 353 -31.04 34.66 -12.43
C GLU D 353 -29.84 35.16 -11.62
N ARG D 354 -28.90 34.29 -11.24
CA ARG D 354 -27.71 34.77 -10.49
C ARG D 354 -27.07 35.93 -11.27
N VAL D 355 -27.05 35.80 -12.61
CA VAL D 355 -26.40 36.76 -13.50
C VAL D 355 -27.21 38.05 -13.62
N ALA D 356 -28.49 37.91 -13.92
CA ALA D 356 -29.39 39.05 -14.08
C ALA D 356 -29.41 39.96 -12.84
N THR D 357 -29.79 39.45 -11.70
CA THR D 357 -29.65 40.22 -10.48
C THR D 357 -28.26 40.87 -10.35
N ASP D 358 -27.21 40.04 -10.37
CA ASP D 358 -25.82 40.47 -10.07
C ASP D 358 -25.32 41.55 -10.99
N LEU D 359 -25.78 41.48 -12.24
CA LEU D 359 -25.18 42.23 -13.34
C LEU D 359 -26.03 43.45 -13.54
N GLY D 360 -26.35 44.12 -12.44
CA GLY D 360 -27.33 45.19 -12.52
C GLY D 360 -28.60 44.62 -13.10
N VAL D 361 -29.10 45.26 -14.15
CA VAL D 361 -30.47 45.07 -14.58
C VAL D 361 -30.85 43.72 -15.24
N PRO D 362 -30.56 43.59 -16.55
CA PRO D 362 -31.49 43.07 -17.55
C PRO D 362 -32.84 42.48 -17.10
N PHE D 363 -32.79 41.48 -16.21
CA PHE D 363 -33.98 40.73 -15.75
C PHE D 363 -34.11 39.35 -16.43
N THR D 364 -34.43 38.34 -15.62
CA THR D 364 -34.58 36.92 -16.04
C THR D 364 -35.71 36.77 -17.06
N GLU D 365 -35.73 35.61 -17.73
CA GLU D 365 -36.98 34.96 -18.18
C GLU D 365 -36.78 33.46 -18.02
N PRO D 366 -37.47 32.87 -17.02
CA PRO D 366 -37.04 31.58 -16.44
C PRO D 366 -36.47 30.57 -17.46
N ALA D 367 -37.27 30.30 -18.48
CA ALA D 367 -37.11 29.17 -19.35
C ALA D 367 -38.55 28.70 -19.53
N SER D 368 -39.06 29.15 -20.64
CA SER D 368 -40.46 29.15 -21.05
C SER D 368 -40.22 29.81 -22.40
N VAL D 369 -38.95 30.22 -22.60
CA VAL D 369 -38.32 30.19 -23.92
C VAL D 369 -38.30 28.74 -24.44
N LEU D 370 -38.67 27.78 -23.60
CA LEU D 370 -38.92 26.39 -24.02
C LEU D 370 -40.43 26.10 -24.18
N ALA D 371 -41.11 26.91 -25.02
CA ALA D 371 -42.59 26.88 -25.25
C ALA D 371 -43.23 25.50 -25.18
N MET E 1 -44.50 -23.74 7.92
CA MET E 1 -44.17 -23.85 6.44
C MET E 1 -42.86 -24.62 6.10
N ARG E 2 -42.86 -25.33 4.97
CA ARG E 2 -41.83 -26.31 4.63
C ARG E 2 -40.99 -25.92 3.39
N VAL E 3 -39.67 -25.96 3.52
CA VAL E 3 -38.77 -25.44 2.48
C VAL E 3 -37.93 -26.56 1.87
N GLY E 4 -37.91 -26.63 0.54
CA GLY E 4 -37.23 -27.72 -0.16
C GLY E 4 -36.17 -27.29 -1.16
N ILE E 5 -35.10 -28.08 -1.22
CA ILE E 5 -33.98 -27.77 -2.08
C ILE E 5 -33.60 -29.03 -2.77
N PRO E 6 -33.89 -29.10 -4.06
CA PRO E 6 -33.49 -30.23 -4.91
C PRO E 6 -32.05 -30.09 -5.42
N THR E 7 -31.39 -31.18 -5.76
CA THR E 7 -30.13 -31.14 -6.49
C THR E 7 -30.34 -30.42 -7.85
N GLU E 8 -29.40 -29.57 -8.25
CA GLU E 8 -29.41 -28.95 -9.57
C GLU E 8 -29.16 -29.99 -10.65
N THR E 9 -30.00 -29.99 -11.70
CA THR E 9 -29.98 -31.07 -12.69
C THR E 9 -29.33 -30.67 -14.00
N LYS E 10 -29.27 -29.38 -14.29
CA LYS E 10 -28.63 -28.91 -15.51
C LYS E 10 -27.17 -29.33 -15.50
N ASN E 11 -26.62 -29.61 -16.67
CA ASN E 11 -25.29 -30.12 -16.61
C ASN E 11 -24.21 -29.04 -16.41
N ASN E 12 -23.20 -29.42 -15.65
CA ASN E 12 -22.23 -28.45 -15.17
C ASN E 12 -22.84 -27.24 -14.43
N GLU E 13 -23.89 -27.49 -13.67
CA GLU E 13 -24.32 -26.53 -12.68
C GLU E 13 -24.02 -27.21 -11.36
N PHE E 14 -23.07 -26.66 -10.58
CA PHE E 14 -22.62 -27.35 -9.37
C PHE E 14 -23.10 -26.75 -8.05
N ARG E 15 -23.87 -25.67 -8.11
CA ARG E 15 -24.23 -24.96 -6.89
C ARG E 15 -25.45 -25.58 -6.25
N VAL E 16 -25.78 -25.14 -5.04
CA VAL E 16 -26.99 -25.54 -4.35
C VAL E 16 -27.62 -24.31 -3.72
N ALA E 17 -28.93 -24.26 -3.60
CA ALA E 17 -29.62 -23.00 -3.27
C ALA E 17 -29.72 -22.72 -1.77
N ILE E 18 -28.95 -23.43 -0.98
CA ILE E 18 -28.91 -23.16 0.47
C ILE E 18 -27.67 -23.80 1.05
N THR E 19 -27.19 -23.28 2.18
CA THR E 19 -26.04 -23.85 2.89
C THR E 19 -26.49 -24.27 4.29
N PRO E 20 -25.61 -24.99 5.01
CA PRO E 20 -26.03 -25.30 6.38
C PRO E 20 -26.37 -24.04 7.20
N ALA E 21 -25.59 -22.96 7.05
CA ALA E 21 -25.93 -21.69 7.74
C ALA E 21 -27.40 -21.36 7.55
N GLY E 22 -27.86 -21.34 6.29
CA GLY E 22 -29.26 -21.07 5.96
C GLY E 22 -30.23 -22.08 6.55
N VAL E 23 -29.87 -23.36 6.49
CA VAL E 23 -30.74 -24.40 7.04
C VAL E 23 -30.94 -24.12 8.53
N ALA E 24 -29.84 -23.89 9.24
CA ALA E 24 -29.89 -23.60 10.68
C ALA E 24 -30.81 -22.42 10.99
N GLU E 25 -30.67 -21.32 10.26
CA GLU E 25 -31.57 -20.16 10.42
C GLU E 25 -33.03 -20.52 10.29
N LEU E 26 -33.35 -21.26 9.23
CA LEU E 26 -34.71 -21.66 8.97
C LEU E 26 -35.25 -22.59 10.05
N THR E 27 -34.42 -23.53 10.47
CA THR E 27 -34.78 -24.48 11.51
C THR E 27 -35.07 -23.80 12.83
N ARG E 28 -34.16 -22.92 13.26
CA ARG E 28 -34.33 -22.14 14.50
C ARG E 28 -35.66 -21.40 14.51
N ARG E 29 -36.17 -21.05 13.35
CA ARG E 29 -37.48 -20.37 13.29
C ARG E 29 -38.62 -21.35 13.11
N GLY E 30 -38.30 -22.63 13.25
CA GLY E 30 -39.29 -23.68 13.23
C GLY E 30 -39.84 -24.09 11.88
N HIS E 31 -39.07 -23.88 10.81
CA HIS E 31 -39.50 -24.42 9.51
C HIS E 31 -38.81 -25.73 9.23
N GLU E 32 -39.46 -26.55 8.43
CA GLU E 32 -38.88 -27.80 8.04
C GLU E 32 -38.10 -27.62 6.73
N VAL E 33 -36.87 -28.12 6.70
CA VAL E 33 -36.07 -28.01 5.49
C VAL E 33 -35.81 -29.40 4.93
N LEU E 34 -36.29 -29.61 3.70
CA LEU E 34 -36.09 -30.86 2.99
C LEU E 34 -35.04 -30.66 1.93
N ILE E 35 -33.98 -31.47 1.99
CA ILE E 35 -32.88 -31.42 1.01
C ILE E 35 -32.69 -32.75 0.31
N GLN E 36 -32.61 -32.72 -1.01
CA GLN E 36 -32.34 -33.91 -1.75
C GLN E 36 -30.94 -34.43 -1.43
N ALA E 37 -30.85 -35.68 -0.97
CA ALA E 37 -29.54 -36.24 -0.64
C ALA E 37 -28.60 -36.08 -1.82
N GLY E 38 -27.40 -35.59 -1.51
CA GLY E 38 -26.37 -35.31 -2.52
C GLY E 38 -26.38 -33.90 -3.10
N ALA E 39 -27.40 -33.10 -2.76
CA ALA E 39 -27.59 -31.76 -3.33
C ALA E 39 -26.36 -30.83 -3.20
N GLY E 40 -25.61 -30.98 -2.11
CA GLY E 40 -24.50 -30.09 -1.82
C GLY E 40 -23.13 -30.54 -2.28
N GLU E 41 -23.05 -31.71 -2.92
CA GLU E 41 -21.79 -32.30 -3.25
C GLU E 41 -20.94 -31.50 -4.22
N GLY E 42 -21.54 -30.96 -5.29
CA GLY E 42 -20.78 -30.12 -6.24
C GLY E 42 -20.10 -28.95 -5.53
N SER E 43 -20.68 -28.55 -4.40
CA SER E 43 -20.28 -27.37 -3.66
C SER E 43 -19.54 -27.77 -2.42
N ALA E 44 -19.10 -29.03 -2.40
CA ALA E 44 -18.35 -29.62 -1.26
C ALA E 44 -19.09 -29.52 0.07
N ILE E 45 -20.41 -29.47 0.05
CA ILE E 45 -21.22 -29.59 1.27
C ILE E 45 -21.80 -30.99 1.33
N THR E 46 -21.50 -31.72 2.39
CA THR E 46 -21.90 -33.12 2.46
C THR E 46 -23.28 -33.20 3.08
N ASP E 47 -23.90 -34.36 2.95
CA ASP E 47 -25.22 -34.60 3.54
C ASP E 47 -25.14 -34.47 5.05
N ALA E 48 -24.05 -34.96 5.63
CA ALA E 48 -23.88 -34.86 7.07
C ALA E 48 -23.86 -33.39 7.54
N ASP E 49 -23.15 -32.50 6.81
CA ASP E 49 -23.20 -31.06 7.16
C ASP E 49 -24.62 -30.56 7.19
N PHE E 50 -25.43 -30.94 6.19
CA PHE E 50 -26.84 -30.49 6.13
C PHE E 50 -27.62 -31.06 7.28
N LYS E 51 -27.43 -32.34 7.52
CA LYS E 51 -28.12 -32.98 8.60
C LYS E 51 -27.76 -32.32 9.92
N ALA E 52 -26.47 -32.12 10.16
CA ALA E 52 -26.07 -31.49 11.41
C ALA E 52 -26.79 -30.16 11.64
N ALA E 53 -27.11 -29.45 10.58
CA ALA E 53 -27.72 -28.11 10.71
C ALA E 53 -29.22 -28.17 10.86
N GLY E 54 -29.76 -29.38 10.88
CA GLY E 54 -31.19 -29.56 11.08
C GLY E 54 -31.99 -30.01 9.86
N ALA E 55 -31.34 -30.26 8.72
CA ALA E 55 -32.11 -30.59 7.53
C ALA E 55 -32.62 -32.02 7.51
N GLN E 56 -33.75 -32.25 6.86
CA GLN E 56 -34.16 -33.62 6.58
C GLN E 56 -33.73 -34.05 5.20
N LEU E 57 -32.88 -35.07 5.13
CA LEU E 57 -32.45 -35.60 3.85
C LEU E 57 -33.51 -36.49 3.25
N VAL E 58 -33.65 -36.43 1.95
CA VAL E 58 -34.74 -37.05 1.27
C VAL E 58 -34.16 -37.65 0.01
N GLY E 59 -34.57 -38.87 -0.33
CA GLY E 59 -33.92 -39.65 -1.36
C GLY E 59 -34.09 -39.18 -2.79
N THR E 60 -35.28 -38.70 -3.13
CA THR E 60 -35.60 -38.41 -4.54
C THR E 60 -36.01 -36.95 -4.76
N ALA E 61 -35.82 -36.49 -5.99
CA ALA E 61 -36.30 -35.18 -6.38
C ALA E 61 -37.82 -35.05 -6.19
N ASP E 62 -38.57 -36.03 -6.70
CA ASP E 62 -40.02 -35.98 -6.68
C ASP E 62 -40.54 -35.65 -5.30
N GLN E 63 -39.93 -36.25 -4.30
CA GLN E 63 -40.33 -36.08 -2.93
C GLN E 63 -40.05 -34.67 -2.38
N VAL E 64 -39.04 -33.98 -2.92
CA VAL E 64 -38.75 -32.60 -2.55
C VAL E 64 -39.80 -31.66 -3.19
N TRP E 65 -40.08 -31.83 -4.48
CA TRP E 65 -41.02 -31.00 -5.22
C TRP E 65 -42.45 -31.08 -4.72
N ALA E 66 -42.98 -32.27 -4.53
CA ALA E 66 -44.22 -32.42 -3.78
C ALA E 66 -43.77 -32.40 -2.35
N ASP E 67 -44.46 -31.71 -1.46
CA ASP E 67 -44.03 -31.62 -0.04
C ASP E 67 -43.49 -30.27 0.36
N ALA E 68 -42.79 -29.60 -0.54
CA ALA E 68 -42.26 -28.28 -0.19
C ALA E 68 -43.22 -27.18 -0.59
N ASP E 69 -43.40 -26.23 0.33
CA ASP E 69 -44.27 -25.08 0.03
C ASP E 69 -43.44 -24.03 -0.69
N LEU E 70 -42.21 -23.86 -0.23
CA LEU E 70 -41.26 -22.97 -0.83
C LEU E 70 -40.12 -23.77 -1.42
N LEU E 71 -39.95 -23.69 -2.73
CA LEU E 71 -38.88 -24.41 -3.40
C LEU E 71 -37.75 -23.48 -3.88
N LEU E 72 -36.54 -23.75 -3.37
CA LEU E 72 -35.35 -22.94 -3.65
C LEU E 72 -34.45 -23.60 -4.66
N LYS E 73 -34.16 -22.90 -5.73
CA LYS E 73 -33.23 -23.42 -6.71
C LYS E 73 -32.16 -22.34 -7.08
N VAL E 74 -31.17 -22.76 -7.89
CA VAL E 74 -30.21 -21.86 -8.49
C VAL E 74 -30.57 -21.52 -9.95
N LYS E 75 -30.82 -22.53 -10.78
CA LYS E 75 -31.24 -22.30 -12.15
C LYS E 75 -32.71 -22.54 -12.41
N GLU E 76 -33.15 -22.23 -13.61
CA GLU E 76 -34.56 -22.42 -13.99
C GLU E 76 -34.92 -23.92 -14.16
N PRO E 77 -36.19 -24.30 -13.90
CA PRO E 77 -36.64 -25.66 -14.22
C PRO E 77 -36.28 -26.04 -15.64
N ILE E 78 -35.75 -27.25 -15.74
CA ILE E 78 -35.32 -27.86 -16.98
C ILE E 78 -36.51 -28.70 -17.51
N ALA E 79 -36.53 -29.01 -18.81
CA ALA E 79 -37.58 -29.84 -19.43
C ALA E 79 -38.07 -30.98 -18.54
N ALA E 80 -37.14 -31.86 -18.16
CA ALA E 80 -37.43 -33.00 -17.30
C ALA E 80 -38.10 -32.69 -15.94
N GLU E 81 -38.29 -31.40 -15.62
CA GLU E 81 -38.75 -30.97 -14.31
C GLU E 81 -40.10 -30.29 -14.40
N TYR E 82 -40.51 -29.97 -15.62
CA TYR E 82 -41.81 -29.33 -15.88
C TYR E 82 -42.97 -30.09 -15.25
N GLY E 83 -42.93 -31.41 -15.32
CA GLY E 83 -43.89 -32.24 -14.64
C GLY E 83 -44.00 -32.08 -13.13
N ARG E 84 -42.98 -31.51 -12.49
CA ARG E 84 -42.93 -31.41 -11.02
C ARG E 84 -43.52 -30.15 -10.44
N LEU E 85 -43.73 -29.15 -11.30
CA LEU E 85 -44.31 -27.86 -10.93
C LEU E 85 -45.74 -28.00 -10.37
N ARG E 86 -46.05 -27.28 -9.29
CA ARG E 86 -47.29 -27.50 -8.55
C ARG E 86 -48.04 -26.20 -8.34
N HIS E 87 -49.24 -26.30 -7.77
CA HIS E 87 -50.05 -25.12 -7.73
C HIS E 87 -49.86 -24.25 -6.49
N GLY E 88 -49.87 -24.84 -5.29
CA GLY E 88 -49.77 -24.00 -4.07
C GLY E 88 -48.33 -23.85 -3.62
N GLN E 89 -47.46 -23.60 -4.59
CA GLN E 89 -46.03 -23.68 -4.36
C GLN E 89 -45.31 -22.42 -4.86
N ILE E 90 -44.48 -21.85 -3.98
CA ILE E 90 -43.58 -20.76 -4.36
C ILE E 90 -42.23 -21.31 -4.81
N LEU E 91 -41.83 -20.91 -6.01
CA LEU E 91 -40.54 -21.21 -6.59
C LEU E 91 -39.69 -19.94 -6.72
N PHE E 92 -38.47 -20.01 -6.16
CA PHE E 92 -37.53 -18.88 -6.04
C PHE E 92 -36.20 -19.32 -6.62
N THR E 93 -35.81 -18.73 -7.76
CA THR E 93 -34.56 -19.08 -8.45
C THR E 93 -34.24 -18.04 -9.55
N PHE E 94 -33.12 -18.22 -10.25
CA PHE E 94 -32.87 -17.49 -11.48
C PHE E 94 -33.75 -18.06 -12.60
N LEU E 95 -34.53 -17.20 -13.26
CA LEU E 95 -35.55 -17.67 -14.17
C LEU E 95 -35.19 -17.39 -15.61
N HIS E 96 -34.94 -16.13 -15.94
CA HIS E 96 -34.68 -15.71 -17.32
C HIS E 96 -35.79 -16.17 -18.24
N LEU E 97 -37.02 -15.80 -17.90
CA LEU E 97 -38.19 -16.23 -18.61
C LEU E 97 -38.13 -15.76 -20.06
N ALA E 98 -37.62 -14.54 -20.24
CA ALA E 98 -37.31 -13.93 -21.53
C ALA E 98 -36.66 -14.89 -22.52
N ALA E 99 -35.77 -15.72 -22.02
CA ALA E 99 -34.98 -16.58 -22.89
C ALA E 99 -35.64 -17.90 -23.19
N SER E 100 -36.78 -18.18 -22.58
CA SER E 100 -37.40 -19.47 -22.80
C SER E 100 -38.91 -19.43 -22.86
N ARG E 101 -39.35 -19.61 -24.10
CA ARG E 101 -40.73 -19.67 -24.42
C ARG E 101 -41.33 -20.83 -23.61
N ALA E 102 -40.73 -21.99 -23.77
CA ALA E 102 -41.19 -23.26 -23.16
C ALA E 102 -41.35 -23.20 -21.65
N CYS E 103 -40.30 -22.69 -21.01
CA CYS E 103 -40.22 -22.48 -19.57
C CYS E 103 -41.38 -21.62 -19.03
N THR E 104 -41.64 -20.52 -19.70
CA THR E 104 -42.66 -19.59 -19.28
C THR E 104 -44.05 -20.28 -19.28
N ASP E 105 -44.30 -21.04 -20.35
CA ASP E 105 -45.55 -21.77 -20.55
C ASP E 105 -45.79 -22.78 -19.44
N ALA E 106 -44.75 -23.59 -19.18
CA ALA E 106 -44.74 -24.56 -18.10
C ALA E 106 -45.18 -23.98 -16.74
N LEU E 107 -44.67 -22.78 -16.44
CA LEU E 107 -44.87 -22.12 -15.17
C LEU E 107 -46.29 -21.60 -15.04
N LEU E 108 -46.77 -21.02 -16.13
CA LEU E 108 -48.13 -20.52 -16.28
C LEU E 108 -49.17 -21.63 -16.18
N ASP E 109 -48.93 -22.65 -17.00
CA ASP E 109 -49.67 -23.91 -17.03
C ASP E 109 -50.04 -24.51 -15.67
N SER E 110 -48.97 -24.72 -14.88
CA SER E 110 -49.01 -25.39 -13.60
C SER E 110 -49.59 -24.52 -12.49
N GLY E 111 -49.70 -23.22 -12.78
CA GLY E 111 -50.27 -22.24 -11.83
C GLY E 111 -49.35 -21.94 -10.66
N THR E 112 -48.07 -22.25 -10.85
CA THR E 112 -47.05 -22.07 -9.83
C THR E 112 -46.81 -20.58 -9.60
N THR E 113 -46.66 -20.19 -8.35
CA THR E 113 -46.30 -18.81 -8.11
C THR E 113 -44.77 -18.69 -7.96
N SER E 114 -44.14 -17.97 -8.89
CA SER E 114 -42.69 -17.93 -8.99
C SER E 114 -42.05 -16.53 -8.90
N ILE E 115 -40.89 -16.45 -8.24
CA ILE E 115 -40.21 -15.18 -8.04
C ILE E 115 -38.78 -15.30 -8.51
N ALA E 116 -38.35 -14.40 -9.39
CA ALA E 116 -37.02 -14.47 -10.06
C ALA E 116 -35.94 -13.71 -9.28
N TYR E 117 -34.79 -14.38 -9.06
CA TYR E 117 -33.67 -13.74 -8.33
C TYR E 117 -33.20 -12.46 -9.03
N GLU E 118 -33.13 -12.50 -10.34
CA GLU E 118 -32.46 -11.47 -11.08
C GLU E 118 -33.23 -10.18 -11.26
N THR E 119 -34.49 -10.15 -10.85
CA THR E 119 -35.27 -8.89 -10.93
C THR E 119 -35.68 -8.41 -9.55
N VAL E 120 -35.23 -9.11 -8.50
CA VAL E 120 -35.34 -8.54 -7.17
C VAL E 120 -34.51 -7.24 -7.15
N GLN E 121 -35.16 -6.12 -6.85
CA GLN E 121 -34.50 -4.81 -6.99
C GLN E 121 -34.89 -3.79 -5.94
N THR E 122 -33.86 -3.24 -5.29
CA THR E 122 -33.99 -2.29 -4.20
C THR E 122 -34.38 -0.91 -4.73
N ALA E 123 -34.98 -0.08 -3.85
CA ALA E 123 -35.45 1.27 -4.25
C ALA E 123 -34.40 2.09 -5.06
N ASP E 124 -33.12 1.97 -4.69
CA ASP E 124 -32.01 2.62 -5.43
C ASP E 124 -31.56 1.92 -6.73
N GLY E 125 -32.32 0.94 -7.20
CA GLY E 125 -32.07 0.33 -8.50
C GLY E 125 -31.04 -0.78 -8.50
N ALA E 126 -30.46 -1.08 -7.35
CA ALA E 126 -29.53 -2.21 -7.26
C ALA E 126 -30.25 -3.56 -7.43
N LEU E 127 -29.51 -4.52 -7.98
CA LEU E 127 -29.95 -5.89 -8.15
C LEU E 127 -29.17 -6.78 -7.20
N PRO E 128 -29.55 -6.82 -5.91
CA PRO E 128 -28.67 -7.44 -4.92
C PRO E 128 -28.37 -8.95 -5.03
N LEU E 129 -29.17 -9.71 -5.78
CA LEU E 129 -28.89 -11.12 -5.87
C LEU E 129 -28.05 -11.42 -7.10
N LEU E 130 -27.98 -10.49 -8.05
CA LEU E 130 -27.10 -10.65 -9.17
C LEU E 130 -25.66 -10.17 -8.81
N ALA E 131 -25.57 -9.13 -7.95
CA ALA E 131 -24.27 -8.53 -7.60
C ALA E 131 -23.21 -9.57 -7.22
N PRO E 132 -23.54 -10.51 -6.31
CA PRO E 132 -22.48 -11.43 -5.95
C PRO E 132 -21.98 -12.27 -7.12
N MET E 133 -22.86 -12.58 -8.07
CA MET E 133 -22.47 -13.34 -9.25
C MET E 133 -21.56 -12.53 -10.15
N SER E 134 -21.75 -11.23 -10.18
CA SER E 134 -20.86 -10.40 -10.97
C SER E 134 -19.49 -10.27 -10.34
N GLU E 135 -19.46 -10.20 -9.02
CA GLU E 135 -18.20 -10.24 -8.26
C GLU E 135 -17.40 -11.49 -8.62
N VAL E 136 -18.09 -12.64 -8.60
CA VAL E 136 -17.44 -13.90 -8.93
C VAL E 136 -16.97 -13.89 -10.37
N ALA E 137 -17.82 -13.48 -11.30
CA ALA E 137 -17.46 -13.55 -12.70
C ALA E 137 -16.30 -12.65 -13.02
N GLY E 138 -16.26 -11.47 -12.41
CA GLY E 138 -15.21 -10.47 -12.64
C GLY E 138 -13.89 -11.04 -12.20
N ARG E 139 -13.87 -11.57 -10.98
CA ARG E 139 -12.65 -12.17 -10.47
C ARG E 139 -12.22 -13.38 -11.29
N LEU E 140 -13.16 -14.26 -11.61
CA LEU E 140 -12.84 -15.39 -12.49
C LEU E 140 -12.26 -15.02 -13.84
N ALA E 141 -12.81 -13.98 -14.48
CA ALA E 141 -12.37 -13.57 -15.82
C ALA E 141 -10.86 -13.33 -15.91
N ALA E 142 -10.31 -12.64 -14.90
CA ALA E 142 -8.89 -12.40 -14.86
C ALA E 142 -8.15 -13.73 -14.75
N GLN E 143 -8.63 -14.67 -13.93
CA GLN E 143 -7.97 -15.97 -13.80
C GLN E 143 -7.94 -16.72 -15.13
N VAL E 144 -9.09 -16.77 -15.79
CA VAL E 144 -9.16 -17.55 -17.01
C VAL E 144 -8.35 -16.92 -18.12
N GLY E 145 -8.44 -15.60 -18.21
CA GLY E 145 -7.63 -14.84 -19.15
C GLY E 145 -6.16 -15.12 -18.96
N ALA E 146 -5.70 -15.13 -17.71
CA ALA E 146 -4.26 -15.38 -17.48
C ALA E 146 -3.85 -16.73 -18.03
N TYR E 147 -4.66 -17.74 -17.74
CA TYR E 147 -4.34 -19.11 -18.12
C TYR E 147 -4.31 -19.24 -19.66
N HIS E 148 -5.31 -18.71 -20.32
CA HIS E 148 -5.43 -18.93 -21.75
C HIS E 148 -4.50 -18.06 -22.54
N LEU E 149 -3.70 -17.28 -21.85
CA LEU E 149 -2.73 -16.44 -22.52
C LEU E 149 -1.44 -17.24 -22.70
N MET E 150 -1.39 -18.43 -22.13
CA MET E 150 -0.26 -19.34 -22.33
C MET E 150 -0.20 -19.88 -23.80
N ARG E 151 1.00 -20.05 -24.38
CA ARG E 151 1.05 -20.50 -25.81
C ARG E 151 0.47 -21.89 -25.99
N THR E 152 0.71 -22.69 -24.98
CA THR E 152 0.18 -23.99 -24.78
C THR E 152 -1.35 -24.05 -24.90
N GLN E 153 -2.05 -22.92 -24.76
CA GLN E 153 -3.50 -22.90 -24.87
C GLN E 153 -3.90 -22.12 -26.12
N GLY E 154 -2.93 -21.77 -26.94
CA GLY E 154 -3.24 -20.92 -28.08
C GLY E 154 -3.02 -19.41 -27.93
N GLY E 155 -2.71 -18.90 -26.72
CA GLY E 155 -2.55 -17.48 -26.52
C GLY E 155 -1.18 -17.01 -26.93
N ARG E 156 -0.97 -15.69 -26.93
CA ARG E 156 0.30 -15.19 -27.35
C ARG E 156 1.47 -15.53 -26.49
N GLY E 157 1.24 -16.05 -25.28
CA GLY E 157 2.34 -16.56 -24.46
C GLY E 157 3.06 -15.54 -23.58
N VAL E 158 2.28 -14.65 -22.96
CA VAL E 158 2.82 -13.67 -22.02
C VAL E 158 2.27 -13.91 -20.63
N LEU E 159 3.17 -13.84 -19.64
CA LEU E 159 2.83 -13.93 -18.25
C LEU E 159 2.14 -12.61 -17.81
N MET E 160 1.03 -12.70 -17.09
CA MET E 160 0.39 -11.49 -16.66
C MET E 160 1.38 -10.44 -16.13
N GLY E 161 2.23 -10.77 -15.17
CA GLY E 161 2.97 -9.74 -14.47
C GLY E 161 4.40 -9.51 -14.94
N GLY E 162 4.81 -10.12 -16.03
CA GLY E 162 6.20 -10.04 -16.44
C GLY E 162 7.10 -10.63 -15.36
N VAL E 163 8.38 -10.33 -15.47
CA VAL E 163 9.36 -10.60 -14.44
C VAL E 163 10.33 -9.41 -14.53
N PRO E 164 11.15 -9.16 -13.47
CA PRO E 164 11.97 -7.99 -13.53
C PRO E 164 12.67 -7.87 -14.87
N GLY E 165 12.54 -6.72 -15.52
CA GLY E 165 13.31 -6.50 -16.74
C GLY E 165 12.47 -6.71 -17.97
N VAL E 166 11.30 -7.29 -17.81
CA VAL E 166 10.48 -7.69 -18.94
C VAL E 166 9.05 -7.21 -18.75
N GLU E 167 8.44 -6.77 -19.83
CA GLU E 167 7.12 -6.12 -19.81
C GLU E 167 6.02 -7.00 -19.24
N PRO E 168 5.15 -6.46 -18.37
CA PRO E 168 3.97 -7.30 -18.07
C PRO E 168 2.93 -7.29 -19.20
N ALA E 169 1.88 -8.09 -19.09
CA ALA E 169 0.75 -8.11 -19.97
C ALA E 169 -0.01 -6.80 -19.93
N ASP E 170 -0.63 -6.47 -21.06
CA ASP E 170 -1.37 -5.26 -21.22
C ASP E 170 -2.86 -5.63 -21.22
N VAL E 171 -3.58 -5.25 -20.18
CA VAL E 171 -4.91 -5.77 -20.02
C VAL E 171 -5.93 -4.63 -20.08
N VAL E 172 -6.96 -4.78 -20.93
CA VAL E 172 -7.98 -3.79 -20.84
C VAL E 172 -9.28 -4.39 -20.39
N VAL E 173 -9.95 -3.65 -19.54
CA VAL E 173 -11.23 -4.04 -19.00
C VAL E 173 -12.24 -3.00 -19.51
N ILE E 174 -13.29 -3.47 -20.17
CA ILE E 174 -14.29 -2.60 -20.69
C ILE E 174 -15.45 -2.67 -19.74
N GLY E 175 -15.76 -1.54 -19.09
CA GLY E 175 -16.84 -1.50 -18.12
C GLY E 175 -16.32 -1.39 -16.70
N ALA E 176 -16.82 -0.43 -15.92
CA ALA E 176 -16.26 -0.21 -14.61
C ALA E 176 -17.29 -0.42 -13.54
N GLY E 177 -18.28 -1.26 -13.80
CA GLY E 177 -19.28 -1.63 -12.78
C GLY E 177 -18.64 -2.70 -11.90
N THR E 178 -19.46 -3.45 -11.15
CA THR E 178 -18.97 -4.45 -10.23
C THR E 178 -18.07 -5.49 -10.90
N ALA E 179 -18.53 -6.08 -12.00
CA ALA E 179 -17.71 -7.07 -12.68
C ALA E 179 -16.37 -6.51 -13.18
N GLY E 180 -16.37 -5.28 -13.70
CA GLY E 180 -15.18 -4.69 -14.29
C GLY E 180 -14.23 -4.33 -13.16
N TYR E 181 -14.80 -3.81 -12.07
CA TYR E 181 -14.00 -3.40 -10.91
C TYR E 181 -13.23 -4.65 -10.44
N ASN E 182 -13.94 -5.77 -10.41
CA ASN E 182 -13.39 -6.97 -9.84
C ASN E 182 -12.36 -7.63 -10.73
N ALA E 183 -12.62 -7.63 -12.03
CA ALA E 183 -11.69 -8.15 -12.98
C ALA E 183 -10.41 -7.30 -12.91
N ALA E 184 -10.56 -5.96 -12.89
CA ALA E 184 -9.40 -5.04 -12.89
C ALA E 184 -8.52 -5.25 -11.63
N ARG E 185 -9.17 -5.48 -10.50
CA ARG E 185 -8.51 -5.68 -9.26
C ARG E 185 -7.66 -6.93 -9.29
N ILE E 186 -8.22 -8.04 -9.79
CA ILE E 186 -7.46 -9.25 -9.78
C ILE E 186 -6.34 -9.20 -10.83
N ALA E 187 -6.66 -8.74 -12.04
CA ALA E 187 -5.63 -8.52 -13.05
C ALA E 187 -4.48 -7.70 -12.52
N ASN E 188 -4.82 -6.56 -11.89
CA ASN E 188 -3.79 -5.73 -11.27
C ASN E 188 -2.97 -6.49 -10.23
N GLY E 189 -3.66 -7.23 -9.37
CA GLY E 189 -3.00 -8.04 -8.35
C GLY E 189 -2.02 -9.02 -8.94
N MET E 190 -2.25 -9.43 -10.18
CA MET E 190 -1.35 -10.43 -10.80
C MET E 190 -0.16 -9.74 -11.46
N GLY E 191 -0.15 -8.39 -11.45
CA GLY E 191 1.02 -7.68 -11.92
C GLY E 191 0.90 -7.14 -13.32
N ALA E 192 -0.26 -7.26 -13.90
CA ALA E 192 -0.51 -6.75 -15.27
C ALA E 192 -0.70 -5.26 -15.23
N THR E 193 -0.41 -4.57 -16.31
CA THR E 193 -0.83 -3.20 -16.37
C THR E 193 -2.25 -3.11 -16.95
N VAL E 194 -3.14 -2.52 -16.19
CA VAL E 194 -4.58 -2.59 -16.44
C VAL E 194 -5.19 -1.21 -16.75
N THR E 195 -5.98 -1.15 -17.81
CA THR E 195 -6.70 0.09 -18.17
C THR E 195 -8.18 -0.25 -18.19
N VAL E 196 -9.01 0.53 -17.50
CA VAL E 196 -10.43 0.31 -17.68
C VAL E 196 -11.12 1.44 -18.37
N LEU E 197 -12.04 1.08 -19.24
CA LEU E 197 -12.73 2.04 -20.10
C LEU E 197 -14.14 2.06 -19.66
N ASP E 198 -14.70 3.25 -19.55
CA ASP E 198 -16.12 3.38 -19.26
C ASP E 198 -16.58 4.77 -19.70
N ILE E 199 -17.89 4.96 -19.90
CA ILE E 199 -18.39 6.32 -20.28
C ILE E 199 -18.82 7.14 -19.07
N ASN E 200 -18.85 6.53 -17.90
CA ASN E 200 -19.21 7.22 -16.70
C ASN E 200 -17.96 7.60 -15.89
N ILE E 201 -17.57 8.87 -16.02
CA ILE E 201 -16.37 9.42 -15.36
C ILE E 201 -16.36 9.27 -13.83
N ASP E 202 -17.52 9.34 -13.19
CA ASP E 202 -17.56 9.14 -11.75
C ASP E 202 -17.07 7.77 -11.35
N LYS E 203 -17.38 6.76 -12.16
CA LYS E 203 -16.89 5.41 -11.91
C LYS E 203 -15.40 5.33 -12.17
N LEU E 204 -14.90 6.06 -13.14
CA LEU E 204 -13.47 6.15 -13.36
C LEU E 204 -12.79 6.83 -12.18
N ARG E 205 -13.40 7.88 -11.63
CA ARG E 205 -12.90 8.57 -10.44
C ARG E 205 -12.79 7.63 -9.23
N GLN E 206 -13.81 6.79 -8.98
CA GLN E 206 -13.68 5.74 -7.91
C GLN E 206 -12.54 4.77 -8.11
N LEU E 207 -12.38 4.29 -9.34
CA LEU E 207 -11.29 3.39 -9.62
C LEU E 207 -9.94 4.03 -9.42
N ASP E 208 -9.86 5.31 -9.76
CA ASP E 208 -8.62 6.06 -9.69
C ASP E 208 -8.20 6.31 -8.23
N ALA E 209 -9.19 6.52 -7.38
CA ALA E 209 -8.89 6.82 -6.00
C ALA E 209 -8.49 5.54 -5.33
N GLU E 210 -9.17 4.47 -5.68
CA GLU E 210 -9.00 3.25 -4.90
C GLU E 210 -7.58 2.70 -5.09
N PHE E 211 -7.01 2.91 -6.28
CA PHE E 211 -5.72 2.30 -6.54
C PHE E 211 -4.59 3.28 -6.66
N CYS E 212 -4.80 4.49 -6.13
CA CYS E 212 -4.02 5.67 -6.54
C CYS E 212 -3.66 5.64 -8.04
N GLY E 213 -2.40 5.70 -8.40
CA GLY E 213 -2.16 5.65 -9.85
C GLY E 213 -2.40 4.30 -10.55
N ARG E 214 -2.49 3.21 -9.76
CA ARG E 214 -2.15 1.89 -10.24
C ARG E 214 -3.03 1.42 -11.39
N ILE E 215 -4.34 1.49 -11.27
CA ILE E 215 -5.20 1.14 -12.41
C ILE E 215 -5.52 2.33 -13.36
N HIS E 216 -5.03 2.28 -14.61
CA HIS E 216 -5.30 3.37 -15.53
C HIS E 216 -6.76 3.44 -15.94
N THR E 217 -7.25 4.64 -16.14
CA THR E 217 -8.62 4.83 -16.54
C THR E 217 -8.67 5.64 -17.83
N ARG E 218 -9.58 5.23 -18.72
CA ARG E 218 -9.77 5.96 -19.96
C ARG E 218 -11.19 6.12 -20.37
N TYR E 219 -11.53 7.36 -20.75
CA TYR E 219 -12.90 7.64 -21.25
C TYR E 219 -13.20 6.82 -22.50
N SER E 220 -14.35 6.17 -22.48
CA SER E 220 -14.67 5.17 -23.48
C SER E 220 -15.32 5.67 -24.82
N SER E 221 -14.68 6.57 -25.53
CA SER E 221 -15.10 6.89 -26.89
C SER E 221 -14.64 5.77 -27.83
N ALA E 222 -15.32 5.57 -28.95
CA ALA E 222 -14.95 4.46 -29.85
C ALA E 222 -13.50 4.59 -30.27
N TYR E 223 -13.07 5.82 -30.40
CA TYR E 223 -11.75 6.14 -30.82
C TYR E 223 -10.69 5.62 -29.83
N GLU E 224 -11.02 5.82 -28.55
CA GLU E 224 -10.17 5.53 -27.44
C GLU E 224 -10.20 4.02 -27.17
N LEU E 225 -11.38 3.45 -27.29
CA LEU E 225 -11.55 2.02 -27.18
C LEU E 225 -10.77 1.22 -28.23
N GLU E 226 -10.85 1.63 -29.50
CA GLU E 226 -10.04 1.04 -30.56
C GLU E 226 -8.55 1.12 -30.30
N GLY E 227 -8.07 2.29 -29.89
CA GLY E 227 -6.65 2.42 -29.54
C GLY E 227 -6.20 1.46 -28.42
N ALA E 228 -7.01 1.37 -27.38
CA ALA E 228 -6.72 0.51 -26.23
C ALA E 228 -6.73 -0.98 -26.63
N VAL E 229 -7.82 -1.42 -27.26
CA VAL E 229 -7.95 -2.80 -27.70
C VAL E 229 -6.82 -3.27 -28.64
N LYS E 230 -6.40 -2.44 -29.58
CA LYS E 230 -5.35 -2.81 -30.56
C LYS E 230 -4.06 -3.19 -29.87
N ARG E 231 -3.77 -2.59 -28.70
CA ARG E 231 -2.51 -2.81 -27.98
C ARG E 231 -2.57 -3.91 -26.92
N ALA E 232 -3.76 -4.44 -26.68
CA ALA E 232 -4.04 -5.32 -25.56
C ALA E 232 -3.53 -6.76 -25.78
N ASP E 233 -3.01 -7.39 -24.73
CA ASP E 233 -2.81 -8.82 -24.77
C ASP E 233 -4.07 -9.52 -24.30
N LEU E 234 -4.87 -8.88 -23.47
CA LEU E 234 -6.06 -9.53 -22.86
C LEU E 234 -7.10 -8.46 -22.81
N VAL E 235 -8.31 -8.80 -23.21
CA VAL E 235 -9.40 -7.85 -23.18
C VAL E 235 -10.49 -8.56 -22.42
N ILE E 236 -11.11 -7.88 -21.46
CA ILE E 236 -12.21 -8.46 -20.70
C ILE E 236 -13.45 -7.59 -20.86
N GLY E 237 -14.48 -8.16 -21.47
CA GLY E 237 -15.74 -7.46 -21.71
C GLY E 237 -16.60 -7.61 -20.50
N ALA E 238 -16.88 -6.50 -19.82
CA ALA E 238 -17.57 -6.54 -18.54
C ALA E 238 -18.71 -5.53 -18.46
N VAL E 239 -19.20 -5.10 -19.61
CA VAL E 239 -20.39 -4.25 -19.72
C VAL E 239 -21.63 -5.11 -19.59
N LEU E 240 -22.16 -5.22 -18.39
CA LEU E 240 -23.42 -5.93 -18.15
C LEU E 240 -24.55 -4.91 -17.97
N VAL E 241 -25.31 -4.54 -19.00
CA VAL E 241 -26.47 -3.62 -18.76
C VAL E 241 -27.61 -4.36 -17.99
N PRO E 242 -28.19 -3.72 -16.91
CA PRO E 242 -29.07 -4.40 -15.92
C PRO E 242 -29.86 -5.64 -16.42
N GLY E 243 -30.77 -5.45 -17.38
CA GLY E 243 -31.67 -6.52 -17.86
C GLY E 243 -31.98 -6.46 -19.35
N ALA E 244 -31.22 -5.64 -20.09
CA ALA E 244 -31.37 -5.51 -21.55
C ALA E 244 -30.54 -6.55 -22.31
N LYS E 245 -29.83 -6.15 -23.36
CA LYS E 245 -29.13 -7.16 -24.17
C LYS E 245 -27.60 -7.01 -24.38
N ALA E 246 -27.00 -5.93 -23.85
CA ALA E 246 -25.53 -5.73 -23.86
C ALA E 246 -24.98 -5.30 -25.23
N PRO E 247 -24.51 -4.05 -25.33
CA PRO E 247 -24.09 -3.50 -26.62
C PRO E 247 -22.87 -4.25 -27.19
N LYS E 248 -22.74 -4.29 -28.51
CA LYS E 248 -21.59 -4.93 -29.11
C LYS E 248 -20.52 -3.88 -29.26
N LEU E 249 -19.51 -3.91 -28.38
CA LEU E 249 -18.53 -2.84 -28.35
C LEU E 249 -17.24 -3.14 -29.11
N VAL E 250 -16.97 -4.42 -29.33
CA VAL E 250 -15.80 -4.79 -30.12
C VAL E 250 -16.29 -5.47 -31.38
N SER E 251 -15.91 -4.92 -32.52
CA SER E 251 -16.32 -5.47 -33.81
C SER E 251 -15.30 -6.49 -34.31
N ASN E 252 -15.74 -7.38 -35.20
CA ASN E 252 -14.85 -8.33 -35.86
C ASN E 252 -13.70 -7.69 -36.62
N SER E 253 -13.99 -6.54 -37.25
CA SER E 253 -12.93 -5.82 -37.99
C SER E 253 -11.86 -5.34 -37.00
N LEU E 254 -12.32 -4.80 -35.88
CA LEU E 254 -11.43 -4.45 -34.79
C LEU E 254 -10.57 -5.65 -34.37
N VAL E 255 -11.22 -6.79 -34.12
CA VAL E 255 -10.42 -7.94 -33.74
C VAL E 255 -9.38 -8.34 -34.79
N ALA E 256 -9.70 -8.06 -36.06
CA ALA E 256 -8.75 -8.42 -37.12
C ALA E 256 -7.47 -7.57 -37.01
N HIS E 257 -7.53 -6.45 -36.29
CA HIS E 257 -6.32 -5.60 -36.10
C HIS E 257 -5.54 -5.84 -34.78
N MET E 258 -6.03 -6.78 -33.95
CA MET E 258 -5.41 -7.10 -32.67
C MET E 258 -4.13 -7.93 -32.81
N LYS E 259 -3.28 -7.93 -31.78
CA LYS E 259 -2.05 -8.75 -31.83
C LYS E 259 -2.39 -10.27 -31.98
N PRO E 260 -1.68 -11.01 -32.85
CA PRO E 260 -2.01 -12.44 -32.83
C PRO E 260 -1.86 -13.06 -31.44
N GLY E 261 -2.82 -13.86 -31.05
CA GLY E 261 -2.73 -14.62 -29.79
C GLY E 261 -3.36 -13.91 -28.61
N ALA E 262 -3.95 -12.73 -28.84
CA ALA E 262 -4.59 -11.96 -27.77
C ALA E 262 -5.80 -12.74 -27.37
N VAL E 263 -6.22 -12.59 -26.11
CA VAL E 263 -7.41 -13.32 -25.69
C VAL E 263 -8.46 -12.38 -25.22
N LEU E 264 -9.70 -12.73 -25.50
CA LEU E 264 -10.81 -11.88 -25.16
C LEU E 264 -11.78 -12.70 -24.31
N VAL E 265 -12.19 -12.16 -23.17
CA VAL E 265 -13.06 -12.88 -22.28
C VAL E 265 -14.34 -12.07 -22.14
N ASP E 266 -15.46 -12.73 -22.41
CA ASP E 266 -16.75 -12.07 -22.46
C ASP E 266 -17.53 -12.54 -21.29
N ILE E 267 -17.53 -11.73 -20.26
CA ILE E 267 -18.31 -12.02 -19.06
C ILE E 267 -19.77 -11.74 -19.37
N ALA E 268 -20.06 -10.95 -20.41
CA ALA E 268 -21.48 -10.63 -20.69
C ALA E 268 -22.16 -11.66 -21.56
N ILE E 269 -21.59 -12.86 -21.64
CA ILE E 269 -22.02 -13.89 -22.60
C ILE E 269 -23.44 -14.40 -22.33
N ASP E 270 -23.72 -14.83 -21.11
CA ASP E 270 -25.12 -14.98 -20.70
C ASP E 270 -25.70 -13.61 -21.03
N GLN E 271 -26.93 -13.54 -21.47
CA GLN E 271 -27.47 -12.22 -21.88
C GLN E 271 -26.72 -11.48 -23.09
N GLY E 272 -26.10 -12.25 -23.97
CA GLY E 272 -25.84 -11.73 -25.32
C GLY E 272 -24.40 -11.57 -25.73
N GLY E 273 -23.54 -11.20 -24.78
CA GLY E 273 -22.11 -10.97 -25.06
C GLY E 273 -21.94 -9.52 -25.44
N CYS E 274 -20.70 -9.04 -25.45
CA CYS E 274 -20.50 -7.67 -25.89
C CYS E 274 -19.38 -7.49 -26.89
N PHE E 275 -18.87 -8.61 -27.37
CA PHE E 275 -18.09 -8.61 -28.59
C PHE E 275 -19.00 -9.08 -29.74
N GLU E 276 -18.73 -8.60 -30.97
CA GLU E 276 -19.57 -9.08 -32.08
C GLU E 276 -19.32 -10.55 -32.40
N GLY E 277 -18.07 -11.02 -32.37
CA GLY E 277 -17.81 -12.45 -32.61
C GLY E 277 -18.24 -13.43 -31.52
N SER E 278 -18.88 -12.93 -30.45
CA SER E 278 -19.12 -13.74 -29.24
C SER E 278 -20.22 -14.74 -29.42
N ARG E 279 -20.06 -15.90 -28.79
CA ARG E 279 -20.90 -17.08 -29.01
C ARG E 279 -20.70 -18.03 -27.78
N PRO E 280 -21.81 -18.46 -27.11
CA PRO E 280 -21.66 -19.26 -25.86
C PRO E 280 -20.84 -20.53 -26.08
N THR E 281 -19.86 -20.78 -25.22
CA THR E 281 -19.06 -22.01 -25.26
C THR E 281 -19.24 -22.83 -23.96
N THR E 282 -18.58 -23.99 -23.90
CA THR E 282 -18.76 -24.87 -22.75
C THR E 282 -17.42 -25.17 -22.10
N TYR E 283 -17.48 -25.77 -20.92
CA TYR E 283 -16.29 -25.95 -20.10
C TYR E 283 -15.22 -26.83 -20.72
N ASP E 284 -15.65 -27.81 -21.51
CA ASP E 284 -14.74 -28.73 -22.21
C ASP E 284 -14.19 -28.14 -23.50
N HIS E 285 -14.97 -27.27 -24.15
CA HIS E 285 -14.48 -26.57 -25.34
C HIS E 285 -14.66 -25.05 -25.14
N PRO E 286 -13.80 -24.46 -24.32
CA PRO E 286 -14.13 -23.14 -23.79
C PRO E 286 -13.78 -22.00 -24.75
N THR E 287 -12.76 -22.17 -25.58
CA THR E 287 -12.34 -21.12 -26.48
C THR E 287 -12.55 -21.44 -27.95
N PHE E 288 -12.50 -20.42 -28.81
CA PHE E 288 -12.49 -20.59 -30.28
C PHE E 288 -11.79 -19.40 -30.96
N ALA E 289 -11.19 -19.63 -32.14
CA ALA E 289 -10.43 -18.61 -32.84
C ALA E 289 -11.33 -17.60 -33.57
N VAL E 290 -10.94 -16.33 -33.57
CA VAL E 290 -11.55 -15.29 -34.42
C VAL E 290 -10.35 -14.50 -34.93
N HIS E 291 -10.05 -14.61 -36.22
CA HIS E 291 -8.88 -13.96 -36.84
C HIS E 291 -7.59 -13.99 -36.00
N ASP E 292 -6.96 -15.13 -35.74
CA ASP E 292 -5.71 -14.99 -34.93
C ASP E 292 -5.89 -14.58 -33.45
N THR E 293 -7.12 -14.27 -33.00
CA THR E 293 -7.31 -14.06 -31.59
C THR E 293 -8.05 -15.23 -30.99
N LEU E 294 -8.05 -15.32 -29.67
CA LEU E 294 -8.72 -16.37 -28.93
C LEU E 294 -9.90 -15.79 -28.14
N PHE E 295 -11.09 -16.36 -28.28
CA PHE E 295 -12.25 -15.89 -27.55
C PHE E 295 -12.56 -16.90 -26.52
N TYR E 296 -12.95 -16.43 -25.33
CA TYR E 296 -13.33 -17.31 -24.25
C TYR E 296 -14.68 -16.84 -23.83
N CYS E 297 -15.69 -17.68 -24.01
CA CYS E 297 -17.10 -17.27 -23.78
C CYS E 297 -17.95 -18.25 -22.98
N VAL E 298 -17.35 -18.87 -21.98
CA VAL E 298 -18.07 -19.89 -21.25
C VAL E 298 -19.33 -19.34 -20.58
N ALA E 299 -20.44 -19.98 -20.86
CA ALA E 299 -21.69 -19.55 -20.28
C ALA E 299 -21.72 -20.01 -18.83
N ASN E 300 -22.43 -19.26 -18.00
CA ASN E 300 -22.71 -19.68 -16.64
C ASN E 300 -21.44 -19.84 -15.79
N MET E 301 -20.50 -18.91 -15.94
CA MET E 301 -19.20 -18.99 -15.29
C MET E 301 -19.15 -19.13 -13.77
N PRO E 302 -20.01 -18.39 -13.03
CA PRO E 302 -19.93 -18.59 -11.58
C PRO E 302 -20.08 -20.02 -11.12
N ALA E 303 -20.62 -20.92 -11.94
CA ALA E 303 -20.83 -22.29 -11.47
C ALA E 303 -19.54 -23.06 -11.33
N SER E 304 -18.48 -22.59 -11.97
CA SER E 304 -17.20 -23.31 -11.90
C SER E 304 -16.45 -23.16 -10.59
N VAL E 305 -16.91 -22.29 -9.70
CA VAL E 305 -16.30 -22.14 -8.37
C VAL E 305 -17.40 -22.23 -7.32
N PRO E 306 -18.05 -23.39 -7.26
CA PRO E 306 -19.33 -23.56 -6.57
C PRO E 306 -19.20 -23.37 -5.07
N LYS E 307 -18.07 -23.76 -4.51
CA LYS E 307 -17.84 -23.54 -3.08
C LYS E 307 -17.88 -22.04 -2.71
N THR E 308 -17.35 -21.18 -3.58
CA THR E 308 -17.49 -19.76 -3.40
C THR E 308 -18.87 -19.21 -3.79
N SER E 309 -19.35 -19.54 -4.99
CA SER E 309 -20.59 -18.92 -5.49
C SER E 309 -21.87 -19.33 -4.75
N THR E 310 -21.87 -20.55 -4.27
CA THR E 310 -22.97 -21.04 -3.49
C THR E 310 -23.17 -20.17 -2.28
N TYR E 311 -22.07 -19.89 -1.59
CA TYR E 311 -22.10 -19.02 -0.41
C TYR E 311 -22.42 -17.58 -0.73
N ALA E 312 -21.77 -17.06 -1.78
CA ALA E 312 -21.99 -15.70 -2.22
C ALA E 312 -23.48 -15.51 -2.53
N LEU E 313 -24.08 -16.45 -3.28
CA LEU E 313 -25.44 -16.29 -3.68
C LEU E 313 -26.35 -16.47 -2.49
N THR E 314 -26.14 -17.52 -1.70
CA THR E 314 -27.09 -17.79 -0.64
C THR E 314 -27.01 -16.85 0.56
N ASN E 315 -25.85 -16.22 0.79
CA ASN E 315 -25.80 -15.13 1.75
C ASN E 315 -26.70 -13.95 1.33
N ALA E 316 -26.72 -13.64 0.03
CA ALA E 316 -27.57 -12.59 -0.47
C ALA E 316 -29.05 -13.01 -0.45
N THR E 317 -29.37 -14.26 -0.79
CA THR E 317 -30.81 -14.63 -0.84
C THR E 317 -31.40 -14.80 0.52
N MET E 318 -30.57 -15.06 1.53
CA MET E 318 -31.07 -15.53 2.82
C MET E 318 -32.17 -14.68 3.43
N PRO E 319 -31.96 -13.35 3.57
CA PRO E 319 -33.04 -12.60 4.20
C PRO E 319 -34.37 -12.68 3.44
N TYR E 320 -34.31 -12.77 2.11
CA TYR E 320 -35.55 -12.90 1.31
C TYR E 320 -36.21 -14.28 1.55
N VAL E 321 -35.40 -15.31 1.63
CA VAL E 321 -35.88 -16.63 1.96
C VAL E 321 -36.58 -16.62 3.33
N LEU E 322 -35.99 -15.96 4.31
CA LEU E 322 -36.58 -15.93 5.67
C LEU E 322 -37.91 -15.22 5.67
N GLU E 323 -37.98 -14.08 5.00
CA GLU E 323 -39.25 -13.36 4.83
C GLU E 323 -40.35 -14.18 4.22
N LEU E 324 -40.06 -14.83 3.08
CA LEU E 324 -41.04 -15.72 2.45
C LEU E 324 -41.47 -16.89 3.35
N ALA E 325 -40.51 -17.57 3.98
CA ALA E 325 -40.82 -18.69 4.84
C ALA E 325 -41.74 -18.26 5.96
N ASP E 326 -41.42 -17.13 6.58
CA ASP E 326 -42.15 -16.68 7.77
C ASP E 326 -43.53 -16.11 7.47
N HIS E 327 -43.72 -15.52 6.29
CA HIS E 327 -44.92 -14.73 6.00
C HIS E 327 -45.71 -15.21 4.80
N GLY E 328 -45.19 -16.17 4.05
CA GLY E 328 -45.83 -16.54 2.79
C GLY E 328 -45.60 -15.44 1.76
N TRP E 329 -45.90 -15.72 0.49
CA TRP E 329 -45.50 -14.81 -0.61
C TRP E 329 -46.19 -13.47 -0.69
N ARG E 330 -47.51 -13.43 -0.72
CA ARG E 330 -48.16 -12.14 -0.49
C ARG E 330 -48.04 -11.85 0.99
N ALA E 331 -47.75 -10.61 1.31
CA ALA E 331 -47.41 -10.18 2.66
C ALA E 331 -45.90 -9.98 2.70
N ALA E 332 -45.13 -11.02 2.37
CA ALA E 332 -43.71 -10.87 2.11
C ALA E 332 -43.56 -9.83 1.00
N CYS E 333 -44.28 -10.04 -0.09
CA CYS E 333 -44.27 -9.11 -1.22
C CYS E 333 -44.93 -7.77 -0.92
N ARG E 334 -45.94 -7.73 -0.06
CA ARG E 334 -46.52 -6.46 0.27
C ARG E 334 -45.50 -5.71 1.14
N SER E 335 -44.99 -6.37 2.18
CA SER E 335 -43.98 -5.79 3.09
C SER E 335 -42.76 -5.28 2.37
N ASN E 336 -42.37 -5.96 1.31
CA ASN E 336 -41.05 -5.78 0.74
C ASN E 336 -41.08 -5.59 -0.75
N PRO E 337 -41.00 -4.33 -1.18
CA PRO E 337 -41.14 -3.96 -2.59
C PRO E 337 -40.03 -4.56 -3.49
N ALA E 338 -38.84 -4.77 -2.92
CA ALA E 338 -37.75 -5.36 -3.69
C ALA E 338 -38.12 -6.76 -4.13
N LEU E 339 -38.70 -7.51 -3.21
CA LEU E 339 -39.17 -8.86 -3.45
C LEU E 339 -40.31 -8.85 -4.47
N ALA E 340 -41.24 -7.91 -4.35
CA ALA E 340 -42.36 -7.81 -5.30
C ALA E 340 -41.89 -7.57 -6.73
N LYS E 341 -40.80 -6.84 -6.91
CA LYS E 341 -40.27 -6.67 -8.26
C LYS E 341 -39.85 -7.99 -8.87
N GLY E 342 -39.61 -9.00 -8.03
CA GLY E 342 -39.23 -10.32 -8.52
C GLY E 342 -40.36 -11.21 -8.96
N LEU E 343 -41.58 -10.93 -8.48
CA LEU E 343 -42.83 -11.64 -8.86
C LEU E 343 -42.90 -11.87 -10.36
N SER E 344 -43.10 -13.12 -10.75
CA SER E 344 -43.10 -13.45 -12.17
C SER E 344 -44.35 -14.20 -12.64
N THR E 345 -44.93 -15.02 -11.76
CA THR E 345 -45.90 -16.00 -12.15
C THR E 345 -46.80 -16.25 -10.96
N HIS E 346 -48.11 -16.36 -11.17
CA HIS E 346 -49.04 -16.80 -10.15
C HIS E 346 -50.34 -17.29 -10.76
N GLU E 347 -50.68 -18.54 -10.49
CA GLU E 347 -51.97 -19.07 -10.89
C GLU E 347 -52.27 -18.75 -12.36
N GLY E 348 -51.35 -19.08 -13.26
CA GLY E 348 -51.58 -18.85 -14.67
C GLY E 348 -51.25 -17.46 -15.17
N ALA E 349 -51.16 -16.48 -14.29
CA ALA E 349 -50.92 -15.09 -14.71
C ALA E 349 -49.44 -14.78 -14.86
N LEU E 350 -49.06 -14.04 -15.89
CA LEU E 350 -47.67 -13.55 -16.02
C LEU E 350 -47.51 -12.09 -15.54
N LEU E 351 -46.65 -11.86 -14.55
CA LEU E 351 -46.65 -10.63 -13.76
C LEU E 351 -45.56 -9.68 -14.13
N SER E 352 -44.75 -10.05 -15.11
CA SER E 352 -43.63 -9.21 -15.50
C SER E 352 -43.78 -8.51 -16.84
N GLU E 353 -43.71 -7.19 -16.83
CA GLU E 353 -43.90 -6.40 -18.03
C GLU E 353 -42.85 -6.62 -19.10
N ARG E 354 -41.58 -6.54 -18.73
CA ARG E 354 -40.48 -6.73 -19.67
C ARG E 354 -40.61 -8.07 -20.39
N VAL E 355 -41.00 -9.11 -19.67
CA VAL E 355 -41.15 -10.42 -20.30
C VAL E 355 -42.44 -10.56 -21.14
N ALA E 356 -43.60 -10.10 -20.62
CA ALA E 356 -44.87 -10.12 -21.37
C ALA E 356 -44.58 -9.43 -22.69
N THR E 357 -43.93 -8.26 -22.59
CA THR E 357 -43.69 -7.26 -23.69
C THR E 357 -42.44 -7.58 -24.42
N ASP E 358 -42.18 -8.86 -24.49
CA ASP E 358 -40.96 -9.34 -25.10
C ASP E 358 -41.17 -10.79 -25.60
N LEU E 359 -42.00 -11.56 -24.90
CA LEU E 359 -42.19 -12.94 -25.26
C LEU E 359 -43.53 -13.10 -25.95
N GLY E 360 -43.71 -12.31 -27.01
CA GLY E 360 -45.01 -12.21 -27.65
C GLY E 360 -46.06 -11.89 -26.61
N VAL E 361 -47.15 -12.65 -26.60
CA VAL E 361 -48.38 -12.21 -25.95
C VAL E 361 -48.40 -12.07 -24.38
N PRO E 362 -48.52 -13.20 -23.70
CA PRO E 362 -49.48 -13.36 -22.60
C PRO E 362 -50.22 -12.07 -22.17
N PHE E 363 -49.46 -11.07 -21.68
CA PHE E 363 -50.00 -9.84 -21.07
C PHE E 363 -49.75 -9.79 -19.58
N THR E 364 -49.47 -8.60 -19.09
CA THR E 364 -49.13 -8.38 -17.70
C THR E 364 -50.41 -8.52 -16.85
N GLU E 365 -50.24 -8.53 -15.52
CA GLU E 365 -51.33 -8.23 -14.60
C GLU E 365 -50.60 -7.56 -13.39
N PRO E 366 -50.41 -6.23 -13.45
CA PRO E 366 -49.37 -5.61 -12.60
C PRO E 366 -48.98 -6.28 -11.26
N ALA E 367 -49.96 -6.49 -10.37
CA ALA E 367 -49.73 -6.84 -8.98
C ALA E 367 -50.90 -6.14 -8.30
N SER E 368 -51.86 -6.98 -7.97
CA SER E 368 -53.25 -6.61 -7.79
C SER E 368 -53.76 -8.01 -7.52
N VAL E 369 -52.94 -8.95 -8.00
CA VAL E 369 -52.85 -10.28 -7.45
C VAL E 369 -52.52 -10.21 -5.94
N LEU E 370 -52.17 -9.01 -5.45
CA LEU E 370 -52.03 -8.75 -4.00
C LEU E 370 -53.22 -7.97 -3.40
N ALA E 371 -54.43 -8.54 -3.58
CA ALA E 371 -55.74 -7.99 -3.18
C ALA E 371 -55.76 -7.15 -1.90
N MET F 1 -25.19 37.04 24.58
CA MET F 1 -25.44 35.72 25.26
C MET F 1 -24.18 34.97 25.75
N ARG F 2 -24.23 34.42 26.97
CA ARG F 2 -23.05 33.92 27.64
C ARG F 2 -23.02 32.39 27.81
N VAL F 3 -21.82 31.82 27.67
CA VAL F 3 -21.63 30.39 27.52
C VAL F 3 -20.75 29.88 28.63
N GLY F 4 -21.19 28.85 29.34
CA GLY F 4 -20.44 28.34 30.47
C GLY F 4 -20.10 26.88 30.38
N ILE F 5 -18.92 26.55 30.91
CA ILE F 5 -18.40 25.22 30.89
C ILE F 5 -17.83 24.95 32.25
N PRO F 6 -18.48 24.03 32.99
CA PRO F 6 -18.11 23.46 34.31
C PRO F 6 -17.11 22.37 34.18
N THR F 7 -16.28 22.14 35.19
CA THR F 7 -15.48 20.95 35.27
C THR F 7 -16.44 19.76 35.31
N GLU F 8 -16.05 18.66 34.68
CA GLU F 8 -16.83 17.43 34.80
C GLU F 8 -16.64 16.77 36.19
N THR F 9 -17.74 16.52 36.89
CA THR F 9 -17.72 16.00 38.27
C THR F 9 -17.74 14.46 38.40
N LYS F 10 -18.38 13.77 37.47
CA LYS F 10 -18.39 12.31 37.42
C LYS F 10 -16.97 11.78 37.61
N ASN F 11 -16.82 10.71 38.38
CA ASN F 11 -15.53 10.03 38.59
C ASN F 11 -14.97 9.46 37.31
N ASN F 12 -13.68 9.64 37.11
CA ASN F 12 -13.05 9.16 35.87
C ASN F 12 -13.82 9.56 34.58
N GLU F 13 -14.32 10.79 34.57
CA GLU F 13 -14.68 11.46 33.33
C GLU F 13 -13.68 12.58 33.19
N PHE F 14 -12.81 12.52 32.17
CA PHE F 14 -11.72 13.48 32.09
C PHE F 14 -11.89 14.54 31.03
N ARG F 15 -12.99 14.49 30.30
CA ARG F 15 -13.15 15.39 29.15
C ARG F 15 -13.71 16.77 29.56
N VAL F 16 -13.75 17.69 28.60
CA VAL F 16 -14.35 19.00 28.82
C VAL F 16 -15.15 19.38 27.56
N ALA F 17 -16.22 20.15 27.73
CA ALA F 17 -17.13 20.41 26.63
C ALA F 17 -16.73 21.50 25.64
N ILE F 18 -15.51 22.02 25.73
CA ILE F 18 -15.05 23.04 24.80
C ILE F 18 -13.52 22.96 24.79
N THR F 19 -12.90 23.40 23.70
CA THR F 19 -11.44 23.60 23.59
C THR F 19 -11.16 25.09 23.32
N PRO F 20 -9.87 25.52 23.44
CA PRO F 20 -9.52 26.89 23.07
C PRO F 20 -10.05 27.26 21.71
N ALA F 21 -9.93 26.35 20.76
CA ALA F 21 -10.42 26.60 19.42
C ALA F 21 -11.86 27.13 19.47
N GLY F 22 -12.69 26.43 20.22
CA GLY F 22 -14.09 26.75 20.39
C GLY F 22 -14.31 28.05 21.14
N VAL F 23 -13.53 28.25 22.19
CA VAL F 23 -13.57 29.48 22.93
C VAL F 23 -13.31 30.65 22.00
N ALA F 24 -12.30 30.54 21.15
CA ALA F 24 -11.93 31.61 20.24
C ALA F 24 -13.05 31.94 19.29
N GLU F 25 -13.69 30.94 18.71
CA GLU F 25 -14.79 31.17 17.76
C GLU F 25 -15.91 31.95 18.41
N LEU F 26 -16.26 31.55 19.62
CA LEU F 26 -17.33 32.14 20.37
C LEU F 26 -17.04 33.59 20.66
N THR F 27 -15.84 33.83 21.17
CA THR F 27 -15.36 35.14 21.53
C THR F 27 -15.41 36.06 20.33
N ARG F 28 -14.83 35.65 19.21
CA ARG F 28 -14.86 36.43 17.98
C ARG F 28 -16.28 36.85 17.52
N ARG F 29 -17.30 36.09 17.91
CA ARG F 29 -18.66 36.48 17.56
C ARG F 29 -19.29 37.22 18.72
N GLY F 30 -18.48 37.62 19.70
CA GLY F 30 -18.94 38.48 20.77
C GLY F 30 -19.69 37.83 21.93
N HIS F 31 -19.53 36.52 22.10
CA HIS F 31 -20.07 35.86 23.28
C HIS F 31 -19.02 35.74 24.36
N GLU F 32 -19.41 35.94 25.59
CA GLU F 32 -18.47 35.73 26.67
C GLU F 32 -18.55 34.25 27.11
N VAL F 33 -17.39 33.67 27.36
CA VAL F 33 -17.25 32.27 27.74
C VAL F 33 -16.71 32.20 29.17
N LEU F 34 -17.48 31.52 30.01
CA LEU F 34 -17.13 31.30 31.40
C LEU F 34 -16.69 29.87 31.52
N ILE F 35 -15.46 29.67 31.98
CA ILE F 35 -14.94 28.33 32.23
C ILE F 35 -14.48 28.19 33.68
N GLN F 36 -14.86 27.07 34.30
CA GLN F 36 -14.43 26.81 35.64
C GLN F 36 -12.93 26.51 35.65
N ALA F 37 -12.18 27.27 36.45
CA ALA F 37 -10.75 26.99 36.73
C ALA F 37 -10.53 25.49 36.85
N GLY F 38 -9.58 24.96 36.10
CA GLY F 38 -9.25 23.54 36.19
C GLY F 38 -10.03 22.63 35.25
N ALA F 39 -11.09 23.14 34.62
CA ALA F 39 -11.93 22.32 33.74
C ALA F 39 -11.19 21.45 32.69
N GLY F 40 -10.08 21.95 32.15
CA GLY F 40 -9.46 21.29 31.02
C GLY F 40 -8.25 20.43 31.38
N GLU F 41 -7.92 20.33 32.66
CA GLU F 41 -6.73 19.60 33.07
C GLU F 41 -6.72 18.13 32.70
N GLY F 42 -7.85 17.44 32.84
CA GLY F 42 -7.94 16.04 32.48
C GLY F 42 -7.57 15.80 31.03
N SER F 43 -7.85 16.80 30.20
CA SER F 43 -7.61 16.71 28.79
C SER F 43 -6.37 17.46 28.40
N ALA F 44 -5.52 17.78 29.37
CA ALA F 44 -4.25 18.49 29.12
C ALA F 44 -4.40 19.88 28.50
N ILE F 45 -5.49 20.56 28.81
CA ILE F 45 -5.68 21.97 28.43
C ILE F 45 -5.59 22.81 29.72
N THR F 46 -4.61 23.72 29.76
CA THR F 46 -4.39 24.55 30.98
C THR F 46 -5.32 25.74 30.99
N ASP F 47 -5.44 26.35 32.15
CA ASP F 47 -6.25 27.55 32.31
C ASP F 47 -5.67 28.64 31.43
N ALA F 48 -4.34 28.65 31.31
CA ALA F 48 -3.64 29.61 30.48
C ALA F 48 -4.06 29.49 29.01
N ASP F 49 -4.12 28.26 28.51
CA ASP F 49 -4.59 27.99 27.15
C ASP F 49 -5.97 28.59 26.91
N PHE F 50 -6.87 28.40 27.88
CA PHE F 50 -8.25 28.90 27.76
C PHE F 50 -8.29 30.43 27.83
N LYS F 51 -7.57 31.01 28.80
CA LYS F 51 -7.44 32.45 28.92
C LYS F 51 -6.90 33.06 27.60
N ALA F 52 -5.80 32.52 27.10
CA ALA F 52 -5.26 33.06 25.86
C ALA F 52 -6.30 33.12 24.74
N ALA F 53 -7.30 32.25 24.75
CA ALA F 53 -8.27 32.24 23.62
C ALA F 53 -9.49 33.10 23.88
N GLY F 54 -9.52 33.75 25.05
CA GLY F 54 -10.57 34.71 25.34
C GLY F 54 -11.48 34.36 26.49
N ALA F 55 -11.19 33.28 27.22
CA ALA F 55 -12.11 32.80 28.23
C ALA F 55 -11.97 33.59 29.49
N GLN F 56 -13.09 33.73 30.20
CA GLN F 56 -13.10 34.23 31.56
C GLN F 56 -13.07 33.04 32.53
N LEU F 57 -11.97 32.89 33.25
CA LEU F 57 -11.86 31.82 34.23
C LEU F 57 -12.59 32.19 35.52
N VAL F 58 -13.22 31.20 36.14
CA VAL F 58 -14.11 31.45 37.26
C VAL F 58 -13.82 30.36 38.25
N GLY F 59 -13.78 30.72 39.54
CA GLY F 59 -13.26 29.83 40.58
C GLY F 59 -14.15 28.68 41.00
N THR F 60 -15.46 28.83 40.86
CA THR F 60 -16.40 27.85 41.40
C THR F 60 -17.43 27.36 40.38
N ALA F 61 -17.89 26.12 40.61
CA ALA F 61 -18.96 25.54 39.84
C ALA F 61 -20.20 26.44 39.83
N ASP F 62 -20.66 26.84 41.03
CA ASP F 62 -21.90 27.61 41.22
C ASP F 62 -21.97 28.82 40.31
N GLN F 63 -20.84 29.49 40.22
CA GLN F 63 -20.73 30.72 39.44
C GLN F 63 -20.87 30.50 37.92
N VAL F 64 -20.43 29.34 37.43
CA VAL F 64 -20.62 29.02 36.01
C VAL F 64 -22.11 28.72 35.78
N TRP F 65 -22.69 27.87 36.64
CA TRP F 65 -24.08 27.45 36.51
C TRP F 65 -25.12 28.60 36.57
N ALA F 66 -25.02 29.45 37.59
CA ALA F 66 -25.71 30.76 37.61
C ALA F 66 -24.80 31.63 36.80
N ASP F 67 -25.34 32.47 35.91
CA ASP F 67 -24.51 33.31 34.99
C ASP F 67 -24.46 32.88 33.54
N ALA F 68 -24.48 31.59 33.26
CA ALA F 68 -24.42 31.13 31.88
C ALA F 68 -25.82 30.87 31.32
N ASP F 69 -26.05 31.36 30.12
CA ASP F 69 -27.31 31.16 29.42
C ASP F 69 -27.32 29.79 28.72
N LEU F 70 -26.19 29.46 28.10
CA LEU F 70 -25.96 28.19 27.46
C LEU F 70 -24.91 27.45 28.25
N LEU F 71 -25.28 26.29 28.77
CA LEU F 71 -24.36 25.50 29.57
C LEU F 71 -23.98 24.21 28.82
N LEU F 72 -22.67 24.05 28.56
CA LEU F 72 -22.10 22.95 27.83
C LEU F 72 -21.47 21.93 28.77
N LYS F 73 -21.92 20.70 28.68
CA LYS F 73 -21.23 19.62 29.39
C LYS F 73 -20.90 18.41 28.51
N VAL F 74 -20.28 17.42 29.12
CA VAL F 74 -19.96 16.16 28.45
C VAL F 74 -20.94 15.11 28.94
N LYS F 75 -21.04 14.95 30.25
CA LYS F 75 -21.96 13.96 30.83
C LYS F 75 -23.22 14.60 31.38
N GLU F 76 -24.18 13.78 31.75
CA GLU F 76 -25.44 14.30 32.30
C GLU F 76 -25.21 14.79 33.74
N PRO F 77 -26.03 15.76 34.21
CA PRO F 77 -25.93 16.25 35.60
C PRO F 77 -26.03 15.13 36.64
N ILE F 78 -25.13 15.18 37.60
CA ILE F 78 -25.02 14.17 38.65
C ILE F 78 -25.88 14.64 39.81
N ALA F 79 -26.13 13.75 40.77
CA ALA F 79 -26.91 14.08 42.00
C ALA F 79 -26.59 15.49 42.56
N ALA F 80 -25.34 15.65 42.99
CA ALA F 80 -24.83 16.88 43.58
C ALA F 80 -25.04 18.16 42.78
N GLU F 81 -25.51 18.05 41.53
CA GLU F 81 -25.60 19.22 40.63
C GLU F 81 -27.05 19.58 40.32
N TYR F 82 -27.96 18.66 40.66
CA TYR F 82 -29.41 18.89 40.50
C TYR F 82 -29.85 20.27 40.97
N GLY F 83 -29.32 20.65 42.14
CA GLY F 83 -29.55 21.95 42.75
C GLY F 83 -29.21 23.14 41.86
N ARG F 84 -28.29 22.95 40.90
CA ARG F 84 -27.81 24.09 40.10
C ARG F 84 -28.59 24.35 38.82
N LEU F 85 -29.45 23.41 38.45
CA LEU F 85 -30.30 23.54 37.26
C LEU F 85 -31.19 24.80 37.34
N ARG F 86 -31.33 25.52 36.24
CA ARG F 86 -32.00 26.82 36.27
C ARG F 86 -33.11 26.91 35.24
N HIS F 87 -33.89 27.99 35.31
CA HIS F 87 -35.08 28.16 34.49
C HIS F 87 -34.80 28.60 33.04
N GLY F 88 -34.09 29.73 32.89
CA GLY F 88 -33.92 30.33 31.55
C GLY F 88 -32.61 29.92 30.91
N GLN F 89 -32.30 28.65 31.01
CA GLN F 89 -30.96 28.18 30.68
C GLN F 89 -31.02 26.95 29.78
N ILE F 90 -30.23 26.99 28.72
CA ILE F 90 -30.09 25.88 27.79
C ILE F 90 -28.92 25.00 28.23
N LEU F 91 -29.20 23.72 28.44
CA LEU F 91 -28.18 22.76 28.80
C LEU F 91 -27.99 21.76 27.65
N PHE F 92 -26.72 21.56 27.24
CA PHE F 92 -26.37 20.82 26.03
C PHE F 92 -25.30 19.81 26.40
N THR F 93 -25.60 18.52 26.35
CA THR F 93 -24.70 17.49 26.87
C THR F 93 -25.23 16.08 26.47
N PHE F 94 -24.48 15.03 26.80
CA PHE F 94 -25.04 13.67 26.74
C PHE F 94 -25.99 13.51 27.91
N LEU F 95 -27.25 13.18 27.62
CA LEU F 95 -28.26 13.03 28.67
C LEU F 95 -28.59 11.59 29.04
N HIS F 96 -28.96 10.77 28.05
CA HIS F 96 -29.36 9.39 28.29
C HIS F 96 -30.44 9.37 29.38
N LEU F 97 -31.50 10.15 29.14
CA LEU F 97 -32.59 10.32 30.09
C LEU F 97 -33.33 9.00 30.39
N ALA F 98 -33.47 8.15 29.36
CA ALA F 98 -34.07 6.82 29.50
C ALA F 98 -33.43 6.03 30.64
N ALA F 99 -32.13 6.23 30.88
CA ALA F 99 -31.39 5.45 31.88
C ALA F 99 -31.58 5.95 33.31
N SER F 100 -32.23 7.11 33.47
CA SER F 100 -32.39 7.68 34.80
C SER F 100 -33.65 8.55 34.97
N ARG F 101 -34.60 8.05 35.75
CA ARG F 101 -35.83 8.80 36.05
C ARG F 101 -35.49 9.95 37.00
N ALA F 102 -34.50 9.70 37.86
CA ALA F 102 -34.06 10.69 38.83
C ALA F 102 -33.63 11.96 38.07
N CYS F 103 -32.68 11.77 37.15
CA CYS F 103 -32.19 12.83 36.29
C CYS F 103 -33.32 13.51 35.50
N THR F 104 -34.18 12.73 34.88
CA THR F 104 -35.25 13.31 34.08
C THR F 104 -36.16 14.20 34.94
N ASP F 105 -36.47 13.71 36.14
CA ASP F 105 -37.27 14.42 37.11
C ASP F 105 -36.68 15.78 37.41
N ALA F 106 -35.43 15.76 37.88
CA ALA F 106 -34.64 16.98 38.14
C ALA F 106 -34.68 18.04 37.00
N LEU F 107 -34.60 17.58 35.75
CA LEU F 107 -34.63 18.48 34.57
C LEU F 107 -36.00 19.14 34.37
N LEU F 108 -37.07 18.34 34.42
CA LEU F 108 -38.44 18.85 34.30
C LEU F 108 -38.83 19.75 35.46
N ASP F 109 -38.45 19.33 36.66
CA ASP F 109 -38.67 20.12 37.89
C ASP F 109 -38.17 21.54 37.78
N SER F 110 -36.88 21.69 37.47
CA SER F 110 -36.22 22.99 37.41
C SER F 110 -36.62 23.79 36.18
N GLY F 111 -37.34 23.19 35.24
CA GLY F 111 -37.84 23.89 34.06
C GLY F 111 -36.77 24.25 33.04
N THR F 112 -35.61 23.61 33.17
CA THR F 112 -34.52 23.88 32.24
C THR F 112 -34.83 23.40 30.85
N THR F 113 -34.31 24.11 29.87
CA THR F 113 -34.50 23.69 28.49
C THR F 113 -33.23 22.95 28.06
N SER F 114 -33.36 21.65 27.77
CA SER F 114 -32.19 20.78 27.56
C SER F 114 -32.18 20.06 26.22
N ILE F 115 -30.98 19.89 25.64
CA ILE F 115 -30.80 19.25 24.33
C ILE F 115 -29.74 18.18 24.45
N ALA F 116 -30.03 16.99 23.95
CA ALA F 116 -29.12 15.81 24.12
C ALA F 116 -28.21 15.59 22.93
N TYR F 117 -26.91 15.45 23.16
CA TYR F 117 -25.97 15.23 22.04
C TYR F 117 -26.36 13.98 21.24
N GLU F 118 -26.79 12.95 21.96
CA GLU F 118 -27.01 11.62 21.44
C GLU F 118 -28.21 11.48 20.49
N THR F 119 -29.15 12.42 20.55
CA THR F 119 -30.30 12.37 19.66
C THR F 119 -30.31 13.46 18.56
N VAL F 120 -29.24 14.25 18.48
CA VAL F 120 -29.04 15.10 17.33
C VAL F 120 -28.88 14.18 16.12
N GLN F 121 -29.78 14.35 15.14
CA GLN F 121 -29.82 13.51 13.95
C GLN F 121 -30.06 14.25 12.63
N THR F 122 -29.19 13.97 11.67
CA THR F 122 -29.26 14.60 10.35
C THR F 122 -30.30 13.89 9.47
N ALA F 123 -30.79 14.58 8.42
CA ALA F 123 -31.85 14.04 7.52
C ALA F 123 -31.62 12.57 7.08
N ASP F 124 -30.36 12.24 6.77
CA ASP F 124 -29.95 10.88 6.38
C ASP F 124 -29.88 9.85 7.54
N GLY F 125 -30.32 10.24 8.74
CA GLY F 125 -30.30 9.34 9.91
C GLY F 125 -28.98 9.20 10.70
N ALA F 126 -27.91 9.88 10.24
CA ALA F 126 -26.65 9.90 10.98
C ALA F 126 -26.80 10.60 12.34
N LEU F 127 -26.07 10.10 13.34
CA LEU F 127 -25.96 10.73 14.64
C LEU F 127 -24.57 11.35 14.78
N PRO F 128 -24.37 12.57 14.29
CA PRO F 128 -23.02 13.15 14.09
C PRO F 128 -22.23 13.37 15.36
N LEU F 129 -22.91 13.43 16.50
CA LEU F 129 -22.23 13.64 17.78
C LEU F 129 -21.80 12.35 18.47
N LEU F 130 -22.39 11.22 18.11
CA LEU F 130 -21.89 9.93 18.58
C LEU F 130 -20.77 9.42 17.70
N ALA F 131 -20.86 9.66 16.39
CA ALA F 131 -19.87 9.11 15.47
C ALA F 131 -18.43 9.21 16.04
N PRO F 132 -17.99 10.42 16.49
CA PRO F 132 -16.59 10.51 16.86
C PRO F 132 -16.30 9.67 18.07
N MET F 133 -17.31 9.42 18.92
CA MET F 133 -17.09 8.58 20.09
C MET F 133 -16.98 7.10 19.69
N SER F 134 -17.70 6.72 18.64
CA SER F 134 -17.54 5.40 18.09
C SER F 134 -16.15 5.17 17.46
N GLU F 135 -15.60 6.20 16.82
CA GLU F 135 -14.26 6.09 16.22
C GLU F 135 -13.25 5.85 17.33
N VAL F 136 -13.39 6.61 18.42
CA VAL F 136 -12.45 6.50 19.52
C VAL F 136 -12.56 5.10 20.12
N ALA F 137 -13.79 4.67 20.43
CA ALA F 137 -14.01 3.38 21.08
C ALA F 137 -13.45 2.25 20.24
N GLY F 138 -13.71 2.29 18.94
CA GLY F 138 -13.24 1.22 18.06
C GLY F 138 -11.72 1.15 18.02
N ARG F 139 -11.06 2.28 17.85
CA ARG F 139 -9.61 2.29 17.93
C ARG F 139 -9.07 1.83 19.24
N LEU F 140 -9.70 2.26 20.35
CA LEU F 140 -9.25 1.84 21.67
C LEU F 140 -9.39 0.34 21.92
N ALA F 141 -10.53 -0.21 21.49
CA ALA F 141 -10.79 -1.64 21.66
C ALA F 141 -9.63 -2.52 21.17
N ALA F 142 -9.02 -2.15 20.05
CA ALA F 142 -7.91 -2.94 19.54
C ALA F 142 -6.71 -2.82 20.48
N GLN F 143 -6.45 -1.63 20.99
CA GLN F 143 -5.34 -1.43 21.90
C GLN F 143 -5.57 -2.17 23.20
N VAL F 144 -6.75 -2.01 23.79
CA VAL F 144 -6.93 -2.67 25.07
C VAL F 144 -6.90 -4.20 24.92
N GLY F 145 -7.51 -4.73 23.85
CA GLY F 145 -7.49 -6.15 23.60
C GLY F 145 -6.08 -6.69 23.44
N ALA F 146 -5.25 -5.96 22.71
CA ALA F 146 -3.90 -6.39 22.48
C ALA F 146 -3.16 -6.49 23.81
N TYR F 147 -3.43 -5.56 24.72
CA TYR F 147 -2.74 -5.47 26.01
C TYR F 147 -3.12 -6.63 26.91
N HIS F 148 -4.41 -6.92 26.98
CA HIS F 148 -4.92 -7.92 27.91
C HIS F 148 -4.75 -9.30 27.39
N LEU F 149 -4.21 -9.42 26.20
CA LEU F 149 -3.93 -10.72 25.65
C LEU F 149 -2.60 -11.24 26.19
N MET F 150 -1.81 -10.39 26.85
CA MET F 150 -0.59 -10.86 27.52
C MET F 150 -0.89 -11.84 28.72
N ARG F 151 -0.04 -12.86 28.97
CA ARG F 151 -0.35 -13.80 30.09
C ARG F 151 -0.32 -13.09 31.38
N THR F 152 0.56 -12.12 31.43
CA THR F 152 0.75 -11.26 32.54
C THR F 152 -0.54 -10.62 32.99
N GLN F 153 -1.56 -10.59 32.12
CA GLN F 153 -2.85 -9.96 32.43
C GLN F 153 -3.97 -11.00 32.52
N GLY F 154 -3.57 -12.26 32.42
CA GLY F 154 -4.51 -13.36 32.36
C GLY F 154 -4.92 -13.87 30.97
N GLY F 155 -4.49 -13.21 29.91
CA GLY F 155 -4.86 -13.63 28.58
C GLY F 155 -3.98 -14.76 28.09
N ARG F 156 -4.33 -15.29 26.92
CA ARG F 156 -3.69 -16.46 26.34
C ARG F 156 -2.21 -16.24 26.05
N GLY F 157 -1.74 -14.99 25.97
CA GLY F 157 -0.30 -14.70 25.83
C GLY F 157 0.20 -14.74 24.41
N VAL F 158 -0.59 -14.21 23.46
CA VAL F 158 -0.17 -14.10 22.06
C VAL F 158 0.02 -12.63 21.67
N LEU F 159 1.10 -12.34 20.96
CA LEU F 159 1.35 -11.04 20.40
C LEU F 159 0.42 -10.75 19.18
N MET F 160 -0.18 -9.58 19.08
CA MET F 160 -1.07 -9.32 17.96
C MET F 160 -0.49 -9.75 16.60
N GLY F 161 0.69 -9.26 16.25
CA GLY F 161 1.25 -9.47 14.94
C GLY F 161 2.13 -10.70 14.77
N GLY F 162 2.34 -11.51 15.79
CA GLY F 162 3.33 -12.58 15.71
C GLY F 162 4.72 -12.01 15.48
N VAL F 163 5.61 -12.86 15.01
CA VAL F 163 6.93 -12.48 14.53
C VAL F 163 7.17 -13.41 13.34
N PRO F 164 8.12 -13.07 12.47
CA PRO F 164 8.31 -13.97 11.34
C PRO F 164 8.38 -15.41 11.80
N GLY F 165 7.68 -16.29 11.11
CA GLY F 165 7.72 -17.73 11.36
C GLY F 165 6.69 -18.22 12.37
N VAL F 166 5.96 -17.29 12.96
CA VAL F 166 5.06 -17.57 14.08
C VAL F 166 3.73 -16.89 13.79
N GLU F 167 2.65 -17.62 14.00
CA GLU F 167 1.30 -17.16 13.72
C GLU F 167 0.95 -15.87 14.42
N PRO F 168 0.33 -14.93 13.72
CA PRO F 168 -0.21 -13.76 14.46
C PRO F 168 -1.50 -14.11 15.18
N ALA F 169 -2.06 -13.21 15.97
CA ALA F 169 -3.34 -13.43 16.64
C ALA F 169 -4.45 -13.42 15.64
N ASP F 170 -5.51 -14.14 16.01
CA ASP F 170 -6.69 -14.25 15.22
C ASP F 170 -7.76 -13.39 15.87
N VAL F 171 -8.14 -12.31 15.21
CA VAL F 171 -9.09 -11.34 15.78
C VAL F 171 -10.42 -11.36 15.06
N VAL F 172 -11.51 -11.45 15.80
CA VAL F 172 -12.78 -11.26 15.14
C VAL F 172 -13.51 -10.04 15.61
N VAL F 173 -14.03 -9.29 14.65
CA VAL F 173 -14.76 -8.06 14.97
C VAL F 173 -16.20 -8.28 14.53
N ILE F 174 -17.14 -8.12 15.46
CA ILE F 174 -18.54 -8.26 15.14
C ILE F 174 -19.20 -6.90 14.93
N GLY F 175 -19.54 -6.59 13.69
CA GLY F 175 -20.15 -5.33 13.38
C GLY F 175 -19.25 -4.53 12.44
N ALA F 176 -19.78 -4.10 11.30
CA ALA F 176 -18.97 -3.40 10.35
C ALA F 176 -19.31 -1.91 10.25
N GLY F 177 -19.88 -1.35 11.31
CA GLY F 177 -20.18 0.09 11.35
C GLY F 177 -18.92 0.86 11.72
N THR F 178 -19.10 2.13 12.10
CA THR F 178 -18.00 3.02 12.40
C THR F 178 -17.06 2.45 13.48
N ALA F 179 -17.60 1.87 14.53
CA ALA F 179 -16.74 1.30 15.55
C ALA F 179 -16.00 0.06 15.08
N GLY F 180 -16.69 -0.80 14.33
CA GLY F 180 -16.10 -2.08 13.93
C GLY F 180 -15.07 -1.84 12.86
N TYR F 181 -15.36 -0.90 11.98
CA TYR F 181 -14.40 -0.54 10.96
C TYR F 181 -13.13 -0.04 11.62
N ASN F 182 -13.26 0.77 12.66
CA ASN F 182 -12.08 1.36 13.27
C ASN F 182 -11.28 0.35 14.10
N ALA F 183 -11.99 -0.54 14.81
CA ALA F 183 -11.35 -1.65 15.55
C ALA F 183 -10.57 -2.55 14.57
N ALA F 184 -11.23 -2.92 13.46
CA ALA F 184 -10.63 -3.73 12.38
C ALA F 184 -9.38 -3.11 11.83
N ARG F 185 -9.43 -1.81 11.55
CA ARG F 185 -8.32 -1.11 10.99
C ARG F 185 -7.08 -1.15 11.91
N ILE F 186 -7.27 -0.80 13.17
CA ILE F 186 -6.16 -0.81 14.08
C ILE F 186 -5.61 -2.23 14.32
N ALA F 187 -6.48 -3.19 14.61
CA ALA F 187 -6.01 -4.58 14.80
C ALA F 187 -5.16 -5.02 13.60
N ASN F 188 -5.68 -4.78 12.40
CA ASN F 188 -4.96 -5.07 11.21
C ASN F 188 -3.59 -4.41 11.17
N GLY F 189 -3.53 -3.11 11.42
CA GLY F 189 -2.29 -2.44 11.51
C GLY F 189 -1.31 -2.98 12.54
N MET F 190 -1.80 -3.59 13.62
CA MET F 190 -0.92 -4.26 14.55
C MET F 190 -0.42 -5.62 14.02
N GLY F 191 -0.91 -6.06 12.88
CA GLY F 191 -0.38 -7.26 12.26
C GLY F 191 -1.20 -8.51 12.49
N ALA F 192 -2.35 -8.35 13.12
CA ALA F 192 -3.19 -9.48 13.42
C ALA F 192 -3.97 -9.89 12.19
N THR F 193 -4.45 -11.13 12.15
CA THR F 193 -5.32 -11.48 11.06
C THR F 193 -6.78 -11.29 11.47
N VAL F 194 -7.50 -10.44 10.72
CA VAL F 194 -8.78 -9.90 11.19
C VAL F 194 -9.93 -10.31 10.30
N THR F 195 -10.99 -10.79 10.91
CA THR F 195 -12.23 -11.10 10.21
C THR F 195 -13.34 -10.27 10.80
N VAL F 196 -14.10 -9.58 9.94
CA VAL F 196 -15.27 -8.89 10.46
C VAL F 196 -16.57 -9.53 10.01
N LEU F 197 -17.50 -9.66 10.94
CA LEU F 197 -18.82 -10.20 10.63
C LEU F 197 -19.88 -9.12 10.62
N ASP F 198 -20.72 -9.14 9.61
CA ASP F 198 -21.90 -8.29 9.61
C ASP F 198 -22.97 -8.95 8.77
N ILE F 199 -24.22 -8.49 8.89
CA ILE F 199 -25.29 -9.03 8.05
C ILE F 199 -25.46 -8.20 6.81
N ASN F 200 -24.84 -7.03 6.81
CA ASN F 200 -25.00 -6.11 5.72
C ASN F 200 -23.84 -6.25 4.74
N ILE F 201 -24.09 -6.89 3.61
CA ILE F 201 -23.03 -7.24 2.67
C ILE F 201 -22.38 -6.00 2.05
N ASP F 202 -23.13 -4.91 1.97
CA ASP F 202 -22.59 -3.68 1.40
C ASP F 202 -21.52 -3.11 2.25
N LYS F 203 -21.73 -3.20 3.56
CA LYS F 203 -20.72 -2.83 4.51
C LYS F 203 -19.52 -3.75 4.40
N LEU F 204 -19.74 -5.04 4.17
CA LEU F 204 -18.64 -5.95 3.95
C LEU F 204 -17.89 -5.62 2.67
N ARG F 205 -18.61 -5.24 1.63
CA ARG F 205 -18.01 -4.79 0.35
C ARG F 205 -17.06 -3.58 0.54
N GLN F 206 -17.50 -2.55 1.26
CA GLN F 206 -16.63 -1.43 1.61
C GLN F 206 -15.34 -1.85 2.30
N LEU F 207 -15.43 -2.69 3.31
CA LEU F 207 -14.22 -3.16 3.94
C LEU F 207 -13.34 -3.96 3.04
N ASP F 208 -13.92 -4.70 2.10
CA ASP F 208 -13.13 -5.54 1.21
C ASP F 208 -12.36 -4.67 0.25
N ALA F 209 -12.97 -3.59 -0.14
CA ALA F 209 -12.37 -2.72 -1.13
C ALA F 209 -11.26 -1.98 -0.46
N GLU F 210 -11.56 -1.45 0.71
CA GLU F 210 -10.62 -0.58 1.39
C GLU F 210 -9.28 -1.25 1.72
N PHE F 211 -9.33 -2.54 2.01
CA PHE F 211 -8.06 -3.19 2.40
C PHE F 211 -7.53 -4.20 1.38
N CYS F 212 -8.00 -4.11 0.14
CA CYS F 212 -7.92 -5.24 -0.81
C CYS F 212 -8.16 -6.60 -0.12
N GLY F 213 -7.23 -7.54 -0.22
CA GLY F 213 -7.47 -8.80 0.50
C GLY F 213 -7.46 -8.76 2.04
N ARG F 214 -6.76 -7.76 2.60
CA ARG F 214 -6.18 -7.76 3.92
C ARG F 214 -7.17 -8.09 5.03
N ILE F 215 -8.29 -7.38 5.11
CA ILE F 215 -9.28 -7.64 6.16
C ILE F 215 -10.37 -8.60 5.69
N HIS F 216 -10.43 -9.79 6.27
CA HIS F 216 -11.41 -10.78 5.84
C HIS F 216 -12.78 -10.44 6.27
N THR F 217 -13.75 -10.75 5.42
CA THR F 217 -15.13 -10.48 5.73
C THR F 217 -15.96 -11.74 5.69
N ARG F 218 -16.88 -11.86 6.64
CA ARG F 218 -17.76 -13.00 6.68
C ARG F 218 -19.20 -12.60 6.96
N TYR F 219 -20.12 -13.16 6.17
CA TYR F 219 -21.55 -13.01 6.47
C TYR F 219 -21.94 -13.56 7.83
N SER F 220 -22.66 -12.74 8.59
CA SER F 220 -22.91 -13.04 9.98
C SER F 220 -24.13 -13.94 10.30
N SER F 221 -24.19 -15.16 9.81
CA SER F 221 -25.22 -16.07 10.33
C SER F 221 -24.75 -16.54 11.71
N ALA F 222 -25.67 -17.03 12.52
CA ALA F 222 -25.29 -17.60 13.82
C ALA F 222 -24.25 -18.72 13.69
N TYR F 223 -24.34 -19.41 12.57
CA TYR F 223 -23.58 -20.61 12.31
C TYR F 223 -22.13 -20.20 12.02
N GLU F 224 -22.01 -19.14 11.25
CA GLU F 224 -20.76 -18.56 10.84
C GLU F 224 -20.08 -17.84 12.01
N LEU F 225 -20.87 -17.08 12.75
CA LEU F 225 -20.39 -16.38 13.91
C LEU F 225 -19.78 -17.35 14.90
N GLU F 226 -20.50 -18.43 15.24
CA GLU F 226 -19.95 -19.45 16.14
C GLU F 226 -18.60 -20.03 15.71
N GLY F 227 -18.51 -20.44 14.44
CA GLY F 227 -17.28 -20.91 13.88
C GLY F 227 -16.12 -19.93 14.05
N ALA F 228 -16.38 -18.64 13.82
CA ALA F 228 -15.35 -17.59 13.88
C ALA F 228 -14.87 -17.37 15.31
N VAL F 229 -15.83 -17.22 16.22
CA VAL F 229 -15.62 -16.97 17.61
C VAL F 229 -14.80 -18.09 18.26
N LYS F 230 -15.11 -19.33 17.90
CA LYS F 230 -14.44 -20.51 18.48
C LYS F 230 -12.93 -20.49 18.27
N ARG F 231 -12.51 -19.89 17.17
CA ARG F 231 -11.12 -19.92 16.75
C ARG F 231 -10.36 -18.66 17.18
N ALA F 232 -11.08 -17.65 17.70
CA ALA F 232 -10.50 -16.33 17.93
C ALA F 232 -9.62 -16.23 19.19
N ASP F 233 -8.53 -15.48 19.09
CA ASP F 233 -7.76 -15.08 20.27
C ASP F 233 -8.35 -13.84 20.90
N LEU F 234 -8.99 -13.01 20.07
CA LEU F 234 -9.60 -11.76 20.54
C LEU F 234 -10.90 -11.54 19.76
N VAL F 235 -11.95 -11.20 20.48
CA VAL F 235 -13.23 -10.87 19.86
C VAL F 235 -13.60 -9.48 20.34
N ILE F 236 -14.00 -8.64 19.41
CA ILE F 236 -14.45 -7.28 19.73
C ILE F 236 -15.91 -7.14 19.31
N GLY F 237 -16.74 -6.84 20.28
CA GLY F 237 -18.17 -6.65 20.04
C GLY F 237 -18.39 -5.21 19.71
N ALA F 238 -18.83 -4.96 18.48
CA ALA F 238 -18.92 -3.63 17.96
C ALA F 238 -20.28 -3.32 17.37
N VAL F 239 -21.30 -4.08 17.73
CA VAL F 239 -22.62 -3.81 17.20
C VAL F 239 -23.32 -2.79 18.09
N LEU F 240 -23.26 -1.54 17.67
CA LEU F 240 -23.90 -0.45 18.35
C LEU F 240 -25.24 -0.12 17.71
N VAL F 241 -26.32 -0.68 18.27
CA VAL F 241 -27.70 -0.35 17.85
C VAL F 241 -27.97 1.11 18.28
N PRO F 242 -28.17 1.97 17.27
CA PRO F 242 -28.13 3.44 17.40
C PRO F 242 -28.70 4.02 18.72
N GLY F 243 -29.99 3.76 19.01
CA GLY F 243 -30.58 4.18 20.26
C GLY F 243 -31.39 3.10 20.97
N ALA F 244 -31.29 1.85 20.49
CA ALA F 244 -32.02 0.69 21.08
C ALA F 244 -31.23 0.03 22.24
N LYS F 245 -31.22 -1.30 22.30
CA LYS F 245 -30.54 -1.94 23.42
C LYS F 245 -29.38 -2.91 23.10
N ALA F 246 -29.09 -3.13 21.81
CA ALA F 246 -27.95 -3.96 21.38
C ALA F 246 -28.16 -5.48 21.63
N PRO F 247 -28.25 -6.25 20.53
CA PRO F 247 -28.57 -7.68 20.57
C PRO F 247 -27.48 -8.49 21.28
N LYS F 248 -27.84 -9.55 21.97
CA LYS F 248 -26.82 -10.36 22.61
C LYS F 248 -26.38 -11.45 21.64
N LEU F 249 -25.21 -11.26 21.05
CA LEU F 249 -24.81 -12.06 19.92
C LEU F 249 -23.85 -13.21 20.29
N VAL F 250 -23.23 -13.12 21.46
CA VAL F 250 -22.40 -14.20 21.94
C VAL F 250 -22.93 -14.74 23.25
N SER F 251 -23.26 -16.03 23.26
CA SER F 251 -23.84 -16.68 24.40
C SER F 251 -22.76 -17.20 25.38
N ASN F 252 -23.12 -17.35 26.65
CA ASN F 252 -22.22 -17.95 27.61
C ASN F 252 -21.83 -19.37 27.29
N SER F 253 -22.74 -20.13 26.73
CA SER F 253 -22.36 -21.47 26.30
C SER F 253 -21.38 -21.43 25.10
N LEU F 254 -21.56 -20.46 24.19
CA LEU F 254 -20.51 -20.27 23.19
C LEU F 254 -19.18 -19.90 23.84
N VAL F 255 -19.14 -18.93 24.73
CA VAL F 255 -17.84 -18.63 25.34
C VAL F 255 -17.21 -19.86 26.02
N ALA F 256 -18.05 -20.77 26.54
CA ALA F 256 -17.53 -22.00 27.14
C ALA F 256 -16.72 -22.85 26.17
N HIS F 257 -16.90 -22.63 24.87
CA HIS F 257 -16.14 -23.35 23.86
C HIS F 257 -14.94 -22.62 23.28
N MET F 258 -14.67 -21.41 23.78
CA MET F 258 -13.56 -20.63 23.23
C MET F 258 -12.23 -21.11 23.81
N LYS F 259 -11.14 -20.79 23.13
CA LYS F 259 -9.83 -21.17 23.64
C LYS F 259 -9.60 -20.52 25.03
N PRO F 260 -8.95 -21.27 25.93
CA PRO F 260 -8.54 -20.70 27.22
C PRO F 260 -7.72 -19.42 27.01
N GLY F 261 -8.07 -18.35 27.73
CA GLY F 261 -7.26 -17.13 27.72
C GLY F 261 -7.68 -16.11 26.66
N ALA F 262 -8.65 -16.45 25.81
CA ALA F 262 -9.16 -15.56 24.81
C ALA F 262 -9.67 -14.31 25.51
N VAL F 263 -9.60 -13.16 24.85
CA VAL F 263 -10.17 -11.94 25.44
C VAL F 263 -11.30 -11.36 24.60
N LEU F 264 -12.36 -10.90 25.26
CA LEU F 264 -13.52 -10.41 24.59
C LEU F 264 -13.71 -8.96 25.03
N VAL F 265 -13.81 -8.04 24.08
CA VAL F 265 -13.97 -6.63 24.39
C VAL F 265 -15.34 -6.15 23.91
N ASP F 266 -16.15 -5.59 24.83
CA ASP F 266 -17.49 -5.18 24.52
C ASP F 266 -17.57 -3.68 24.45
N ILE F 267 -17.51 -3.13 23.25
CA ILE F 267 -17.61 -1.70 22.99
C ILE F 267 -19.04 -1.28 23.21
N ALA F 268 -19.97 -2.21 23.17
CA ALA F 268 -21.37 -1.86 23.28
C ALA F 268 -21.87 -1.86 24.74
N ILE F 269 -20.94 -1.87 25.69
CA ILE F 269 -21.28 -1.97 27.13
C ILE F 269 -22.17 -0.84 27.70
N ASP F 270 -21.81 0.42 27.47
CA ASP F 270 -22.78 1.53 27.59
C ASP F 270 -23.92 1.07 26.71
N GLN F 271 -25.18 1.32 27.06
CA GLN F 271 -26.25 0.76 26.18
C GLN F 271 -26.40 -0.78 26.17
N GLY F 272 -25.92 -1.50 27.18
CA GLY F 272 -26.35 -2.90 27.34
C GLY F 272 -25.35 -4.02 27.11
N GLY F 273 -24.39 -3.82 26.22
CA GLY F 273 -23.42 -4.87 25.90
C GLY F 273 -23.98 -5.80 24.84
N CYS F 274 -23.13 -6.55 24.16
CA CYS F 274 -23.62 -7.43 23.13
C CYS F 274 -23.15 -8.84 23.32
N PHE F 275 -22.44 -9.09 24.41
CA PHE F 275 -22.22 -10.46 24.85
C PHE F 275 -23.20 -10.75 25.99
N GLU F 276 -23.64 -12.01 26.10
CA GLU F 276 -24.50 -12.41 27.20
C GLU F 276 -23.83 -12.19 28.59
N GLY F 277 -22.59 -12.61 28.76
CA GLY F 277 -21.90 -12.44 30.03
C GLY F 277 -21.45 -11.00 30.38
N SER F 278 -21.79 -10.02 29.55
CA SER F 278 -21.28 -8.66 29.74
C SER F 278 -21.90 -7.92 30.89
N ARG F 279 -21.15 -6.97 31.42
CA ARG F 279 -21.33 -6.48 32.76
C ARG F 279 -20.37 -5.26 32.88
N PRO F 280 -20.88 -4.03 33.15
CA PRO F 280 -19.98 -2.86 33.17
C PRO F 280 -18.88 -2.98 34.21
N THR F 281 -17.64 -2.69 33.83
CA THR F 281 -16.50 -2.68 34.76
C THR F 281 -15.87 -1.29 34.89
N THR F 282 -14.80 -1.19 35.68
CA THR F 282 -14.19 0.11 36.00
C THR F 282 -12.74 0.08 35.56
N TYR F 283 -12.13 1.26 35.42
CA TYR F 283 -10.73 1.36 35.04
C TYR F 283 -9.74 0.63 35.91
N ASP F 284 -9.95 0.63 37.22
CA ASP F 284 -9.02 -0.12 38.08
C ASP F 284 -9.32 -1.59 38.17
N HIS F 285 -10.56 -2.01 37.92
CA HIS F 285 -10.84 -3.45 37.77
C HIS F 285 -11.52 -3.75 36.43
N PRO F 286 -10.73 -3.71 35.36
CA PRO F 286 -11.27 -3.64 34.01
C PRO F 286 -11.82 -4.97 33.45
N THR F 287 -11.21 -6.08 33.86
CA THR F 287 -11.56 -7.39 33.33
C THR F 287 -12.14 -8.33 34.38
N PHE F 288 -12.75 -9.42 33.92
CA PHE F 288 -13.26 -10.50 34.78
C PHE F 288 -13.38 -11.81 34.00
N ALA F 289 -13.19 -12.94 34.66
CA ALA F 289 -13.36 -14.25 34.01
C ALA F 289 -14.81 -14.69 33.71
N VAL F 290 -15.01 -15.29 32.52
CA VAL F 290 -16.20 -16.06 32.21
C VAL F 290 -15.65 -17.33 31.54
N HIS F 291 -15.86 -18.49 32.18
CA HIS F 291 -15.30 -19.80 31.77
C HIS F 291 -13.93 -19.74 31.16
N ASP F 292 -12.87 -19.35 31.85
CA ASP F 292 -11.54 -19.40 31.15
C ASP F 292 -11.27 -18.34 30.11
N THR F 293 -12.23 -17.48 29.82
CA THR F 293 -11.93 -16.33 29.00
C THR F 293 -11.96 -15.08 29.83
N LEU F 294 -11.42 -14.01 29.27
CA LEU F 294 -11.36 -12.71 29.92
C LEU F 294 -12.29 -11.76 29.20
N PHE F 295 -13.22 -11.15 29.93
CA PHE F 295 -14.07 -10.11 29.40
C PHE F 295 -13.49 -8.78 29.79
N TYR F 296 -13.54 -7.81 28.89
CA TYR F 296 -13.14 -6.45 29.13
C TYR F 296 -14.35 -5.59 28.79
N CYS F 297 -14.92 -4.92 29.80
CA CYS F 297 -16.19 -4.20 29.63
C CYS F 297 -16.23 -2.85 30.31
N VAL F 298 -15.14 -2.10 30.22
CA VAL F 298 -15.09 -0.78 30.84
C VAL F 298 -16.14 0.18 30.23
N ALA F 299 -16.97 0.73 31.10
CA ALA F 299 -17.95 1.75 30.73
C ALA F 299 -17.24 3.04 30.38
N ASN F 300 -17.83 3.80 29.46
CA ASN F 300 -17.38 5.15 29.21
C ASN F 300 -15.93 5.17 28.74
N MET F 301 -15.56 4.22 27.89
CA MET F 301 -14.20 4.12 27.34
C MET F 301 -13.56 5.36 26.66
N PRO F 302 -14.33 6.12 25.88
CA PRO F 302 -13.76 7.32 25.26
C PRO F 302 -13.09 8.28 26.24
N ALA F 303 -13.47 8.20 27.53
CA ALA F 303 -12.95 9.11 28.55
C ALA F 303 -11.50 8.85 28.91
N SER F 304 -10.98 7.69 28.51
CA SER F 304 -9.62 7.34 28.88
C SER F 304 -8.53 7.93 27.98
N VAL F 305 -8.93 8.50 26.84
CA VAL F 305 -8.06 9.26 25.98
C VAL F 305 -8.62 10.67 25.75
N PRO F 306 -8.73 11.46 26.84
CA PRO F 306 -9.42 12.73 26.84
C PRO F 306 -8.79 13.80 25.99
N LYS F 307 -7.48 13.75 25.79
CA LYS F 307 -6.91 14.73 24.86
C LYS F 307 -7.46 14.56 23.45
N THR F 308 -7.58 13.31 23.01
CA THR F 308 -8.15 12.93 21.74
C THR F 308 -9.67 13.12 21.72
N SER F 309 -10.34 12.54 22.71
CA SER F 309 -11.80 12.53 22.63
C SER F 309 -12.50 13.86 22.93
N THR F 310 -11.92 14.71 23.79
CA THR F 310 -12.38 16.11 23.92
C THR F 310 -12.43 16.79 22.56
N TYR F 311 -11.35 16.70 21.79
CA TYR F 311 -11.30 17.37 20.48
C TYR F 311 -12.27 16.75 19.50
N ALA F 312 -12.37 15.42 19.52
CA ALA F 312 -13.21 14.73 18.56
C ALA F 312 -14.65 15.13 18.82
N LEU F 313 -15.02 15.13 20.08
CA LEU F 313 -16.35 15.55 20.43
C LEU F 313 -16.64 17.03 20.18
N THR F 314 -15.77 17.90 20.64
CA THR F 314 -16.05 19.33 20.52
C THR F 314 -15.94 19.87 19.08
N ASN F 315 -15.13 19.22 18.26
CA ASN F 315 -15.20 19.49 16.83
C ASN F 315 -16.56 19.23 16.23
N ALA F 316 -17.17 18.12 16.65
CA ALA F 316 -18.46 17.76 16.13
C ALA F 316 -19.57 18.65 16.71
N THR F 317 -19.48 19.00 17.99
CA THR F 317 -20.51 19.88 18.58
C THR F 317 -20.42 21.34 18.16
N MET F 318 -19.27 21.80 17.70
CA MET F 318 -19.04 23.25 17.55
C MET F 318 -20.06 23.97 16.68
N PRO F 319 -20.34 23.47 15.46
CA PRO F 319 -21.32 24.23 14.66
C PRO F 319 -22.69 24.36 15.35
N TYR F 320 -23.05 23.38 16.17
CA TYR F 320 -24.30 23.43 16.88
C TYR F 320 -24.28 24.44 18.05
N VAL F 321 -23.16 24.45 18.77
CA VAL F 321 -22.88 25.41 19.78
C VAL F 321 -22.94 26.83 19.23
N LEU F 322 -22.35 27.10 18.07
CA LEU F 322 -22.39 28.45 17.51
C LEU F 322 -23.81 28.86 17.12
N GLU F 323 -24.58 27.94 16.55
CA GLU F 323 -25.95 28.27 16.19
C GLU F 323 -26.79 28.60 17.39
N LEU F 324 -26.67 27.81 18.46
CA LEU F 324 -27.37 28.12 19.71
C LEU F 324 -26.98 29.48 20.30
N ALA F 325 -25.67 29.73 20.41
CA ALA F 325 -25.17 30.95 21.02
C ALA F 325 -25.66 32.18 20.28
N ASP F 326 -25.64 32.12 18.96
CA ASP F 326 -26.02 33.22 18.11
C ASP F 326 -27.51 33.48 18.02
N HIS F 327 -28.33 32.42 18.13
CA HIS F 327 -29.74 32.54 17.80
C HIS F 327 -30.70 32.22 18.95
N GLY F 328 -30.18 31.71 20.07
CA GLY F 328 -31.03 31.11 21.10
C GLY F 328 -31.65 29.79 20.64
N TRP F 329 -32.20 29.04 21.57
CA TRP F 329 -32.65 27.67 21.27
C TRP F 329 -33.78 27.52 20.25
N ARG F 330 -34.93 28.15 20.48
CA ARG F 330 -35.95 28.22 19.43
C ARG F 330 -35.35 29.14 18.40
N ALA F 331 -35.53 28.82 17.12
CA ALA F 331 -34.88 29.56 16.03
C ALA F 331 -33.68 28.78 15.55
N ALA F 332 -32.72 28.53 16.44
CA ALA F 332 -31.70 27.52 16.16
C ALA F 332 -32.42 26.20 15.83
N CYS F 333 -33.31 25.76 16.71
CA CYS F 333 -34.13 24.59 16.45
C CYS F 333 -35.06 24.68 15.27
N ARG F 334 -35.59 25.86 14.97
CA ARG F 334 -36.49 25.98 13.82
C ARG F 334 -35.68 25.98 12.54
N SER F 335 -34.49 26.58 12.57
CA SER F 335 -33.61 26.60 11.40
C SER F 335 -32.96 25.26 11.12
N ASN F 336 -32.84 24.45 12.17
CA ASN F 336 -31.99 23.28 12.11
C ASN F 336 -32.66 22.04 12.70
N PRO F 337 -33.30 21.22 11.84
CA PRO F 337 -34.06 20.05 12.31
C PRO F 337 -33.22 18.99 13.00
N ALA F 338 -31.93 18.86 12.63
CA ALA F 338 -31.01 17.96 13.34
C ALA F 338 -30.91 18.33 14.83
N LEU F 339 -30.75 19.63 15.11
CA LEU F 339 -30.81 20.15 16.47
C LEU F 339 -32.14 19.88 17.15
N ALA F 340 -33.24 20.11 16.43
CA ALA F 340 -34.59 19.89 16.97
C ALA F 340 -34.79 18.46 17.46
N LYS F 341 -34.27 17.47 16.73
CA LYS F 341 -34.23 16.07 17.18
C LYS F 341 -33.63 15.90 18.58
N GLY F 342 -32.78 16.84 18.98
CA GLY F 342 -32.12 16.73 20.26
C GLY F 342 -32.93 17.24 21.44
N LEU F 343 -33.91 18.09 21.15
CA LEU F 343 -34.75 18.72 22.17
C LEU F 343 -35.35 17.74 23.12
N SER F 344 -35.15 17.94 24.40
CA SER F 344 -35.53 16.92 25.35
C SER F 344 -36.40 17.48 26.45
N THR F 345 -36.19 18.73 26.81
CA THR F 345 -36.87 19.29 27.95
C THR F 345 -37.03 20.76 27.75
N HIS F 346 -38.16 21.31 28.22
CA HIS F 346 -38.37 22.75 28.31
C HIS F 346 -39.51 23.10 29.26
N GLU F 347 -39.20 23.92 30.26
CA GLU F 347 -40.21 24.41 31.20
C GLU F 347 -41.12 23.28 31.68
N GLY F 348 -40.54 22.22 32.24
CA GLY F 348 -41.34 21.11 32.77
C GLY F 348 -41.89 20.10 31.77
N ALA F 349 -41.87 20.44 30.48
CA ALA F 349 -42.36 19.51 29.44
C ALA F 349 -41.28 18.52 28.96
N LEU F 350 -41.67 17.27 28.77
CA LEU F 350 -40.76 16.25 28.22
C LEU F 350 -41.00 16.11 26.72
N LEU F 351 -39.97 16.33 25.90
CA LEU F 351 -40.21 16.48 24.46
C LEU F 351 -39.74 15.31 23.60
N SER F 352 -39.31 14.22 24.25
CA SER F 352 -38.78 13.04 23.57
C SER F 352 -39.74 11.84 23.66
N GLU F 353 -40.19 11.38 22.49
CA GLU F 353 -41.09 10.22 22.38
C GLU F 353 -40.52 8.93 22.99
N ARG F 354 -39.35 8.51 22.50
CA ARG F 354 -38.70 7.28 22.95
C ARG F 354 -38.56 7.27 24.47
N VAL F 355 -38.26 8.42 25.06
CA VAL F 355 -38.03 8.58 26.51
C VAL F 355 -39.34 8.57 27.31
N ALA F 356 -40.32 9.38 26.88
CA ALA F 356 -41.65 9.42 27.52
C ALA F 356 -42.29 8.02 27.58
N THR F 357 -42.49 7.39 26.40
CA THR F 357 -43.14 6.07 26.28
C THR F 357 -42.24 4.89 26.71
N ASP F 358 -41.14 5.19 27.41
CA ASP F 358 -40.08 4.25 27.84
C ASP F 358 -39.84 4.43 29.35
N LEU F 359 -40.06 5.66 29.82
CA LEU F 359 -39.70 6.08 31.17
C LEU F 359 -40.98 6.18 31.97
N GLY F 360 -41.80 5.14 31.89
CA GLY F 360 -43.14 5.24 32.45
C GLY F 360 -43.79 6.45 31.80
N VAL F 361 -44.41 7.30 32.62
CA VAL F 361 -45.43 8.21 32.11
C VAL F 361 -44.99 9.45 31.28
N PRO F 362 -44.48 10.47 31.96
CA PRO F 362 -44.80 11.87 31.71
C PRO F 362 -45.73 12.17 30.50
N PHE F 363 -45.34 11.75 29.29
CA PHE F 363 -46.05 12.06 28.02
C PHE F 363 -45.37 13.17 27.19
N THR F 364 -45.32 12.95 25.88
CA THR F 364 -44.65 13.86 24.94
C THR F 364 -45.31 15.23 24.87
N GLU F 365 -44.64 16.14 24.16
CA GLU F 365 -45.26 17.31 23.58
C GLU F 365 -44.48 17.66 22.32
N PRO F 366 -44.98 17.24 21.13
CA PRO F 366 -44.01 17.02 20.02
C PRO F 366 -42.88 18.08 19.90
N ALA F 367 -43.25 19.35 19.86
CA ALA F 367 -42.41 20.41 19.32
C ALA F 367 -43.43 21.32 18.64
N SER F 368 -43.84 22.31 19.40
CA SER F 368 -45.10 23.01 19.27
C SER F 368 -44.88 23.97 20.40
N VAL F 369 -43.95 23.55 21.28
CA VAL F 369 -43.13 24.44 22.12
C VAL F 369 -42.34 25.43 21.22
N LEU F 370 -42.32 25.19 19.91
CA LEU F 370 -41.76 26.14 18.93
C LEU F 370 -42.86 26.98 18.23
N ALA F 371 -43.73 27.61 19.04
CA ALA F 371 -44.94 28.37 18.61
C ALA F 371 -44.84 29.12 17.26
#